data_3MBC
#
_entry.id   3MBC
#
_cell.length_a   128.840
_cell.length_b   52.730
_cell.length_c   236.370
_cell.angle_alpha   90.00
_cell.angle_beta   103.41
_cell.angle_gamma   90.00
#
_symmetry.space_group_name_H-M   'C 1 2 1'
#
loop_
_entity.id
_entity.type
_entity.pdbx_description
1 polymer 'Isocitrate dehydrogenase [NADP]'
2 non-polymer 'MAGNESIUM ION'
3 non-polymer 'NADP NICOTINAMIDE-ADENINE-DINUCLEOTIDE PHOSPHATE'
4 water water
#
_entity_poly.entity_id   1
_entity_poly.type   'polypeptide(L)'
_entity_poly.pdbx_seq_one_letter_code
;MAKIIWTRTDEAPLLATYSLKPVVEAFAATAGIEVETRDISLAGRILAQFPERLTEDQKVGNALAELGELAKTPEANIIK
LPNISASVPQLKAAIKELQDQGYDIPELPDNATTDEEKDILARYNAVKGSAVNPVLREGNSDRRAPIAVKNFVKKFPHRM
GEWSADSKTNVATMDANDFRHNEKSIILDAADEVQIKHIAADGTETILKDSLKLLEGEVLDGTVLSAKALDAFLLEQVAR
AKAEGILFSAHLKATMMKVSDPIIFGHVVRAYFADVFAQYGEQLLAAGLNGENGLAAILSGLESLDNGEEIKAAFEKGLE
DGPDLAMVNSARGITNLHVPSDVIVDASMPAMIRTSGHMWNKDDQEQDTLAIIPDSSYAGVYQTVIEDCRKNGAFDPTTM
GTVPNVGLMAQKAEEYGSHDKTFRIEADGVVQVVSSNGDVLIEHDVEANDIWRACQVKDAPIQDWVKLAVTRSRLSGMPA
VFWLDPERAHDRNLASLVEKYLADHDTEGLDIQILSPVEATQLSIDRIRRGEDTISVTGNVLRDYNTDLFPILELGTSAK
MLSVVPLMAGGGLFETGAGGSAPKHVQQVQEENHLRWDSLGEFLALAESFRHELNNNGNTKAGVLADALDKATEKLLNEE
KSPSRKVGEIDNRGSHFWLTKFWADELAAQTEDADLAATFAPVAEALNTGAADIDAALLAVQGGATDLGGYYSPNEEKLT
NIMRPVAQFNEIVDALKK
;
_entity_poly.pdbx_strand_id   A,B
#
loop_
_chem_comp.id
_chem_comp.type
_chem_comp.name
_chem_comp.formula
MG non-polymer 'MAGNESIUM ION' 'Mg 2'
NAP non-polymer 'NADP NICOTINAMIDE-ADENINE-DINUCLEOTIDE PHOSPHATE' 'C21 H28 N7 O17 P3'
#
# COMPACT_ATOMS: atom_id res chain seq x y z
N ALA A 2 49.56 -28.11 -3.23
CA ALA A 2 48.38 -27.38 -2.72
C ALA A 2 48.20 -26.03 -3.41
N LYS A 3 46.99 -25.50 -3.34
CA LYS A 3 46.60 -24.29 -4.03
C LYS A 3 45.84 -23.36 -3.11
N ILE A 4 46.19 -22.07 -3.20
CA ILE A 4 45.48 -20.97 -2.54
C ILE A 4 44.69 -20.21 -3.61
N ILE A 5 43.39 -20.09 -3.37
CA ILE A 5 42.54 -19.36 -4.25
C ILE A 5 42.43 -17.93 -3.70
N TRP A 6 42.84 -16.95 -4.51
CA TRP A 6 42.72 -15.55 -4.16
C TRP A 6 41.47 -15.00 -4.84
N THR A 7 40.45 -14.60 -4.11
CA THR A 7 39.24 -14.08 -4.79
C THR A 7 39.43 -12.74 -5.57
N ARG A 8 39.06 -12.73 -6.83
CA ARG A 8 38.98 -11.52 -7.65
C ARG A 8 37.60 -10.96 -7.44
N THR A 9 37.53 -9.78 -6.82
CA THR A 9 36.25 -9.19 -6.43
C THR A 9 35.96 -7.91 -7.24
N ASP A 10 35.74 -6.77 -6.56
CA ASP A 10 35.20 -5.55 -7.13
C ASP A 10 35.96 -4.30 -6.65
N GLU A 11 35.89 -3.24 -7.43
CA GLU A 11 36.17 -1.88 -6.96
C GLU A 11 37.57 -1.87 -6.30
N ALA A 12 37.70 -1.38 -5.09
CA ALA A 12 39.08 -1.16 -4.54
C ALA A 12 39.98 -2.39 -4.35
N PRO A 13 39.46 -3.45 -3.68
CA PRO A 13 40.18 -4.70 -3.55
C PRO A 13 40.55 -5.32 -4.86
N LEU A 14 39.68 -5.21 -5.88
CA LEU A 14 40.02 -5.63 -7.22
C LEU A 14 41.29 -4.98 -7.69
N LEU A 15 41.37 -3.65 -7.62
CA LEU A 15 42.56 -2.96 -8.08
C LEU A 15 43.80 -3.38 -7.29
N ALA A 16 43.67 -3.49 -5.98
CA ALA A 16 44.81 -3.92 -5.10
C ALA A 16 45.35 -5.31 -5.49
N THR A 17 44.41 -6.17 -5.84
CA THR A 17 44.71 -7.54 -6.29
C THR A 17 45.58 -7.58 -7.54
N TYR A 18 45.40 -6.67 -8.50
CA TYR A 18 46.29 -6.63 -9.67
C TYR A 18 47.75 -6.33 -9.34
N SER A 19 48.00 -5.71 -8.19
CA SER A 19 49.34 -5.38 -7.70
C SER A 19 49.84 -6.47 -6.79
N LEU A 20 49.00 -6.91 -5.87
CA LEU A 20 49.48 -7.79 -4.79
C LEU A 20 49.54 -9.29 -5.16
N LYS A 21 48.53 -9.81 -5.85
CA LYS A 21 48.47 -11.25 -6.18
C LYS A 21 49.72 -11.77 -6.93
N PRO A 22 50.26 -11.03 -7.92
CA PRO A 22 51.45 -11.60 -8.59
C PRO A 22 52.63 -11.78 -7.61
N VAL A 23 52.72 -10.91 -6.59
CA VAL A 23 53.81 -11.02 -5.58
C VAL A 23 53.57 -12.26 -4.72
N VAL A 24 52.33 -12.41 -4.27
CA VAL A 24 51.94 -13.53 -3.43
C VAL A 24 52.21 -14.86 -4.17
N GLU A 25 51.90 -14.87 -5.45
CA GLU A 25 52.10 -16.05 -6.31
C GLU A 25 53.56 -16.43 -6.44
N ALA A 26 54.41 -15.42 -6.65
CA ALA A 26 55.84 -15.64 -6.71
C ALA A 26 56.48 -16.18 -5.41
N PHE A 27 56.10 -15.60 -4.24
CA PHE A 27 56.64 -15.98 -2.96
C PHE A 27 56.13 -17.41 -2.54
N ALA A 28 54.85 -17.66 -2.78
CA ALA A 28 54.14 -18.91 -2.46
C ALA A 28 54.74 -20.14 -3.13
N ALA A 29 55.13 -19.95 -4.38
CA ALA A 29 55.69 -21.00 -5.23
C ALA A 29 56.98 -21.55 -4.64
N THR A 30 57.67 -20.72 -3.84
CA THR A 30 58.87 -21.22 -3.15
C THR A 30 58.60 -22.29 -2.09
N ALA A 31 57.36 -22.35 -1.61
CA ALA A 31 56.89 -23.43 -0.69
C ALA A 31 56.08 -24.50 -1.41
N GLY A 32 56.09 -24.45 -2.74
CA GLY A 32 55.43 -25.45 -3.55
C GLY A 32 53.94 -25.19 -3.53
N ILE A 33 53.53 -23.95 -3.29
CA ILE A 33 52.11 -23.61 -3.27
C ILE A 33 51.70 -22.77 -4.50
N GLU A 34 50.65 -23.20 -5.22
CA GLU A 34 50.11 -22.44 -6.37
C GLU A 34 49.08 -21.42 -5.87
N VAL A 35 49.09 -20.20 -6.41
CA VAL A 35 48.10 -19.16 -6.12
C VAL A 35 47.40 -18.81 -7.44
N GLU A 36 46.07 -18.95 -7.44
CA GLU A 36 45.23 -18.65 -8.60
C GLU A 36 44.06 -17.78 -8.16
N THR A 37 43.57 -16.92 -9.06
CA THR A 37 42.36 -16.14 -8.78
C THR A 37 41.12 -16.92 -9.28
N ARG A 38 40.00 -16.71 -8.62
CA ARG A 38 38.69 -17.02 -9.13
C ARG A 38 37.78 -15.79 -9.10
N ASP A 39 37.00 -15.63 -10.17
CA ASP A 39 36.27 -14.39 -10.40
C ASP A 39 34.87 -14.38 -9.76
N ILE A 40 34.75 -13.80 -8.57
CA ILE A 40 33.45 -13.61 -7.94
C ILE A 40 32.98 -12.14 -7.92
N SER A 41 33.48 -11.36 -8.88
CA SER A 41 33.02 -10.01 -9.09
C SER A 41 31.53 -9.99 -9.42
N LEU A 42 30.91 -8.85 -9.23
CA LEU A 42 29.48 -8.73 -9.54
C LEU A 42 29.26 -9.03 -11.03
N ALA A 43 30.07 -8.40 -11.88
CA ALA A 43 29.98 -8.58 -13.31
C ALA A 43 30.19 -10.06 -13.68
N GLY A 44 31.17 -10.70 -13.03
CA GLY A 44 31.48 -12.10 -13.36
C GLY A 44 30.34 -13.03 -12.95
N ARG A 45 29.70 -12.71 -11.83
CA ARG A 45 28.64 -13.56 -11.29
C ARG A 45 27.37 -13.40 -12.15
N ILE A 46 27.22 -12.22 -12.73
CA ILE A 46 26.09 -11.94 -13.66
C ILE A 46 26.30 -12.79 -14.90
N LEU A 47 27.50 -12.73 -15.51
CA LEU A 47 27.81 -13.54 -16.69
C LEU A 47 27.66 -15.05 -16.45
N ALA A 48 28.07 -15.51 -15.27
CA ALA A 48 27.91 -16.93 -14.88
C ALA A 48 26.47 -17.38 -14.85
N GLN A 49 25.57 -16.43 -14.57
CA GLN A 49 24.15 -16.73 -14.43
C GLN A 49 23.43 -16.83 -15.78
N PHE A 50 23.99 -16.21 -16.81
CA PHE A 50 23.35 -16.23 -18.12
C PHE A 50 24.29 -16.66 -19.27
N PRO A 51 24.91 -17.83 -19.15
CA PRO A 51 25.81 -18.32 -20.19
C PRO A 51 25.12 -18.55 -21.55
N GLU A 52 23.84 -18.92 -21.54
CA GLU A 52 23.11 -19.24 -22.78
C GLU A 52 23.10 -18.12 -23.85
N ARG A 53 23.25 -16.89 -23.41
CA ARG A 53 23.27 -15.71 -24.26
C ARG A 53 24.68 -15.38 -24.80
N LEU A 54 25.71 -16.07 -24.31
CA LEU A 54 27.06 -15.63 -24.60
C LEU A 54 27.75 -16.53 -25.63
N THR A 55 28.70 -15.96 -26.37
CA THR A 55 29.55 -16.78 -27.23
C THR A 55 30.56 -17.49 -26.32
N GLU A 56 31.24 -18.52 -26.83
CA GLU A 56 32.10 -19.34 -25.98
C GLU A 56 33.23 -18.55 -25.35
N ASP A 57 33.76 -17.59 -26.10
CA ASP A 57 34.84 -16.75 -25.62
C ASP A 57 34.41 -15.81 -24.49
N GLN A 58 33.11 -15.50 -24.40
CA GLN A 58 32.58 -14.59 -23.36
C GLN A 58 32.33 -15.24 -22.03
N LYS A 59 32.24 -16.56 -22.04
CA LYS A 59 31.76 -17.31 -20.88
C LYS A 59 32.78 -17.29 -19.74
N VAL A 60 32.28 -17.23 -18.49
CA VAL A 60 33.11 -17.11 -17.27
C VAL A 60 33.25 -18.45 -16.46
N GLY A 61 32.35 -19.41 -16.64
CA GLY A 61 32.28 -20.56 -15.71
C GLY A 61 31.76 -20.10 -14.36
N ASN A 62 31.12 -21.00 -13.61
CA ASN A 62 30.39 -20.56 -12.41
C ASN A 62 31.31 -20.65 -11.20
N ALA A 63 32.03 -19.57 -10.96
CA ALA A 63 33.10 -19.56 -9.97
C ALA A 63 32.58 -19.63 -8.54
N LEU A 64 31.43 -19.02 -8.28
CA LEU A 64 30.88 -19.09 -6.93
C LEU A 64 30.47 -20.53 -6.58
N ALA A 65 29.80 -21.21 -7.52
CA ALA A 65 29.37 -22.57 -7.32
C ALA A 65 30.55 -23.51 -7.17
N GLU A 66 31.57 -23.32 -8.00
CA GLU A 66 32.78 -24.14 -7.89
C GLU A 66 33.52 -23.93 -6.55
N LEU A 67 33.53 -22.69 -6.05
CA LEU A 67 34.17 -22.39 -4.77
C LEU A 67 33.39 -23.00 -3.60
N GLY A 68 32.06 -23.02 -3.72
CA GLY A 68 31.16 -23.70 -2.79
C GLY A 68 31.44 -25.19 -2.71
N GLU A 69 31.63 -25.83 -3.87
CA GLU A 69 32.02 -27.24 -3.92
C GLU A 69 33.40 -27.44 -3.28
N LEU A 70 34.38 -26.62 -3.69
CA LEU A 70 35.74 -26.61 -3.13
C LEU A 70 35.73 -26.59 -1.60
N ALA A 71 34.94 -25.68 -1.05
CA ALA A 71 34.79 -25.52 0.41
C ALA A 71 34.35 -26.76 1.18
N LYS A 72 33.68 -27.69 0.50
CA LYS A 72 33.32 -28.97 1.07
C LYS A 72 34.39 -30.07 0.92
N THR A 73 35.63 -29.69 0.61
CA THR A 73 36.71 -30.65 0.47
C THR A 73 37.91 -30.17 1.29
N PRO A 74 38.78 -31.11 1.73
CA PRO A 74 39.98 -30.76 2.51
C PRO A 74 40.98 -29.89 1.72
N GLU A 75 40.77 -29.80 0.41
CA GLU A 75 41.64 -29.04 -0.44
C GLU A 75 41.53 -27.53 -0.33
N ALA A 76 40.45 -27.02 0.24
CA ALA A 76 40.09 -25.61 0.17
C ALA A 76 41.02 -24.75 0.97
N ASN A 77 41.55 -23.74 0.32
CA ASN A 77 42.30 -22.69 1.00
C ASN A 77 42.02 -21.41 0.25
N ILE A 78 41.09 -20.60 0.81
CA ILE A 78 40.49 -19.50 0.08
C ILE A 78 40.71 -18.23 0.86
N ILE A 79 41.35 -17.28 0.19
CA ILE A 79 41.52 -15.91 0.69
C ILE A 79 40.47 -15.03 0.01
N LYS A 80 39.55 -14.60 0.84
CA LYS A 80 38.36 -13.86 0.48
C LYS A 80 38.45 -12.37 0.87
N LEU A 81 38.36 -11.54 -0.15
CA LEU A 81 38.46 -10.11 -0.02
C LEU A 81 37.07 -9.54 -0.13
N PRO A 82 36.87 -8.27 0.31
CA PRO A 82 35.53 -7.65 0.29
C PRO A 82 35.00 -7.58 -1.12
N ASN A 83 33.69 -7.62 -1.24
CA ASN A 83 33.07 -7.68 -2.55
C ASN A 83 31.73 -7.00 -2.46
N ILE A 84 31.10 -6.76 -3.59
CA ILE A 84 29.83 -6.05 -3.62
C ILE A 84 28.69 -6.97 -3.31
N SER A 85 27.83 -6.54 -2.40
CA SER A 85 26.51 -7.12 -2.22
C SER A 85 25.56 -6.12 -2.88
N ALA A 86 25.15 -6.45 -4.09
CA ALA A 86 24.53 -5.52 -5.02
C ALA A 86 23.16 -5.05 -4.57
N SER A 87 23.02 -3.73 -4.57
CA SER A 87 21.71 -3.09 -4.57
C SER A 87 21.13 -3.16 -6.01
N VAL A 88 19.85 -2.87 -6.14
CA VAL A 88 19.27 -2.88 -7.48
C VAL A 88 19.96 -1.86 -8.41
N PRO A 89 20.26 -0.65 -7.90
CA PRO A 89 21.00 0.28 -8.75
C PRO A 89 22.36 -0.23 -9.23
N GLN A 90 23.12 -0.87 -8.37
CA GLN A 90 24.42 -1.37 -8.78
C GLN A 90 24.24 -2.48 -9.84
N LEU A 91 23.24 -3.30 -9.61
CA LEU A 91 22.91 -4.39 -10.51
C LEU A 91 22.54 -3.83 -11.88
N LYS A 92 21.69 -2.81 -11.94
CA LYS A 92 21.31 -2.22 -13.22
C LYS A 92 22.51 -1.58 -13.93
N ALA A 93 23.39 -0.97 -13.14
CA ALA A 93 24.57 -0.30 -13.70
C ALA A 93 25.54 -1.33 -14.33
N ALA A 94 25.69 -2.47 -13.66
CA ALA A 94 26.58 -3.55 -14.08
C ALA A 94 26.04 -4.20 -15.35
N ILE A 95 24.73 -4.44 -15.38
CA ILE A 95 24.06 -4.99 -16.55
C ILE A 95 24.29 -4.12 -17.77
N LYS A 96 24.11 -2.81 -17.61
CA LYS A 96 24.25 -1.89 -18.71
C LYS A 96 25.67 -1.83 -19.20
N GLU A 97 26.61 -1.82 -18.26
CA GLU A 97 28.01 -1.76 -18.62
C GLU A 97 28.38 -2.99 -19.47
N LEU A 98 27.90 -4.16 -19.07
CA LEU A 98 28.21 -5.41 -19.78
C LEU A 98 27.57 -5.46 -21.17
N GLN A 99 26.33 -5.01 -21.25
CA GLN A 99 25.68 -4.87 -22.56
C GLN A 99 26.48 -3.94 -23.47
N ASP A 100 26.99 -2.83 -22.93
CA ASP A 100 27.77 -1.88 -23.73
C ASP A 100 29.03 -2.54 -24.28
N GLN A 101 29.57 -3.49 -23.52
CA GLN A 101 30.78 -4.20 -23.91
C GLN A 101 30.50 -5.41 -24.80
N GLY A 102 29.25 -5.62 -25.20
CA GLY A 102 28.92 -6.69 -26.16
C GLY A 102 28.38 -8.00 -25.58
N TYR A 103 28.14 -8.06 -24.27
CA TYR A 103 27.59 -9.26 -23.66
C TYR A 103 26.07 -9.16 -23.72
N ASP A 104 25.42 -10.07 -24.45
CA ASP A 104 24.00 -9.92 -24.74
C ASP A 104 23.10 -10.45 -23.64
N ILE A 105 23.21 -9.88 -22.46
CA ILE A 105 22.47 -10.33 -21.29
C ILE A 105 21.18 -9.54 -21.19
N PRO A 106 20.17 -10.10 -20.51
CA PRO A 106 18.87 -9.44 -20.51
C PRO A 106 18.77 -8.28 -19.53
N GLU A 107 17.76 -7.44 -19.75
CA GLU A 107 17.37 -6.41 -18.80
C GLU A 107 16.79 -7.04 -17.54
N LEU A 108 17.05 -6.43 -16.38
CA LEU A 108 16.35 -6.76 -15.14
C LEU A 108 14.87 -6.41 -15.35
N PRO A 109 14.01 -7.42 -15.39
CA PRO A 109 12.60 -7.11 -15.58
C PRO A 109 12.08 -6.24 -14.44
N ASP A 110 11.31 -5.22 -14.77
CA ASP A 110 10.73 -4.35 -13.75
C ASP A 110 9.27 -4.71 -13.49
N ASN A 111 8.71 -5.63 -14.28
CA ASN A 111 7.40 -6.19 -14.01
C ASN A 111 7.17 -7.49 -14.78
N ALA A 112 7.77 -8.58 -14.29
CA ALA A 112 7.72 -9.87 -14.97
C ALA A 112 6.30 -10.38 -15.12
N THR A 113 5.90 -10.64 -16.35
CA THR A 113 4.60 -11.27 -16.62
C THR A 113 4.77 -12.63 -17.32
N THR A 114 5.60 -12.73 -18.35
CA THR A 114 5.86 -14.03 -19.01
C THR A 114 6.72 -14.93 -18.14
N ASP A 115 6.69 -16.22 -18.46
CA ASP A 115 7.49 -17.22 -17.74
C ASP A 115 8.97 -16.96 -17.92
N GLU A 116 9.37 -16.51 -19.11
CA GLU A 116 10.79 -16.17 -19.32
C GLU A 116 11.23 -14.99 -18.44
N GLU A 117 10.37 -13.98 -18.32
CA GLU A 117 10.67 -12.80 -17.49
C GLU A 117 10.75 -13.19 -16.02
N LYS A 118 9.82 -14.03 -15.58
CA LYS A 118 9.83 -14.54 -14.22
C LYS A 118 11.13 -15.27 -13.90
N ASP A 119 11.61 -16.08 -14.86
CA ASP A 119 12.85 -16.83 -14.70
C ASP A 119 14.07 -15.91 -14.64
N ILE A 120 14.13 -14.93 -15.54
CA ILE A 120 15.22 -13.95 -15.54
C ILE A 120 15.31 -13.14 -14.24
N LEU A 121 14.16 -12.71 -13.72
CA LEU A 121 14.09 -11.99 -12.46
C LEU A 121 14.57 -12.84 -11.28
N ALA A 122 14.14 -14.11 -11.24
CA ALA A 122 14.59 -15.05 -10.23
C ALA A 122 16.09 -15.26 -10.32
N ARG A 123 16.63 -15.41 -11.53
CA ARG A 123 18.08 -15.52 -11.65
C ARG A 123 18.86 -14.28 -11.21
N TYR A 124 18.42 -13.09 -11.60
CA TYR A 124 19.07 -11.86 -11.14
C TYR A 124 18.93 -11.70 -9.61
N ASN A 125 17.76 -11.99 -9.08
CA ASN A 125 17.56 -11.89 -7.62
C ASN A 125 18.49 -12.79 -6.81
N ALA A 126 18.89 -13.93 -7.38
CA ALA A 126 19.92 -14.75 -6.76
C ALA A 126 21.30 -14.09 -6.77
N VAL A 127 21.54 -13.17 -7.71
CA VAL A 127 22.86 -12.52 -7.84
C VAL A 127 22.98 -11.28 -6.92
N LYS A 128 21.86 -10.60 -6.66
CA LYS A 128 21.93 -9.39 -5.83
C LYS A 128 22.04 -9.71 -4.34
N GLY A 129 22.35 -8.69 -3.54
CA GLY A 129 22.44 -8.84 -2.09
C GLY A 129 23.65 -9.66 -1.69
N SER A 130 23.62 -10.18 -0.47
CA SER A 130 24.72 -10.98 0.03
C SER A 130 24.62 -12.43 -0.47
N ALA A 131 25.14 -12.66 -1.67
CA ALA A 131 25.05 -13.96 -2.33
C ALA A 131 26.26 -14.80 -2.07
N VAL A 132 27.35 -14.16 -1.68
CA VAL A 132 28.62 -14.86 -1.66
C VAL A 132 28.91 -15.54 -0.31
N ASN A 133 28.72 -14.79 0.77
CA ASN A 133 29.01 -15.28 2.13
C ASN A 133 28.31 -16.59 2.53
N PRO A 134 27.02 -16.75 2.22
CA PRO A 134 26.39 -17.99 2.57
C PRO A 134 26.90 -19.22 1.83
N VAL A 135 27.50 -19.02 0.65
CA VAL A 135 28.11 -20.12 -0.11
C VAL A 135 29.50 -20.50 0.38
N LEU A 136 30.27 -19.50 0.81
CA LEU A 136 31.63 -19.74 1.25
C LEU A 136 31.77 -20.11 2.75
N ARG A 137 30.87 -19.64 3.62
CA ARG A 137 31.01 -19.91 5.08
C ARG A 137 30.48 -21.27 5.60
N GLU A 138 31.14 -22.35 5.18
CA GLU A 138 30.79 -23.70 5.59
C GLU A 138 31.59 -24.02 6.83
N GLY A 139 31.33 -23.27 7.91
CA GLY A 139 32.08 -23.44 9.13
C GLY A 139 31.71 -22.51 10.26
N ASN A 140 32.40 -22.70 11.38
CA ASN A 140 32.35 -21.82 12.52
C ASN A 140 33.40 -20.70 12.39
N SER A 141 33.54 -19.92 13.45
CA SER A 141 34.35 -18.70 13.42
C SER A 141 35.54 -18.71 14.40
N ASP A 142 36.73 -18.38 13.91
CA ASP A 142 37.95 -18.15 14.70
C ASP A 142 38.42 -16.72 14.37
N ARG A 143 38.16 -15.81 15.29
CA ARG A 143 38.48 -14.40 15.18
C ARG A 143 39.41 -13.92 16.26
N ARG A 144 40.49 -13.23 15.86
CA ARG A 144 41.51 -12.78 16.85
C ARG A 144 42.05 -11.39 16.52
N ALA A 145 42.42 -10.63 17.55
CA ALA A 145 43.08 -9.34 17.34
C ALA A 145 44.38 -9.67 16.75
N PRO A 146 44.76 -8.93 15.72
CA PRO A 146 45.99 -9.34 15.12
C PRO A 146 47.16 -8.91 15.98
N ILE A 147 48.10 -9.82 16.17
CA ILE A 147 49.32 -9.57 16.90
C ILE A 147 50.15 -8.41 16.32
N ALA A 148 50.32 -8.31 15.00
CA ALA A 148 51.04 -7.15 14.45
C ALA A 148 50.39 -5.82 14.86
N VAL A 149 49.05 -5.78 14.89
CA VAL A 149 48.32 -4.54 15.27
C VAL A 149 48.35 -4.29 16.78
N LYS A 150 48.21 -5.37 17.54
CA LYS A 150 48.34 -5.35 19.02
C LYS A 150 49.69 -4.74 19.43
N ASN A 151 50.76 -5.25 18.83
CA ASN A 151 52.10 -4.72 19.13
C ASN A 151 52.29 -3.25 18.83
N PHE A 152 51.59 -2.74 17.82
CA PHE A 152 51.67 -1.32 17.46
C PHE A 152 50.85 -0.49 18.41
N VAL A 153 49.65 -0.95 18.71
CA VAL A 153 48.83 -0.26 19.73
C VAL A 153 49.66 -0.02 21.00
N LYS A 154 50.36 -1.04 21.47
CA LYS A 154 51.26 -0.89 22.62
C LYS A 154 52.18 0.32 22.50
N LYS A 155 52.66 0.57 21.28
CA LYS A 155 53.53 1.69 21.00
C LYS A 155 52.70 2.96 20.97
N PHE A 156 51.54 2.90 20.34
CA PHE A 156 50.77 4.10 20.07
C PHE A 156 49.33 3.86 20.39
N PRO A 157 48.98 3.97 21.67
CA PRO A 157 47.64 3.60 22.06
C PRO A 157 46.58 4.61 21.66
N HIS A 158 45.41 4.09 21.30
CA HIS A 158 44.22 4.91 21.11
C HIS A 158 43.71 5.48 22.44
N ARG A 159 42.84 6.48 22.36
CA ARG A 159 42.26 7.13 23.53
C ARG A 159 41.26 6.23 24.21
N MET A 160 41.35 6.17 25.54
CA MET A 160 40.39 5.49 26.36
C MET A 160 39.87 6.52 27.40
N GLY A 161 38.58 6.83 27.36
CA GLY A 161 38.03 7.76 28.36
C GLY A 161 38.24 7.34 29.81
N GLU A 162 38.56 8.31 30.66
CA GLU A 162 38.77 8.09 32.09
C GLU A 162 37.41 7.76 32.69
N TRP A 163 37.37 6.78 33.59
CA TRP A 163 36.14 6.43 34.30
C TRP A 163 36.07 7.03 35.69
N SER A 164 34.86 7.42 36.09
CA SER A 164 34.62 7.86 37.47
C SER A 164 33.95 6.78 38.33
N ALA A 165 34.43 6.60 39.57
CA ALA A 165 33.74 5.70 40.54
C ALA A 165 32.30 6.14 40.78
N ASP A 166 32.01 7.41 40.51
CA ASP A 166 30.69 8.01 40.70
C ASP A 166 29.78 7.89 39.47
N SER A 167 30.25 7.21 38.42
CA SER A 167 29.45 7.07 37.23
C SER A 167 28.10 6.45 37.52
N LYS A 168 27.02 6.97 36.90
CA LYS A 168 25.68 6.39 37.04
C LYS A 168 25.21 5.57 35.83
N THR A 169 26.12 5.30 34.90
CA THR A 169 25.80 4.53 33.69
C THR A 169 25.55 3.08 34.12
N ASN A 170 24.42 2.54 33.71
CA ASN A 170 24.13 1.12 33.88
C ASN A 170 23.25 0.57 32.77
N VAL A 171 23.34 -0.76 32.55
CA VAL A 171 22.42 -1.46 31.65
C VAL A 171 21.19 -1.78 32.44
N ALA A 172 20.03 -1.64 31.81
CA ALA A 172 18.80 -2.15 32.39
C ALA A 172 18.25 -3.22 31.49
N THR A 173 17.84 -4.33 32.10
CA THR A 173 17.37 -5.50 31.34
C THR A 173 16.25 -6.15 32.11
N MET A 174 15.44 -6.95 31.42
CA MET A 174 14.32 -7.61 32.04
C MET A 174 14.78 -8.65 33.06
N ASP A 175 13.95 -8.83 34.09
CA ASP A 175 14.20 -9.70 35.27
C ASP A 175 13.49 -11.07 35.03
N ALA A 176 12.51 -11.08 34.12
CA ALA A 176 11.61 -12.23 33.94
C ALA A 176 10.80 -12.06 32.62
N ASN A 177 10.20 -13.17 32.18
CA ASN A 177 9.24 -13.17 31.07
CA ASN A 177 9.23 -13.13 31.07
C ASN A 177 9.83 -12.74 29.72
N ASP A 178 11.13 -12.97 29.54
CA ASP A 178 11.80 -12.60 28.30
C ASP A 178 12.27 -13.88 27.58
N PHE A 179 12.98 -13.74 26.46
CA PHE A 179 13.44 -14.89 25.74
C PHE A 179 14.31 -15.79 26.62
N ARG A 180 15.23 -15.21 27.39
CA ARG A 180 16.09 -16.06 28.23
C ARG A 180 15.27 -16.90 29.25
N HIS A 181 14.34 -16.29 29.98
CA HIS A 181 13.69 -17.02 31.07
C HIS A 181 12.57 -17.93 30.60
N ASN A 182 11.98 -17.63 29.45
CA ASN A 182 10.91 -18.46 28.92
C ASN A 182 11.38 -19.57 28.01
N GLU A 183 12.67 -19.63 27.75
CA GLU A 183 13.21 -20.59 26.76
C GLU A 183 13.12 -22.04 27.24
N LYS A 184 12.66 -22.92 26.34
CA LYS A 184 12.70 -24.37 26.48
C LYS A 184 13.51 -24.90 25.29
N SER A 185 14.25 -25.98 25.50
CA SER A 185 15.17 -26.51 24.49
C SER A 185 15.18 -28.03 24.57
N ILE A 186 15.20 -28.69 23.42
CA ILE A 186 15.34 -30.14 23.35
C ILE A 186 16.41 -30.54 22.34
N ILE A 187 16.91 -31.76 22.48
CA ILE A 187 17.83 -32.35 21.49
C ILE A 187 17.14 -33.52 20.80
N LEU A 188 16.98 -33.46 19.50
CA LEU A 188 16.25 -34.50 18.77
C LEU A 188 16.89 -35.88 18.78
N ASP A 189 16.08 -36.91 19.04
CA ASP A 189 16.55 -38.31 19.05
C ASP A 189 16.72 -38.88 17.65
N ALA A 190 15.90 -38.41 16.73
CA ALA A 190 15.94 -38.88 15.35
C ALA A 190 15.47 -37.74 14.46
N ALA A 191 15.68 -37.86 13.16
CA ALA A 191 15.19 -36.86 12.21
C ALA A 191 13.66 -36.80 12.26
N ASP A 192 13.10 -35.63 12.02
CA ASP A 192 11.67 -35.44 12.16
C ASP A 192 11.31 -34.20 11.35
N GLU A 193 10.15 -34.20 10.71
CA GLU A 193 9.64 -33.00 10.07
C GLU A 193 8.52 -32.53 10.97
N VAL A 194 8.71 -31.37 11.62
CA VAL A 194 7.81 -30.91 12.67
C VAL A 194 6.95 -29.73 12.19
N GLN A 195 5.89 -29.38 12.93
CA GLN A 195 4.99 -28.30 12.56
C GLN A 195 4.89 -27.26 13.71
N ILE A 196 4.78 -25.99 13.37
CA ILE A 196 4.58 -25.00 14.43
C ILE A 196 3.14 -24.50 14.30
N LYS A 197 2.40 -24.61 15.40
CA LYS A 197 0.98 -24.32 15.41
C LYS A 197 0.57 -23.41 16.56
N HIS A 198 -0.44 -22.60 16.32
CA HIS A 198 -1.06 -21.78 17.35
C HIS A 198 -2.49 -22.28 17.56
N ILE A 199 -2.86 -22.50 18.82
CA ILE A 199 -4.26 -22.82 19.16
C ILE A 199 -4.79 -21.70 20.06
N ALA A 200 -5.79 -20.98 19.57
CA ALA A 200 -6.35 -19.85 20.29
C ALA A 200 -7.26 -20.39 21.38
N ALA A 201 -7.64 -19.53 22.32
CA ALA A 201 -8.60 -19.87 23.36
C ALA A 201 -9.89 -20.38 22.72
N ASP A 202 -10.16 -19.88 21.52
CA ASP A 202 -11.22 -20.42 20.64
C ASP A 202 -11.15 -21.92 20.51
N GLY A 203 -9.97 -22.42 20.14
CA GLY A 203 -9.80 -23.78 19.62
C GLY A 203 -9.27 -23.70 18.19
N THR A 204 -9.45 -22.53 17.58
CA THR A 204 -8.99 -22.24 16.23
C THR A 204 -7.51 -22.48 16.06
N GLU A 205 -7.19 -23.43 15.20
CA GLU A 205 -5.80 -23.75 14.89
C GLU A 205 -5.33 -22.89 13.72
N THR A 206 -4.17 -22.25 13.89
CA THR A 206 -3.47 -21.62 12.78
C THR A 206 -2.08 -22.21 12.67
N ILE A 207 -1.73 -22.76 11.51
CA ILE A 207 -0.35 -23.20 11.28
C ILE A 207 0.55 -22.01 10.97
N LEU A 208 1.62 -21.87 11.74
CA LEU A 208 2.53 -20.73 11.61
C LEU A 208 3.66 -21.09 10.66
N LYS A 209 4.06 -22.36 10.68
CA LYS A 209 5.04 -22.85 9.74
C LYS A 209 4.74 -24.29 9.48
N ASP A 210 4.51 -24.58 8.21
CA ASP A 210 3.98 -25.86 7.74
C ASP A 210 4.96 -27.01 7.90
N SER A 211 6.21 -26.81 7.51
CA SER A 211 7.20 -27.87 7.61
C SER A 211 8.56 -27.36 8.04
N LEU A 212 9.14 -28.05 9.02
CA LEU A 212 10.47 -27.75 9.53
C LEU A 212 11.21 -29.07 9.65
N LYS A 213 12.15 -29.29 8.75
CA LYS A 213 12.93 -30.53 8.74
C LYS A 213 14.03 -30.40 9.78
N LEU A 214 14.07 -31.34 10.72
CA LEU A 214 15.15 -31.40 11.71
C LEU A 214 15.96 -32.69 11.63
N LEU A 215 17.24 -32.57 11.94
CA LEU A 215 18.16 -33.70 11.90
C LEU A 215 18.27 -34.41 13.25
N GLU A 216 18.67 -35.67 13.23
CA GLU A 216 19.02 -36.36 14.47
C GLU A 216 20.10 -35.53 15.18
N GLY A 217 19.89 -35.24 16.46
CA GLY A 217 20.91 -34.59 17.27
C GLY A 217 20.87 -33.06 17.26
N GLU A 218 20.02 -32.52 16.38
CA GLU A 218 19.84 -31.08 16.27
C GLU A 218 19.20 -30.51 17.55
N VAL A 219 19.67 -29.35 17.97
CA VAL A 219 19.14 -28.69 19.15
C VAL A 219 18.08 -27.69 18.75
N LEU A 220 16.88 -27.84 19.28
CA LEU A 220 15.75 -26.95 18.98
C LEU A 220 15.30 -26.17 20.22
N ASP A 221 15.24 -24.84 20.14
CA ASP A 221 14.67 -24.03 21.24
C ASP A 221 13.37 -23.38 20.80
N GLY A 222 12.44 -23.19 21.75
CA GLY A 222 11.29 -22.30 21.60
C GLY A 222 11.25 -21.35 22.79
N THR A 223 10.83 -20.10 22.57
CA THR A 223 10.74 -19.11 23.64
C THR A 223 9.81 -17.92 23.31
N VAL A 224 9.45 -17.14 24.33
CA VAL A 224 8.49 -16.06 24.16
C VAL A 224 9.00 -14.86 24.91
N LEU A 225 8.89 -13.69 24.28
CA LEU A 225 8.99 -12.42 24.96
C LEU A 225 7.57 -11.94 25.25
N SER A 226 7.25 -11.73 26.53
CA SER A 226 5.93 -11.22 26.97
C SER A 226 5.78 -9.72 26.71
N ALA A 227 4.81 -9.35 25.88
CA ALA A 227 4.54 -7.94 25.58
C ALA A 227 4.20 -7.14 26.84
N LYS A 228 3.38 -7.74 27.71
CA LYS A 228 2.95 -7.09 28.97
C LYS A 228 4.13 -6.83 29.94
N ALA A 229 5.04 -7.77 30.08
CA ALA A 229 6.17 -7.58 30.98
C ALA A 229 7.13 -6.57 30.39
N LEU A 230 7.29 -6.66 29.05
CA LEU A 230 8.17 -5.80 28.27
C LEU A 230 7.73 -4.36 28.40
N ASP A 231 6.44 -4.14 28.23
CA ASP A 231 5.88 -2.81 28.39
C ASP A 231 6.05 -2.28 29.82
N ALA A 232 5.82 -3.14 30.80
CA ALA A 232 5.90 -2.70 32.21
C ALA A 232 7.33 -2.30 32.52
N PHE A 233 8.26 -3.11 32.03
CA PHE A 233 9.72 -2.90 32.18
C PHE A 233 10.14 -1.57 31.57
N LEU A 234 9.75 -1.38 30.31
CA LEU A 234 10.11 -0.16 29.59
C LEU A 234 9.63 1.11 30.26
N LEU A 235 8.36 1.16 30.63
CA LEU A 235 7.83 2.33 31.30
C LEU A 235 8.63 2.67 32.55
N GLU A 236 9.04 1.64 33.29
CA GLU A 236 9.87 1.84 34.47
C GLU A 236 11.24 2.42 34.17
N GLN A 237 11.87 2.02 33.06
CA GLN A 237 13.18 2.54 32.76
C GLN A 237 13.09 3.99 32.29
N VAL A 238 12.02 4.37 31.59
CA VAL A 238 11.84 5.75 31.17
C VAL A 238 11.82 6.63 32.43
N ALA A 239 11.14 6.13 33.46
CA ALA A 239 10.95 6.86 34.69
C ALA A 239 12.26 6.91 35.43
N ARG A 240 13.08 5.87 35.31
CA ARG A 240 14.35 5.78 36.06
C ARG A 240 15.34 6.79 35.45
N ALA A 241 15.49 6.79 34.14
CA ALA A 241 16.40 7.73 33.49
C ALA A 241 15.99 9.15 33.86
N LYS A 242 14.69 9.43 33.85
CA LYS A 242 14.21 10.75 34.24
C LYS A 242 14.52 11.13 35.69
N ALA A 243 14.28 10.21 36.63
CA ALA A 243 14.54 10.49 38.04
C ALA A 243 16.03 10.62 38.33
N GLU A 244 16.87 9.84 37.64
CA GLU A 244 18.32 9.90 37.89
C GLU A 244 19.01 11.00 37.07
N GLY A 245 18.34 11.55 36.05
CA GLY A 245 18.92 12.66 35.27
C GLY A 245 20.03 12.13 34.36
N ILE A 246 19.81 10.97 33.79
CA ILE A 246 20.78 10.34 32.85
C ILE A 246 20.11 10.12 31.51
N LEU A 247 20.91 9.85 30.47
CA LEU A 247 20.37 9.66 29.12
C LEU A 247 19.61 8.34 29.01
N PHE A 248 18.39 8.40 28.45
CA PHE A 248 17.66 7.20 28.09
C PHE A 248 18.24 6.69 26.74
N SER A 249 18.67 5.44 26.68
CA SER A 249 19.19 4.89 25.44
C SER A 249 18.66 3.48 25.30
N ALA A 250 18.59 2.97 24.07
CA ALA A 250 18.09 1.63 23.83
C ALA A 250 18.91 0.96 22.69
N HIS A 251 19.35 -0.26 22.94
CA HIS A 251 20.35 -0.92 22.10
C HIS A 251 19.90 -2.28 21.58
N LEU A 252 19.53 -2.31 20.30
CA LEU A 252 19.01 -3.49 19.66
C LEU A 252 19.85 -3.81 18.43
N LYS A 253 19.42 -4.82 17.68
CA LYS A 253 20.05 -5.22 16.45
C LYS A 253 18.98 -5.25 15.34
N ALA A 254 18.40 -4.09 15.05
CA ALA A 254 17.24 -4.00 14.15
C ALA A 254 17.53 -4.53 12.74
N THR A 255 18.80 -4.47 12.33
CA THR A 255 19.12 -4.86 10.98
C THR A 255 19.22 -6.36 10.81
N MET A 256 19.97 -7.01 11.69
CA MET A 256 20.15 -8.46 11.63
C MET A 256 18.92 -9.23 12.12
N MET A 257 18.38 -8.82 13.26
CA MET A 257 17.20 -9.45 13.86
C MET A 257 15.96 -8.79 13.31
N LYS A 258 15.69 -9.07 12.04
CA LYS A 258 14.87 -8.21 11.24
C LYS A 258 13.41 -8.34 11.54
N VAL A 259 13.02 -9.38 12.25
CA VAL A 259 11.62 -9.56 12.66
C VAL A 259 11.34 -9.13 14.10
N SER A 260 12.13 -9.63 15.04
CA SER A 260 11.90 -9.36 16.45
C SER A 260 12.22 -7.92 16.81
N ASP A 261 13.38 -7.45 16.36
CA ASP A 261 13.91 -6.23 16.95
C ASP A 261 13.17 -4.93 16.55
N PRO A 262 12.64 -4.82 15.31
CA PRO A 262 11.79 -3.72 14.96
C PRO A 262 10.51 -3.70 15.81
N ILE A 263 9.95 -4.88 16.10
CA ILE A 263 8.79 -4.94 17.02
C ILE A 263 9.16 -4.43 18.42
N ILE A 264 10.26 -4.94 18.95
CA ILE A 264 10.72 -4.52 20.26
C ILE A 264 10.94 -3.00 20.30
N PHE A 265 11.65 -2.49 19.29
CA PHE A 265 11.83 -1.03 19.10
C PHE A 265 10.54 -0.24 19.19
N GLY A 266 9.50 -0.69 18.50
CA GLY A 266 8.23 -0.01 18.59
C GLY A 266 7.74 0.08 20.01
N HIS A 267 7.86 -1.00 20.78
CA HIS A 267 7.48 -1.00 22.19
C HIS A 267 8.26 0.10 22.94
N VAL A 268 9.56 0.22 22.62
CA VAL A 268 10.39 1.27 23.24
C VAL A 268 9.83 2.69 22.97
N VAL A 269 9.54 2.98 21.70
CA VAL A 269 9.03 4.30 21.29
C VAL A 269 7.73 4.65 21.97
N ARG A 270 6.84 3.66 22.05
CA ARG A 270 5.52 3.87 22.64
C ARG A 270 5.59 4.03 24.15
N ALA A 271 6.62 3.46 24.75
CA ALA A 271 6.84 3.60 26.19
C ALA A 271 7.28 5.03 26.47
N TYR A 272 8.23 5.52 25.69
CA TYR A 272 8.76 6.87 25.86
C TYR A 272 7.64 7.86 25.65
N PHE A 273 6.84 7.61 24.62
CA PHE A 273 5.68 8.48 24.31
C PHE A 273 4.37 7.91 24.84
N ALA A 274 4.42 7.43 26.08
CA ALA A 274 3.24 6.87 26.74
C ALA A 274 1.98 7.72 26.66
N ASP A 275 2.09 9.02 27.00
CA ASP A 275 0.96 9.95 26.96
C ASP A 275 0.40 10.14 25.54
N VAL A 276 1.28 10.21 24.55
CA VAL A 276 0.80 10.29 23.16
C VAL A 276 -0.03 9.07 22.76
N PHE A 277 0.48 7.87 23.03
CA PHE A 277 -0.23 6.64 22.66
C PHE A 277 -1.47 6.42 23.57
N ALA A 278 -1.43 6.92 24.80
CA ALA A 278 -2.61 6.93 25.64
C ALA A 278 -3.77 7.74 25.02
N GLN A 279 -3.47 8.75 24.22
CA GLN A 279 -4.52 9.62 23.68
C GLN A 279 -4.86 9.36 22.20
N TYR A 280 -3.87 8.99 21.40
CA TYR A 280 -4.07 8.77 19.96
C TYR A 280 -3.65 7.38 19.50
N GLY A 281 -3.46 6.47 20.45
CA GLY A 281 -2.92 5.15 20.15
C GLY A 281 -3.72 4.34 19.16
N GLU A 282 -5.04 4.28 19.35
CA GLU A 282 -5.85 3.45 18.46
C GLU A 282 -5.66 3.94 17.02
N GLN A 283 -5.76 5.25 16.84
CA GLN A 283 -5.65 5.88 15.53
C GLN A 283 -4.27 5.67 14.89
N LEU A 284 -3.21 5.92 15.66
CA LEU A 284 -1.86 5.78 15.13
C LEU A 284 -1.57 4.34 14.70
N LEU A 285 -1.95 3.38 15.55
CA LEU A 285 -1.69 1.98 15.28
C LEU A 285 -2.48 1.55 14.04
N ALA A 286 -3.72 2.01 13.92
CA ALA A 286 -4.55 1.71 12.76
C ALA A 286 -3.89 2.20 11.47
N ALA A 287 -3.30 3.39 11.54
CA ALA A 287 -2.55 3.96 10.42
C ALA A 287 -1.12 3.41 10.26
N GLY A 288 -0.73 2.45 11.10
CA GLY A 288 0.58 1.82 10.97
C GLY A 288 1.72 2.66 11.53
N LEU A 289 1.37 3.71 12.25
CA LEU A 289 2.34 4.61 12.85
C LEU A 289 2.64 4.16 14.29
N ASN A 290 3.33 3.05 14.40
CA ASN A 290 3.43 2.35 15.68
C ASN A 290 4.82 2.45 16.31
N GLY A 291 5.75 3.09 15.61
CA GLY A 291 7.14 3.17 16.10
C GLY A 291 8.05 2.04 15.66
N GLU A 292 7.54 1.03 14.95
CA GLU A 292 8.42 -0.08 14.55
C GLU A 292 9.37 0.29 13.41
N ASN A 293 9.11 1.44 12.80
CA ASN A 293 10.03 2.05 11.85
C ASN A 293 10.59 3.37 12.39
N GLY A 294 10.57 3.52 13.71
CA GLY A 294 11.13 4.69 14.36
C GLY A 294 10.19 5.88 14.48
N LEU A 295 10.56 6.83 15.33
CA LEU A 295 9.81 8.08 15.48
C LEU A 295 9.80 8.91 14.18
N ALA A 296 10.88 8.88 13.42
CA ALA A 296 10.94 9.61 12.15
C ALA A 296 9.84 9.20 11.15
N ALA A 297 9.46 7.92 11.16
CA ALA A 297 8.43 7.42 10.25
C ALA A 297 7.10 7.91 10.72
N ILE A 298 6.95 7.95 12.04
CA ILE A 298 5.73 8.45 12.66
C ILE A 298 5.51 9.92 12.30
N LEU A 299 6.54 10.73 12.54
CA LEU A 299 6.47 12.16 12.30
C LEU A 299 6.10 12.45 10.84
N SER A 300 6.81 11.80 9.92
CA SER A 300 6.58 11.93 8.48
C SER A 300 5.14 11.54 8.07
N GLY A 301 4.56 10.56 8.75
CA GLY A 301 3.23 10.06 8.41
C GLY A 301 2.10 10.90 8.94
N LEU A 302 2.41 11.78 9.88
CA LEU A 302 1.39 12.60 10.53
C LEU A 302 0.71 13.61 9.60
N GLU A 303 1.42 14.07 8.58
CA GLU A 303 0.84 15.09 7.69
C GLU A 303 -0.29 14.52 6.84
N SER A 304 -0.40 13.19 6.79
CA SER A 304 -1.50 12.57 6.08
C SER A 304 -2.79 12.49 6.93
N LEU A 305 -2.71 12.83 8.22
CA LEU A 305 -3.79 12.57 9.18
C LEU A 305 -4.64 13.78 9.47
N ASP A 306 -3.98 14.94 9.61
CA ASP A 306 -4.67 16.23 9.73
C ASP A 306 -5.54 16.41 10.99
N ASN A 307 -5.44 15.48 11.95
CA ASN A 307 -5.47 15.87 13.36
C ASN A 307 -4.04 15.64 13.75
N GLY A 308 -3.21 15.58 12.73
CA GLY A 308 -1.81 15.26 12.86
C GLY A 308 -1.09 16.41 13.50
N GLU A 309 -1.59 17.63 13.32
CA GLU A 309 -0.93 18.80 13.91
C GLU A 309 -0.92 18.74 15.43
N GLU A 310 -2.06 18.42 16.04
CA GLU A 310 -2.11 18.29 17.49
C GLU A 310 -1.39 17.04 17.99
N ILE A 311 -1.28 16.02 17.13
CA ILE A 311 -0.49 14.84 17.44
C ILE A 311 1.00 15.21 17.37
N LYS A 312 1.40 15.95 16.34
CA LYS A 312 2.79 16.43 16.24
C LYS A 312 3.19 17.19 17.50
N ALA A 313 2.30 18.07 17.93
CA ALA A 313 2.50 18.87 19.12
C ALA A 313 2.72 17.99 20.35
N ALA A 314 1.95 16.90 20.45
CA ALA A 314 2.06 15.95 21.58
C ALA A 314 3.38 15.22 21.62
N PHE A 315 3.89 14.82 20.45
CA PHE A 315 5.22 14.22 20.38
C PHE A 315 6.30 15.23 20.79
N GLU A 316 6.22 16.43 20.25
CA GLU A 316 7.16 17.49 20.62
C GLU A 316 7.13 17.74 22.13
N LYS A 317 5.94 17.78 22.72
CA LYS A 317 5.80 17.89 24.19
C LYS A 317 6.41 16.69 24.92
N GLY A 318 6.24 15.48 24.38
CA GLY A 318 6.87 14.26 24.93
C GLY A 318 8.36 14.38 25.04
N LEU A 319 8.95 15.00 24.04
CA LEU A 319 10.40 15.16 24.01
C LEU A 319 10.87 16.16 25.07
N GLU A 320 10.08 17.19 25.36
CA GLU A 320 10.46 18.16 26.40
C GLU A 320 10.25 17.57 27.82
N ASP A 321 9.22 16.76 28.00
CA ASP A 321 8.85 16.20 29.31
C ASP A 321 9.54 14.90 29.72
N GLY A 322 10.01 14.10 28.77
CA GLY A 322 10.62 12.81 29.07
C GLY A 322 12.06 12.96 29.50
N PRO A 323 12.75 11.85 29.79
CA PRO A 323 14.17 11.95 30.02
C PRO A 323 14.88 12.36 28.75
N ASP A 324 16.08 12.89 28.90
CA ASP A 324 16.85 13.33 27.78
C ASP A 324 17.28 12.05 27.06
N LEU A 325 17.33 12.12 25.73
CA LEU A 325 17.63 10.93 24.93
C LEU A 325 19.05 10.96 24.42
N ALA A 326 19.67 9.79 24.29
CA ALA A 326 20.96 9.70 23.61
C ALA A 326 20.72 10.13 22.18
N MET A 327 21.66 10.90 21.65
CA MET A 327 21.51 11.47 20.35
C MET A 327 22.35 10.74 19.29
N VAL A 328 21.74 10.54 18.13
CA VAL A 328 22.46 9.99 16.98
C VAL A 328 23.14 11.11 16.19
N ASN A 329 22.43 12.19 15.94
CA ASN A 329 22.97 13.34 15.20
C ASN A 329 22.39 14.66 15.73
N SER A 330 23.11 15.32 16.63
CA SER A 330 22.57 16.52 17.29
C SER A 330 22.16 17.62 16.33
N ALA A 331 22.93 17.76 15.25
CA ALA A 331 22.74 18.86 14.31
C ALA A 331 21.45 18.70 13.50
N ARG A 332 21.07 17.45 13.27
CA ARG A 332 19.81 17.16 12.61
C ARG A 332 18.67 16.87 13.61
N GLY A 333 18.96 16.90 14.91
CA GLY A 333 17.97 16.61 15.95
C GLY A 333 17.56 15.14 16.03
N ILE A 334 18.42 14.25 15.55
CA ILE A 334 18.11 12.81 15.51
C ILE A 334 18.46 12.11 16.83
N THR A 335 17.44 11.58 17.47
CA THR A 335 17.62 10.81 18.70
C THR A 335 17.73 9.30 18.43
N ASN A 336 18.07 8.56 19.50
CA ASN A 336 18.04 7.08 19.56
C ASN A 336 16.73 6.50 19.00
N LEU A 337 15.62 7.19 19.18
CA LEU A 337 14.30 6.68 18.80
C LEU A 337 13.89 6.95 17.35
N HIS A 338 14.69 7.72 16.61
CA HIS A 338 14.22 8.15 15.28
C HIS A 338 14.21 7.03 14.24
N VAL A 339 15.29 6.25 14.20
CA VAL A 339 15.47 5.16 13.21
C VAL A 339 15.97 3.88 13.92
N PRO A 340 15.21 2.75 13.80
CA PRO A 340 15.56 1.57 14.61
C PRO A 340 16.98 1.06 14.40
N SER A 341 17.47 1.13 13.16
CA SER A 341 18.83 0.67 12.86
C SER A 341 20.00 1.62 13.21
N ASP A 342 19.71 2.84 13.65
CA ASP A 342 20.76 3.81 13.97
C ASP A 342 21.71 3.36 15.11
N VAL A 343 21.16 2.87 16.22
CA VAL A 343 21.98 2.46 17.35
C VAL A 343 21.97 0.92 17.36
N ILE A 344 23.12 0.30 17.09
CA ILE A 344 23.22 -1.17 16.98
C ILE A 344 24.07 -1.68 18.14
N VAL A 345 23.46 -2.47 19.03
CA VAL A 345 24.04 -2.86 20.32
C VAL A 345 25.52 -3.26 20.34
N ASP A 346 25.95 -4.12 19.40
CA ASP A 346 27.38 -4.57 19.43
C ASP A 346 28.42 -3.51 19.05
N ALA A 347 27.97 -2.48 18.37
CA ALA A 347 28.82 -1.29 18.13
C ALA A 347 28.71 -0.19 19.18
N SER A 348 27.46 0.15 19.50
CA SER A 348 27.14 1.22 20.44
C SER A 348 27.64 0.93 21.85
N MET A 349 27.51 -0.31 22.32
CA MET A 349 27.87 -0.60 23.73
C MET A 349 29.37 -0.49 24.02
N PRO A 350 30.25 -1.05 23.13
CA PRO A 350 31.70 -0.79 23.34
C PRO A 350 32.13 0.67 23.17
N ALA A 351 31.47 1.40 22.28
CA ALA A 351 31.81 2.80 22.01
C ALA A 351 31.48 3.60 23.27
N MET A 352 30.37 3.27 23.91
CA MET A 352 29.98 3.97 25.18
C MET A 352 30.93 3.62 26.34
N ILE A 353 31.28 2.36 26.48
CA ILE A 353 32.24 1.92 27.50
C ILE A 353 33.59 2.59 27.33
N ARG A 354 34.09 2.61 26.10
CA ARG A 354 35.33 3.27 25.80
C ARG A 354 35.27 4.78 26.11
N THR A 355 34.13 5.40 25.82
CA THR A 355 33.97 6.85 26.09
C THR A 355 33.49 7.13 27.51
N SER A 356 34.24 6.60 28.48
CA SER A 356 33.98 6.77 29.90
C SER A 356 32.58 6.37 30.30
N GLY A 357 31.91 5.56 29.48
CA GLY A 357 30.54 5.19 29.79
C GLY A 357 29.49 6.24 29.44
N HIS A 358 29.84 7.15 28.54
CA HIS A 358 28.95 8.23 28.14
C HIS A 358 28.36 8.02 26.74
N MET A 359 27.17 8.56 26.55
CA MET A 359 26.66 8.83 25.25
C MET A 359 26.51 10.36 25.09
N TRP A 360 25.94 10.82 23.99
CA TRP A 360 25.96 12.26 23.72
C TRP A 360 24.56 12.86 23.83
N ASN A 361 24.42 13.98 24.54
CA ASN A 361 23.13 14.63 24.68
C ASN A 361 22.84 15.67 23.56
N LYS A 362 21.68 16.31 23.64
CA LYS A 362 21.20 17.37 22.76
C LYS A 362 22.15 18.59 22.62
N ASP A 363 23.03 18.76 23.61
CA ASP A 363 24.02 19.83 23.59
C ASP A 363 25.35 19.34 23.05
N ASP A 364 25.40 18.07 22.64
CA ASP A 364 26.61 17.50 22.10
C ASP A 364 27.70 17.41 23.18
N GLN A 365 27.28 17.17 24.42
CA GLN A 365 28.17 16.95 25.54
C GLN A 365 28.02 15.48 26.01
N GLU A 366 29.08 14.94 26.60
CA GLU A 366 29.03 13.58 27.15
C GLU A 366 28.18 13.54 28.42
N GLN A 367 27.41 12.45 28.56
CA GLN A 367 26.55 12.27 29.71
C GLN A 367 26.35 10.77 30.02
N ASP A 368 26.25 10.46 31.30
CA ASP A 368 25.97 9.10 31.73
C ASP A 368 24.65 8.63 31.10
N THR A 369 24.50 7.30 30.95
CA THR A 369 23.30 6.74 30.31
C THR A 369 22.73 5.54 31.01
N LEU A 370 21.41 5.40 30.91
CA LEU A 370 20.74 4.17 31.26
C LEU A 370 20.57 3.37 29.97
N ALA A 371 21.31 2.28 29.83
CA ALA A 371 21.35 1.54 28.57
C ALA A 371 20.37 0.39 28.56
N ILE A 372 19.28 0.53 27.81
CA ILE A 372 18.25 -0.46 27.83
C ILE A 372 18.50 -1.54 26.78
N ILE A 373 18.59 -2.78 27.29
CA ILE A 373 18.82 -4.01 26.50
C ILE A 373 17.76 -4.98 27.00
N PRO A 374 16.59 -5.02 26.33
CA PRO A 374 15.42 -5.61 26.98
C PRO A 374 15.55 -7.09 27.36
N ASP A 375 16.00 -7.92 26.44
CA ASP A 375 16.18 -9.31 26.74
C ASP A 375 17.49 -9.48 27.48
N SER A 376 17.47 -10.39 28.44
CA SER A 376 18.53 -10.53 29.43
C SER A 376 19.56 -11.57 29.10
N SER A 377 19.47 -12.19 27.92
CA SER A 377 20.38 -13.27 27.56
C SER A 377 21.83 -12.81 27.58
N TYR A 378 22.08 -11.62 27.01
CA TYR A 378 23.45 -11.10 26.86
C TYR A 378 23.77 -9.79 27.63
N ALA A 379 22.77 -9.14 28.25
CA ALA A 379 22.92 -7.82 28.85
C ALA A 379 24.02 -7.78 29.91
N GLY A 380 24.16 -8.88 30.63
CA GLY A 380 25.05 -8.92 31.76
C GLY A 380 26.50 -8.91 31.41
N VAL A 381 26.84 -9.27 30.15
CA VAL A 381 28.23 -9.12 29.71
C VAL A 381 28.63 -7.65 29.77
N TYR A 382 27.81 -6.81 29.19
CA TYR A 382 28.14 -5.39 29.20
C TYR A 382 28.08 -4.83 30.65
N GLN A 383 27.09 -5.23 31.47
CA GLN A 383 26.97 -4.67 32.81
C GLN A 383 28.24 -5.00 33.63
N THR A 384 28.77 -6.19 33.39
CA THR A 384 29.90 -6.67 34.16
C THR A 384 31.14 -5.86 33.84
N VAL A 385 31.30 -5.53 32.56
CA VAL A 385 32.39 -4.66 32.07
C VAL A 385 32.21 -3.23 32.65
N ILE A 386 31.00 -2.71 32.58
CA ILE A 386 30.73 -1.36 33.17
C ILE A 386 31.14 -1.28 34.64
N GLU A 387 30.75 -2.27 35.43
CA GLU A 387 31.02 -2.23 36.86
C GLU A 387 32.49 -2.36 37.09
N ASP A 388 33.17 -3.18 36.26
CA ASP A 388 34.61 -3.33 36.43
C ASP A 388 35.37 -1.99 36.16
N CYS A 389 34.94 -1.26 35.14
CA CYS A 389 35.54 0.03 34.78
C CYS A 389 35.26 1.06 35.86
N ARG A 390 34.06 1.03 36.43
CA ARG A 390 33.73 1.91 37.57
C ARG A 390 34.67 1.65 38.75
N LYS A 391 34.94 0.37 39.04
CA LYS A 391 35.77 0.03 40.18
C LYS A 391 37.26 0.24 39.90
N ASN A 392 37.69 -0.17 38.72
CA ASN A 392 39.14 -0.27 38.41
C ASN A 392 39.64 0.78 37.42
N GLY A 393 38.74 1.56 36.86
CA GLY A 393 39.12 2.52 35.84
C GLY A 393 39.26 1.94 34.44
N ALA A 394 39.67 2.79 33.50
CA ALA A 394 39.70 2.43 32.09
C ALA A 394 40.76 1.38 31.88
N PHE A 395 40.56 0.61 30.84
CA PHE A 395 41.54 -0.37 30.39
C PHE A 395 42.71 0.40 29.83
N ASP A 396 43.89 -0.19 29.96
CA ASP A 396 45.11 0.39 29.46
C ASP A 396 45.61 -0.51 28.31
N PRO A 397 45.47 -0.04 27.07
CA PRO A 397 45.81 -0.83 25.88
C PRO A 397 47.29 -1.16 25.73
N THR A 398 48.16 -0.45 26.45
CA THR A 398 49.60 -0.73 26.35
C THR A 398 50.05 -1.99 27.12
N THR A 399 49.22 -2.43 28.04
CA THR A 399 49.53 -3.57 28.90
C THR A 399 48.48 -4.69 28.90
N MET A 400 47.27 -4.45 28.40
CA MET A 400 46.22 -5.43 28.55
C MET A 400 46.44 -6.63 27.70
N GLY A 401 45.87 -7.71 28.16
CA GLY A 401 45.92 -8.98 27.44
C GLY A 401 44.90 -8.95 26.30
N THR A 402 44.50 -10.12 25.83
CA THR A 402 43.63 -10.24 24.66
C THR A 402 42.62 -11.38 24.81
N VAL A 403 41.46 -11.23 24.15
CA VAL A 403 40.37 -12.16 24.25
C VAL A 403 39.85 -12.49 22.85
N PRO A 404 40.37 -13.57 22.26
CA PRO A 404 39.89 -14.08 20.98
C PRO A 404 38.51 -14.70 21.13
N ASN A 405 37.94 -15.10 20.01
CA ASN A 405 36.61 -15.77 20.03
C ASN A 405 36.58 -16.94 19.06
N VAL A 406 36.00 -18.04 19.54
CA VAL A 406 35.67 -19.22 18.79
C VAL A 406 34.16 -19.30 18.85
N GLY A 407 33.52 -19.13 17.70
CA GLY A 407 32.09 -18.93 17.68
C GLY A 407 31.31 -19.87 16.83
N LEU A 408 30.20 -20.32 17.42
CA LEU A 408 29.37 -21.35 16.82
C LEU A 408 28.50 -20.58 15.82
N MET A 409 28.80 -20.77 14.55
CA MET A 409 28.10 -20.09 13.44
C MET A 409 27.53 -20.99 12.32
N ALA A 410 28.01 -22.22 12.14
CA ALA A 410 27.72 -22.97 10.92
C ALA A 410 26.20 -23.13 10.71
N GLN A 411 25.81 -22.98 9.46
CA GLN A 411 24.46 -23.26 8.96
C GLN A 411 23.47 -22.33 9.66
N LYS A 412 23.81 -21.04 9.72
CA LYS A 412 22.98 -20.05 10.43
C LYS A 412 22.53 -20.49 11.82
N ALA A 413 23.49 -20.73 12.70
CA ALA A 413 23.20 -21.27 14.01
C ALA A 413 22.42 -20.30 14.92
N GLU A 414 21.47 -20.87 15.66
CA GLU A 414 20.82 -20.20 16.77
C GLU A 414 20.06 -18.95 16.28
N GLU A 415 20.17 -17.80 16.96
CA GLU A 415 19.28 -16.69 16.65
C GLU A 415 19.39 -16.18 15.23
N TYR A 416 20.55 -16.37 14.58
CA TYR A 416 20.75 -15.85 13.22
C TYR A 416 20.11 -16.69 12.11
N GLY A 417 19.48 -17.80 12.49
CA GLY A 417 18.62 -18.58 11.59
C GLY A 417 17.14 -18.55 11.97
N SER A 418 16.78 -17.62 12.84
CA SER A 418 15.46 -17.66 13.46
C SER A 418 14.38 -16.83 12.79
N HIS A 419 14.74 -16.13 11.71
CA HIS A 419 13.83 -15.08 11.22
C HIS A 419 12.54 -15.65 10.62
N ASP A 420 12.63 -16.83 10.01
CA ASP A 420 11.47 -17.57 9.48
C ASP A 420 10.73 -18.44 10.52
N LYS A 421 11.13 -18.31 11.79
CA LYS A 421 10.51 -19.02 12.90
C LYS A 421 10.18 -18.06 14.04
N THR A 422 9.95 -16.81 13.69
CA THR A 422 9.64 -15.74 14.62
C THR A 422 8.29 -15.16 14.22
N PHE A 423 7.38 -15.08 15.19
CA PHE A 423 5.99 -14.70 14.95
C PHE A 423 5.42 -13.73 15.99
N ARG A 424 4.75 -12.70 15.48
CA ARG A 424 4.02 -11.74 16.31
C ARG A 424 2.68 -12.37 16.58
N ILE A 425 2.42 -12.68 17.85
CA ILE A 425 1.20 -13.41 18.21
C ILE A 425 -0.01 -12.50 18.14
N GLU A 426 -1.09 -13.02 17.59
CA GLU A 426 -2.29 -12.21 17.32
C GLU A 426 -3.39 -12.38 18.35
N ALA A 427 -3.37 -13.52 19.07
CA ALA A 427 -4.45 -13.89 19.98
C ALA A 427 -3.94 -14.75 21.12
N ASP A 428 -4.53 -14.58 22.31
CA ASP A 428 -4.18 -15.41 23.46
C ASP A 428 -4.33 -16.91 23.10
N GLY A 429 -3.40 -17.74 23.57
CA GLY A 429 -3.53 -19.18 23.43
C GLY A 429 -2.21 -19.89 23.67
N VAL A 430 -1.90 -20.88 22.83
CA VAL A 430 -0.62 -21.54 22.93
C VAL A 430 0.00 -21.75 21.56
N VAL A 431 1.31 -21.95 21.58
CA VAL A 431 2.06 -22.29 20.40
C VAL A 431 2.73 -23.62 20.68
N GLN A 432 2.63 -24.53 19.72
CA GLN A 432 3.17 -25.87 19.86
C GLN A 432 4.11 -26.20 18.71
N VAL A 433 5.26 -26.80 19.00
CA VAL A 433 6.05 -27.46 17.99
C VAL A 433 5.62 -28.92 18.00
N VAL A 434 4.99 -29.38 16.92
CA VAL A 434 4.37 -30.71 16.89
C VAL A 434 5.13 -31.71 16.01
N SER A 435 5.48 -32.84 16.58
CA SER A 435 6.24 -33.83 15.86
C SER A 435 5.34 -34.48 14.81
N SER A 436 5.94 -35.06 13.77
CA SER A 436 5.18 -35.71 12.71
C SER A 436 4.22 -36.76 13.26
N ASN A 437 4.64 -37.46 14.30
CA ASN A 437 3.84 -38.48 14.98
C ASN A 437 2.66 -37.92 15.77
N GLY A 438 2.63 -36.60 15.95
CA GLY A 438 1.54 -35.94 16.69
C GLY A 438 2.00 -35.43 18.04
N ASP A 439 3.10 -35.94 18.55
CA ASP A 439 3.60 -35.54 19.86
C ASP A 439 3.87 -34.04 19.91
N VAL A 440 3.57 -33.43 21.05
CA VAL A 440 3.88 -32.04 21.31
C VAL A 440 5.22 -31.95 22.01
N LEU A 441 6.20 -31.43 21.28
CA LEU A 441 7.59 -31.44 21.71
C LEU A 441 7.90 -30.24 22.59
N ILE A 442 7.40 -29.07 22.19
CA ILE A 442 7.54 -27.83 22.99
C ILE A 442 6.21 -27.07 22.96
N GLU A 443 5.85 -26.47 24.09
CA GLU A 443 4.61 -25.69 24.20
C GLU A 443 4.78 -24.47 25.11
N HIS A 444 4.26 -23.34 24.66
CA HIS A 444 4.30 -22.11 25.44
C HIS A 444 2.90 -21.53 25.46
N ASP A 445 2.50 -20.98 26.60
CA ASP A 445 1.34 -20.11 26.64
C ASP A 445 1.75 -18.79 25.99
N VAL A 446 0.85 -18.18 25.22
CA VAL A 446 1.10 -16.87 24.66
C VAL A 446 -0.10 -15.95 24.72
N GLU A 447 0.18 -14.65 24.81
CA GLU A 447 -0.83 -13.61 24.69
C GLU A 447 -0.61 -12.76 23.44
N ALA A 448 -1.69 -12.18 22.93
CA ALA A 448 -1.61 -11.25 21.80
C ALA A 448 -0.49 -10.22 21.96
N ASN A 449 0.31 -10.08 20.91
CA ASN A 449 1.38 -9.09 20.84
C ASN A 449 2.67 -9.60 21.46
N ASP A 450 2.64 -10.80 22.04
CA ASP A 450 3.87 -11.48 22.41
C ASP A 450 4.68 -11.81 21.15
N ILE A 451 5.98 -12.04 21.33
CA ILE A 451 6.85 -12.51 20.25
C ILE A 451 7.29 -13.95 20.53
N TRP A 452 6.95 -14.87 19.66
CA TRP A 452 7.39 -16.27 19.80
C TRP A 452 8.49 -16.58 18.79
N ARG A 453 9.54 -17.25 19.25
CA ARG A 453 10.69 -17.53 18.38
C ARG A 453 11.23 -18.94 18.57
N ALA A 454 11.66 -19.59 17.49
CA ALA A 454 12.38 -20.88 17.60
C ALA A 454 13.73 -20.78 16.90
N CYS A 455 14.69 -21.58 17.38
CA CYS A 455 16.07 -21.55 16.90
C CYS A 455 16.59 -22.97 16.77
N GLN A 456 17.53 -23.17 15.85
CA GLN A 456 18.11 -24.50 15.65
C GLN A 456 19.63 -24.38 15.48
N VAL A 457 20.33 -25.34 16.09
CA VAL A 457 21.75 -25.61 15.81
C VAL A 457 21.99 -27.13 15.71
N LYS A 458 22.77 -27.50 14.71
CA LYS A 458 22.96 -28.87 14.36
C LYS A 458 24.15 -29.52 15.07
N ASP A 459 24.16 -30.86 15.19
CA ASP A 459 25.15 -31.49 16.05
C ASP A 459 26.57 -31.43 15.44
N ALA A 460 26.72 -31.57 14.12
CA ALA A 460 28.09 -31.51 13.55
C ALA A 460 28.78 -30.14 13.72
N PRO A 461 28.04 -29.04 13.49
CA PRO A 461 28.58 -27.73 13.86
C PRO A 461 29.03 -27.64 15.32
N ILE A 462 28.20 -28.11 16.26
CA ILE A 462 28.62 -28.20 17.67
C ILE A 462 29.91 -28.99 17.87
N GLN A 463 30.01 -30.17 17.26
CA GLN A 463 31.26 -30.99 17.38
C GLN A 463 32.46 -30.27 16.78
N ASP A 464 32.27 -29.69 15.60
CA ASP A 464 33.34 -28.88 14.97
CA ASP A 464 33.33 -28.87 14.97
C ASP A 464 33.77 -27.71 15.89
N TRP A 465 32.79 -27.07 16.54
CA TRP A 465 33.04 -25.94 17.45
C TRP A 465 33.89 -26.33 18.64
N VAL A 466 33.55 -27.43 19.28
CA VAL A 466 34.39 -28.00 20.32
C VAL A 466 35.79 -28.36 19.84
N LYS A 467 35.93 -28.99 18.69
CA LYS A 467 37.28 -29.27 18.18
C LYS A 467 38.07 -27.98 17.97
N LEU A 468 37.44 -26.96 17.39
CA LEU A 468 38.11 -25.70 17.14
C LEU A 468 38.56 -25.02 18.46
N ALA A 469 37.73 -25.09 19.51
CA ALA A 469 38.13 -24.56 20.81
C ALA A 469 39.40 -25.25 21.33
N VAL A 470 39.39 -26.58 21.29
CA VAL A 470 40.58 -27.34 21.73
C VAL A 470 41.80 -27.00 20.89
N THR A 471 41.65 -26.97 19.58
CA THR A 471 42.75 -26.67 18.64
C THR A 471 43.35 -25.28 18.90
N ARG A 472 42.49 -24.29 19.12
CA ARG A 472 42.96 -22.92 19.40
C ARG A 472 43.71 -22.85 20.71
N SER A 473 43.21 -23.54 21.75
CA SER A 473 43.90 -23.56 23.04
C SER A 473 45.28 -24.24 22.99
N ARG A 474 45.36 -25.37 22.29
CA ARG A 474 46.58 -26.14 22.11
C ARG A 474 47.63 -25.33 21.36
N LEU A 475 47.24 -24.80 20.21
CA LEU A 475 48.13 -24.00 19.38
C LEU A 475 48.59 -22.72 19.99
N SER A 476 47.69 -22.02 20.72
CA SER A 476 48.01 -20.70 21.24
C SER A 476 48.60 -20.70 22.66
N GLY A 477 48.34 -21.76 23.42
CA GLY A 477 48.63 -21.79 24.85
C GLY A 477 47.70 -21.01 25.74
N MET A 478 46.60 -20.49 25.19
CA MET A 478 45.73 -19.65 25.98
C MET A 478 44.60 -20.52 26.53
N PRO A 479 44.19 -20.32 27.78
CA PRO A 479 43.07 -21.12 28.33
C PRO A 479 41.80 -20.79 27.55
N ALA A 480 40.89 -21.76 27.44
CA ALA A 480 39.61 -21.55 26.73
C ALA A 480 38.45 -21.59 27.75
N VAL A 481 37.45 -20.66 27.65
CA VAL A 481 36.27 -20.69 28.49
C VAL A 481 35.05 -20.70 27.56
N PHE A 482 34.24 -21.76 27.67
CA PHE A 482 32.90 -21.83 27.06
C PHE A 482 31.93 -20.93 27.85
N TRP A 483 31.27 -20.01 27.16
CA TRP A 483 30.37 -19.09 27.83
C TRP A 483 28.98 -19.66 27.67
N LEU A 484 28.50 -20.39 28.68
CA LEU A 484 27.17 -21.02 28.68
C LEU A 484 26.43 -20.73 29.99
N ASP A 485 25.21 -20.24 29.83
CA ASP A 485 24.41 -19.73 30.94
C ASP A 485 23.55 -20.87 31.49
N PRO A 486 23.76 -21.24 32.77
CA PRO A 486 22.98 -22.31 33.45
C PRO A 486 21.50 -21.97 33.54
N GLU A 487 21.18 -20.68 33.54
CA GLU A 487 19.80 -20.23 33.49
C GLU A 487 19.13 -20.23 32.12
N ARG A 488 19.80 -20.73 31.07
CA ARG A 488 19.16 -20.88 29.78
C ARG A 488 19.01 -22.36 29.41
N ALA A 489 17.82 -22.77 29.01
CA ALA A 489 17.63 -24.17 28.54
C ALA A 489 18.53 -24.58 27.38
N HIS A 490 18.78 -23.65 26.46
CA HIS A 490 19.56 -23.92 25.29
C HIS A 490 21.00 -24.21 25.72
N ASP A 491 21.52 -23.33 26.57
CA ASP A 491 22.92 -23.41 27.02
C ASP A 491 23.18 -24.62 27.90
N ARG A 492 22.17 -25.02 28.68
CA ARG A 492 22.25 -26.28 29.44
C ARG A 492 22.38 -27.49 28.52
N ASN A 493 21.59 -27.55 27.44
CA ASN A 493 21.77 -28.58 26.41
C ASN A 493 23.18 -28.56 25.78
N LEU A 494 23.63 -27.38 25.32
CA LEU A 494 25.00 -27.28 24.74
C LEU A 494 26.09 -27.65 25.74
N ALA A 495 25.91 -27.30 27.01
CA ALA A 495 26.91 -27.66 28.03
C ALA A 495 27.06 -29.19 28.21
N SER A 496 25.93 -29.90 28.14
CA SER A 496 25.96 -31.36 28.24
C SER A 496 26.67 -31.94 27.03
N LEU A 497 26.48 -31.36 25.85
CA LEU A 497 27.16 -31.82 24.67
C LEU A 497 28.65 -31.49 24.67
N VAL A 498 29.03 -30.30 25.14
CA VAL A 498 30.44 -29.92 25.24
C VAL A 498 31.23 -30.89 26.12
N GLU A 499 30.65 -31.19 27.28
CA GLU A 499 31.19 -32.26 28.15
C GLU A 499 31.38 -33.63 27.47
N LYS A 500 30.39 -34.05 26.69
CA LYS A 500 30.44 -35.27 25.91
C LYS A 500 31.58 -35.23 24.88
N TYR A 501 31.64 -34.15 24.10
CA TYR A 501 32.57 -34.11 22.98
C TYR A 501 34.00 -33.76 23.38
N LEU A 502 34.17 -33.05 24.49
CA LEU A 502 35.54 -32.71 24.92
C LEU A 502 36.33 -34.00 25.18
N ALA A 503 35.61 -35.07 25.52
CA ALA A 503 36.25 -36.36 25.76
C ALA A 503 36.79 -37.01 24.48
N ASP A 504 36.49 -36.47 23.30
CA ASP A 504 37.05 -37.05 22.05
C ASP A 504 38.45 -36.51 21.76
N HIS A 505 38.85 -35.51 22.54
CA HIS A 505 40.08 -34.79 22.31
C HIS A 505 41.07 -35.01 23.42
N ASP A 506 42.36 -35.03 23.06
CA ASP A 506 43.42 -34.95 24.03
C ASP A 506 43.50 -33.55 24.63
N THR A 507 43.03 -33.42 25.86
CA THR A 507 43.07 -32.13 26.51
C THR A 507 44.09 -32.07 27.65
N GLU A 508 44.99 -33.06 27.71
CA GLU A 508 45.97 -33.01 28.77
C GLU A 508 46.88 -31.81 28.55
N GLY A 509 47.07 -31.00 29.59
CA GLY A 509 47.94 -29.82 29.45
C GLY A 509 47.18 -28.56 29.10
N LEU A 510 45.92 -28.70 28.72
CA LEU A 510 45.09 -27.59 28.35
C LEU A 510 44.14 -27.19 29.53
N ASP A 511 43.88 -25.89 29.64
CA ASP A 511 42.97 -25.34 30.67
C ASP A 511 41.68 -24.88 29.98
N ILE A 512 40.62 -25.66 30.15
CA ILE A 512 39.35 -25.46 29.45
C ILE A 512 38.29 -25.57 30.49
N GLN A 513 37.34 -24.63 30.55
CA GLN A 513 36.27 -24.72 31.55
C GLN A 513 34.96 -24.16 31.02
N ILE A 514 33.91 -24.32 31.79
CA ILE A 514 32.61 -23.83 31.38
C ILE A 514 32.10 -22.89 32.47
N LEU A 515 31.73 -21.69 32.08
CA LEU A 515 31.21 -20.64 32.98
C LEU A 515 30.00 -19.90 32.39
N SER A 516 29.17 -19.31 33.23
CA SER A 516 28.16 -18.38 32.73
C SER A 516 28.80 -17.21 31.98
N PRO A 517 28.07 -16.60 31.03
CA PRO A 517 28.58 -15.39 30.36
C PRO A 517 29.08 -14.30 31.32
N VAL A 518 28.37 -14.08 32.43
CA VAL A 518 28.82 -13.12 33.43
C VAL A 518 30.09 -13.53 34.16
N GLU A 519 30.16 -14.79 34.57
CA GLU A 519 31.37 -15.34 35.21
C GLU A 519 32.54 -15.33 34.26
N ALA A 520 32.27 -15.69 32.99
CA ALA A 520 33.30 -15.74 31.97
C ALA A 520 33.86 -14.36 31.62
N THR A 521 32.99 -13.37 31.59
CA THR A 521 33.38 -11.97 31.30
C THR A 521 34.30 -11.48 32.43
N GLN A 522 33.90 -11.77 33.66
CA GLN A 522 34.65 -11.36 34.84
C GLN A 522 36.04 -11.96 34.85
N LEU A 523 36.15 -13.25 34.64
CA LEU A 523 37.48 -13.91 34.56
C LEU A 523 38.34 -13.32 33.44
N SER A 524 37.72 -13.13 32.28
CA SER A 524 38.42 -12.64 31.14
C SER A 524 38.99 -11.23 31.37
N ILE A 525 38.23 -10.36 32.01
CA ILE A 525 38.67 -9.00 32.20
C ILE A 525 39.67 -8.92 33.35
N ASP A 526 39.51 -9.80 34.36
CA ASP A 526 40.52 -9.93 35.46
C ASP A 526 41.90 -10.29 34.89
N ARG A 527 41.90 -11.29 34.04
CA ARG A 527 43.08 -11.68 33.27
C ARG A 527 43.61 -10.58 32.33
N ILE A 528 42.71 -9.92 31.60
CA ILE A 528 43.12 -8.90 30.64
C ILE A 528 43.87 -7.75 31.31
N ARG A 529 43.40 -7.32 32.47
CA ARG A 529 44.03 -6.22 33.16
C ARG A 529 45.44 -6.56 33.64
N ARG A 530 45.71 -7.83 33.94
CA ARG A 530 47.06 -8.22 34.36
C ARG A 530 47.85 -8.82 33.22
N GLY A 531 47.44 -8.47 31.99
CA GLY A 531 48.27 -8.79 30.80
C GLY A 531 48.14 -10.18 30.24
N GLU A 532 47.09 -10.89 30.63
CA GLU A 532 46.90 -12.27 30.23
C GLU A 532 45.70 -12.46 29.35
N ASP A 533 45.63 -13.64 28.73
CA ASP A 533 44.80 -13.90 27.56
C ASP A 533 43.82 -15.01 27.86
N THR A 534 42.61 -14.92 27.28
CA THR A 534 41.62 -15.92 27.50
C THR A 534 40.73 -16.03 26.27
N ILE A 535 40.58 -17.26 25.73
CA ILE A 535 39.81 -17.46 24.49
C ILE A 535 38.34 -17.57 24.93
N SER A 536 37.43 -16.89 24.24
CA SER A 536 36.01 -16.95 24.58
C SER A 536 35.45 -17.88 23.52
N VAL A 537 34.78 -18.93 23.98
CA VAL A 537 34.11 -19.94 23.17
C VAL A 537 32.61 -19.81 23.33
N THR A 538 31.95 -19.42 22.27
CA THR A 538 30.61 -18.85 22.44
C THR A 538 29.68 -19.20 21.32
N GLY A 539 28.39 -18.93 21.53
CA GLY A 539 27.42 -19.10 20.45
C GLY A 539 27.45 -17.93 19.50
N ASN A 540 26.50 -17.89 18.59
CA ASN A 540 26.50 -17.00 17.45
C ASN A 540 26.35 -15.52 17.75
N VAL A 541 25.41 -15.18 18.63
CA VAL A 541 25.23 -13.81 19.01
C VAL A 541 26.42 -13.28 19.83
N LEU A 542 26.86 -14.02 20.84
CA LEU A 542 28.05 -13.60 21.57
C LEU A 542 29.33 -13.53 20.71
N ARG A 543 29.38 -14.37 19.68
CA ARG A 543 30.41 -14.23 18.66
C ARG A 543 30.34 -12.79 18.12
N ASP A 544 29.19 -12.41 17.56
CA ASP A 544 28.94 -11.09 17.01
C ASP A 544 29.25 -10.01 18.05
N TYR A 545 28.86 -10.19 19.34
CA TYR A 545 29.13 -9.17 20.35
C TYR A 545 30.62 -9.09 20.80
N ASN A 546 31.25 -10.24 21.03
CA ASN A 546 32.60 -10.27 21.63
C ASN A 546 33.64 -9.80 20.63
N THR A 547 33.36 -10.08 19.35
CA THR A 547 34.28 -9.73 18.26
C THR A 547 34.24 -8.22 17.92
N ASP A 548 33.33 -7.47 18.55
CA ASP A 548 33.39 -6.01 18.57
C ASP A 548 33.97 -5.50 19.89
N LEU A 549 33.46 -6.02 21.01
CA LEU A 549 33.72 -5.46 22.31
C LEU A 549 35.21 -5.51 22.70
N PHE A 550 35.82 -6.69 22.60
CA PHE A 550 37.22 -6.85 22.99
C PHE A 550 38.20 -6.13 22.00
N PRO A 551 38.09 -6.33 20.66
CA PRO A 551 38.91 -5.52 19.74
C PRO A 551 38.74 -3.96 19.91
N ILE A 552 37.54 -3.48 20.10
CA ILE A 552 37.42 -2.01 20.30
C ILE A 552 38.18 -1.55 21.56
N LEU A 553 38.10 -2.33 22.62
CA LEU A 553 38.84 -1.99 23.83
C LEU A 553 40.36 -2.15 23.66
N GLU A 554 40.81 -3.28 23.12
CA GLU A 554 42.23 -3.52 22.88
C GLU A 554 42.88 -2.70 21.80
N LEU A 555 42.15 -2.40 20.73
CA LEU A 555 42.75 -1.79 19.54
C LEU A 555 42.13 -0.48 19.04
N GLY A 556 41.02 -0.04 19.63
CA GLY A 556 40.32 1.16 19.19
C GLY A 556 39.34 0.96 18.06
N THR A 557 39.21 -0.28 17.58
CA THR A 557 38.49 -0.55 16.33
C THR A 557 38.27 -2.04 16.20
N SER A 558 37.17 -2.44 15.60
CA SER A 558 37.00 -3.83 15.27
C SER A 558 37.25 -4.10 13.79
N ALA A 559 37.68 -3.09 13.03
CA ALA A 559 37.83 -3.24 11.58
C ALA A 559 39.11 -3.95 11.16
N LYS A 560 39.99 -4.25 12.09
CA LYS A 560 41.27 -4.83 11.69
C LYS A 560 41.48 -6.11 12.49
N MET A 561 41.03 -7.25 11.93
CA MET A 561 40.94 -8.52 12.66
C MET A 561 41.43 -9.66 11.78
N LEU A 562 41.87 -10.76 12.42
CA LEU A 562 42.07 -12.02 11.67
C LEU A 562 40.69 -12.68 11.81
N SER A 563 40.14 -13.13 10.69
CA SER A 563 38.84 -13.80 10.68
C SER A 563 38.99 -15.05 9.80
N VAL A 564 38.84 -16.19 10.44
CA VAL A 564 39.04 -17.49 9.84
C VAL A 564 37.73 -18.23 10.00
N VAL A 565 37.37 -18.98 8.97
CA VAL A 565 36.30 -19.93 9.02
C VAL A 565 36.94 -21.28 8.66
N PRO A 566 37.26 -22.11 9.67
CA PRO A 566 37.77 -23.48 9.46
C PRO A 566 36.65 -24.24 8.84
N LEU A 567 36.85 -24.74 7.63
CA LEU A 567 35.76 -25.32 6.87
C LEU A 567 35.51 -26.76 7.36
N MET A 568 34.28 -27.23 7.18
CA MET A 568 33.81 -28.52 7.71
C MET A 568 34.70 -29.69 7.27
N ALA A 569 35.05 -29.72 5.98
CA ALA A 569 35.85 -30.82 5.41
C ALA A 569 37.33 -30.65 5.64
N GLY A 570 37.73 -29.66 6.44
CA GLY A 570 39.12 -29.48 6.86
C GLY A 570 39.94 -28.40 6.18
N GLY A 571 39.34 -27.74 5.18
CA GLY A 571 39.95 -26.59 4.58
C GLY A 571 39.82 -25.34 5.42
N GLY A 572 40.22 -24.23 4.83
CA GLY A 572 40.13 -22.94 5.49
C GLY A 572 39.73 -21.80 4.55
N LEU A 573 38.99 -20.85 5.10
CA LEU A 573 38.60 -19.61 4.43
C LEU A 573 39.10 -18.47 5.30
N PHE A 574 39.84 -17.54 4.68
CA PHE A 574 40.53 -16.48 5.40
C PHE A 574 39.98 -15.14 4.88
N GLU A 575 39.11 -14.49 5.68
CA GLU A 575 38.45 -13.31 5.23
C GLU A 575 39.25 -12.08 5.65
N THR A 576 39.55 -11.27 4.67
CA THR A 576 40.52 -10.19 4.84
C THR A 576 39.87 -9.00 5.50
N GLY A 577 38.54 -8.91 5.48
CA GLY A 577 37.94 -7.70 5.87
C GLY A 577 36.46 -7.86 5.87
N ALA A 578 35.81 -7.11 6.73
CA ALA A 578 34.37 -7.19 6.85
C ALA A 578 33.64 -6.01 6.22
N GLY A 579 34.39 -5.02 5.74
CA GLY A 579 33.75 -3.87 5.10
C GLY A 579 33.38 -4.13 3.64
N GLY A 580 33.05 -3.06 2.95
CA GLY A 580 32.65 -3.13 1.55
C GLY A 580 33.87 -2.88 0.73
N SER A 581 33.67 -2.66 -0.58
CA SER A 581 34.76 -2.61 -1.54
C SER A 581 35.15 -1.14 -1.99
N ALA A 582 34.66 -0.17 -1.23
CA ALA A 582 35.18 1.23 -1.23
C ALA A 582 35.10 1.96 -2.59
N PRO A 583 33.88 2.21 -3.06
CA PRO A 583 33.71 2.89 -4.34
C PRO A 583 34.43 4.25 -4.44
N LYS A 584 34.49 4.98 -3.35
CA LYS A 584 35.19 6.28 -3.37
C LYS A 584 36.68 6.10 -3.62
N HIS A 585 37.21 4.93 -3.25
CA HIS A 585 38.61 4.64 -3.48
C HIS A 585 38.88 4.52 -4.96
N VAL A 586 37.92 3.96 -5.71
CA VAL A 586 38.07 3.84 -7.15
C VAL A 586 37.97 5.22 -7.80
N GLN A 587 37.01 6.03 -7.34
CA GLN A 587 36.88 7.38 -7.84
C GLN A 587 38.20 8.08 -7.76
N GLN A 588 38.92 7.92 -6.66
CA GLN A 588 40.16 8.68 -6.47
C GLN A 588 41.22 8.26 -7.49
N VAL A 589 41.24 6.98 -7.81
CA VAL A 589 42.21 6.47 -8.77
C VAL A 589 41.82 7.00 -10.15
N GLN A 590 40.53 7.08 -10.47
CA GLN A 590 40.06 7.63 -11.73
C GLN A 590 40.47 9.09 -11.86
N GLU A 591 40.41 9.79 -10.74
CA GLU A 591 40.64 11.22 -10.74
C GLU A 591 42.13 11.56 -10.71
N GLU A 592 42.92 10.86 -9.91
CA GLU A 592 44.33 11.26 -9.71
C GLU A 592 45.30 10.11 -9.44
N ASN A 593 44.92 8.89 -9.81
CA ASN A 593 45.75 7.67 -9.72
C ASN A 593 46.44 7.52 -8.37
N HIS A 594 45.68 7.74 -7.30
CA HIS A 594 46.11 7.42 -5.93
C HIS A 594 45.12 6.42 -5.35
N LEU A 595 45.57 5.21 -4.98
CA LEU A 595 44.69 4.20 -4.35
C LEU A 595 44.97 4.16 -2.84
N ARG A 596 44.01 4.58 -2.04
CA ARG A 596 44.16 4.68 -0.60
C ARG A 596 43.73 3.43 0.19
N TRP A 597 43.21 2.46 -0.53
CA TRP A 597 42.83 1.14 0.01
C TRP A 597 43.93 0.48 0.82
N ASP A 598 43.60 0.09 2.04
CA ASP A 598 44.60 -0.53 2.97
C ASP A 598 44.54 -2.04 2.86
N SER A 599 45.64 -2.65 2.43
CA SER A 599 45.74 -4.06 2.21
C SER A 599 46.15 -4.83 3.47
N LEU A 600 46.19 -4.18 4.64
CA LEU A 600 46.68 -4.83 5.88
C LEU A 600 45.99 -6.19 6.13
N GLY A 601 44.68 -6.19 5.97
CA GLY A 601 43.88 -7.38 6.19
C GLY A 601 44.23 -8.50 5.27
N GLU A 602 44.64 -8.17 4.05
CA GLU A 602 45.14 -9.14 3.13
C GLU A 602 46.48 -9.75 3.59
N PHE A 603 47.42 -8.92 4.04
CA PHE A 603 48.70 -9.44 4.54
C PHE A 603 48.49 -10.37 5.71
N LEU A 604 47.59 -10.01 6.64
CA LEU A 604 47.30 -10.87 7.77
C LEU A 604 46.61 -12.18 7.46
N ALA A 605 45.59 -12.15 6.61
CA ALA A 605 44.92 -13.38 6.24
C ALA A 605 45.92 -14.28 5.49
N LEU A 606 46.78 -13.69 4.68
CA LEU A 606 47.77 -14.49 3.95
C LEU A 606 48.68 -15.28 4.85
N ALA A 607 49.22 -14.63 5.88
CA ALA A 607 50.02 -15.34 6.87
C ALA A 607 49.23 -16.50 7.51
N GLU A 608 47.97 -16.29 7.90
CA GLU A 608 47.22 -17.41 8.41
C GLU A 608 46.99 -18.54 7.35
N SER A 609 46.74 -18.16 6.10
CA SER A 609 46.64 -19.14 4.99
C SER A 609 47.89 -20.03 4.85
N PHE A 610 49.06 -19.42 4.94
CA PHE A 610 50.31 -20.18 5.03
C PHE A 610 50.38 -21.12 6.26
N ARG A 611 49.93 -20.65 7.42
CA ARG A 611 49.85 -21.50 8.63
C ARG A 611 48.92 -22.73 8.48
N HIS A 612 47.83 -22.58 7.75
CA HIS A 612 46.95 -23.69 7.43
C HIS A 612 47.72 -24.78 6.69
N GLU A 613 48.56 -24.41 5.74
CA GLU A 613 49.31 -25.35 4.96
C GLU A 613 50.34 -26.03 5.87
N LEU A 614 50.97 -25.22 6.72
CA LEU A 614 51.88 -25.75 7.74
C LEU A 614 51.19 -26.74 8.68
N ASN A 615 50.10 -26.30 9.30
CA ASN A 615 49.44 -27.15 10.31
C ASN A 615 48.65 -28.34 9.76
N ASN A 616 47.98 -28.18 8.62
CA ASN A 616 47.10 -29.24 8.16
C ASN A 616 47.66 -30.09 7.05
N ASN A 617 48.61 -29.54 6.29
CA ASN A 617 49.16 -30.22 5.14
C ASN A 617 50.66 -30.46 5.25
N GLY A 618 51.25 -30.17 6.42
CA GLY A 618 52.64 -30.54 6.71
C GLY A 618 53.73 -29.71 6.07
N ASN A 619 53.34 -28.54 5.56
CA ASN A 619 54.21 -27.71 4.77
C ASN A 619 55.15 -26.86 5.61
N THR A 620 56.36 -27.36 5.90
CA THR A 620 57.27 -26.63 6.77
C THR A 620 57.73 -25.30 6.14
N LYS A 621 57.98 -25.25 4.84
CA LYS A 621 58.37 -23.96 4.24
C LYS A 621 57.28 -22.86 4.32
N ALA A 622 56.01 -23.24 4.23
CA ALA A 622 54.92 -22.30 4.41
C ALA A 622 55.01 -21.63 5.76
N GLY A 623 55.43 -22.40 6.76
CA GLY A 623 55.60 -21.86 8.10
C GLY A 623 56.71 -20.81 8.14
N VAL A 624 57.77 -21.05 7.41
CA VAL A 624 58.86 -20.09 7.27
C VAL A 624 58.39 -18.81 6.58
N LEU A 625 57.63 -18.97 5.49
CA LEU A 625 57.03 -17.84 4.79
C LEU A 625 56.14 -17.05 5.72
N ALA A 626 55.34 -17.74 6.53
CA ALA A 626 54.40 -17.05 7.49
C ALA A 626 55.12 -16.25 8.57
N ASP A 627 56.14 -16.86 9.17
CA ASP A 627 56.97 -16.19 10.19
C ASP A 627 57.60 -14.90 9.65
N ALA A 628 58.16 -14.96 8.44
CA ALA A 628 58.75 -13.78 7.80
C ALA A 628 57.70 -12.73 7.45
N LEU A 629 56.55 -13.18 6.99
CA LEU A 629 55.52 -12.28 6.68
C LEU A 629 54.99 -11.54 7.93
N ASP A 630 54.90 -12.22 9.09
CA ASP A 630 54.49 -11.56 10.32
C ASP A 630 55.43 -10.39 10.64
N LYS A 631 56.74 -10.65 10.58
CA LYS A 631 57.75 -9.67 10.89
C LYS A 631 57.72 -8.51 9.85
N ALA A 632 57.55 -8.83 8.57
CA ALA A 632 57.43 -7.80 7.51
C ALA A 632 56.22 -6.87 7.75
N THR A 633 55.09 -7.46 8.09
CA THR A 633 53.92 -6.66 8.49
C THR A 633 54.16 -5.73 9.68
N GLU A 634 54.81 -6.23 10.74
CA GLU A 634 55.12 -5.43 11.87
C GLU A 634 55.97 -4.20 11.48
N LYS A 635 56.93 -4.41 10.58
CA LYS A 635 57.84 -3.33 10.13
C LYS A 635 57.12 -2.30 9.28
N LEU A 636 56.22 -2.77 8.41
CA LEU A 636 55.43 -1.85 7.60
C LEU A 636 54.63 -0.90 8.51
N LEU A 637 54.00 -1.42 9.55
CA LEU A 637 53.22 -0.60 10.51
C LEU A 637 54.16 0.30 11.34
N ASN A 638 55.31 -0.25 11.72
CA ASN A 638 56.31 0.50 12.46
C ASN A 638 56.77 1.79 11.73
N GLU A 639 56.93 1.68 10.43
CA GLU A 639 57.34 2.80 9.58
C GLU A 639 56.13 3.59 9.03
N GLU A 640 54.94 3.21 9.49
CA GLU A 640 53.70 3.79 9.04
C GLU A 640 53.66 3.86 7.50
N LYS A 641 53.87 2.72 6.83
CA LYS A 641 53.91 2.65 5.35
C LYS A 641 52.61 2.06 4.80
N SER A 642 51.56 2.09 5.61
CA SER A 642 50.24 1.85 5.06
C SER A 642 49.88 3.06 4.18
N PRO A 643 48.90 2.91 3.26
CA PRO A 643 48.62 4.04 2.34
C PRO A 643 48.16 5.32 2.97
N SER A 644 48.63 6.45 2.45
CA SER A 644 48.10 7.75 2.86
C SER A 644 46.76 7.95 2.13
N ARG A 645 45.90 8.83 2.62
CA ARG A 645 44.70 9.24 1.86
C ARG A 645 45.08 10.17 0.68
N LYS A 646 46.27 10.77 0.76
CA LYS A 646 46.56 11.98 -0.04
C LYS A 646 47.41 11.68 -1.25
N VAL A 647 47.05 12.32 -2.38
CA VAL A 647 47.78 12.23 -3.64
C VAL A 647 49.20 12.75 -3.49
N GLY A 648 50.12 12.06 -4.15
CA GLY A 648 51.52 12.41 -4.07
C GLY A 648 52.25 11.71 -2.92
N GLU A 649 51.48 11.03 -2.05
CA GLU A 649 52.06 10.34 -0.88
C GLU A 649 51.88 8.84 -1.10
N ILE A 650 52.50 8.02 -0.25
CA ILE A 650 52.46 6.58 -0.43
C ILE A 650 51.03 6.06 -0.59
N ASP A 651 50.87 5.20 -1.57
CA ASP A 651 49.56 4.62 -1.79
C ASP A 651 49.57 3.08 -1.71
N ASN A 652 48.47 2.45 -2.09
CA ASN A 652 48.36 0.99 -2.03
C ASN A 652 49.52 0.24 -2.72
N ARG A 653 49.93 0.68 -3.92
CA ARG A 653 51.04 0.07 -4.65
C ARG A 653 52.37 0.21 -3.90
N GLY A 654 52.60 1.40 -3.38
CA GLY A 654 53.77 1.64 -2.53
C GLY A 654 53.82 0.76 -1.28
N SER A 655 52.69 0.58 -0.60
CA SER A 655 52.64 -0.28 0.59
C SER A 655 53.01 -1.71 0.20
N HIS A 656 52.60 -2.14 -1.00
CA HIS A 656 52.89 -3.48 -1.45
C HIS A 656 54.36 -3.64 -1.69
N PHE A 657 54.98 -2.63 -2.33
CA PHE A 657 56.43 -2.63 -2.50
C PHE A 657 57.21 -2.81 -1.20
N TRP A 658 56.90 -1.98 -0.19
CA TRP A 658 57.65 -2.00 1.11
C TRP A 658 57.39 -3.29 1.89
N LEU A 659 56.19 -3.82 1.75
CA LEU A 659 55.85 -5.06 2.39
C LEU A 659 56.68 -6.19 1.77
N THR A 660 56.83 -6.16 0.43
CA THR A 660 57.60 -7.17 -0.33
C THR A 660 59.12 -7.08 -0.03
N LYS A 661 59.63 -5.86 0.06
CA LYS A 661 61.02 -5.60 0.47
C LYS A 661 61.30 -6.15 1.87
N PHE A 662 60.46 -5.85 2.85
CA PHE A 662 60.66 -6.32 4.23
C PHE A 662 60.49 -7.86 4.35
N TRP A 663 59.55 -8.44 3.60
CA TRP A 663 59.29 -9.87 3.66
C TRP A 663 60.51 -10.61 3.06
N ALA A 664 61.02 -10.12 1.92
CA ALA A 664 62.24 -10.69 1.33
C ALA A 664 63.43 -10.57 2.28
N ASP A 665 63.59 -9.41 2.90
CA ASP A 665 64.68 -9.26 3.86
C ASP A 665 64.63 -10.33 4.97
N GLU A 666 63.45 -10.58 5.49
CA GLU A 666 63.30 -11.51 6.59
C GLU A 666 63.59 -12.93 6.14
N LEU A 667 63.16 -13.26 4.91
CA LEU A 667 63.41 -14.60 4.34
C LEU A 667 64.89 -14.87 4.09
N ALA A 668 65.60 -13.83 3.66
CA ALA A 668 67.05 -13.91 3.49
C ALA A 668 67.83 -14.00 4.83
N ALA A 669 67.23 -13.49 5.91
CA ALA A 669 67.94 -13.39 7.21
C ALA A 669 67.65 -14.57 8.11
N GLN A 670 66.56 -15.26 7.86
CA GLN A 670 66.21 -16.43 8.71
C GLN A 670 67.15 -17.62 8.47
N THR A 671 67.38 -18.45 9.50
CA THR A 671 68.28 -19.57 9.38
C THR A 671 67.57 -20.90 9.62
N GLU A 672 66.24 -20.89 9.53
CA GLU A 672 65.46 -22.10 9.75
C GLU A 672 65.46 -23.00 8.49
N ASP A 673 65.59 -22.38 7.32
CA ASP A 673 65.58 -23.07 6.03
C ASP A 673 66.60 -22.38 5.14
N ALA A 674 67.78 -22.97 5.10
CA ALA A 674 68.92 -22.40 4.37
C ALA A 674 68.63 -22.25 2.90
N ASP A 675 67.83 -23.15 2.34
CA ASP A 675 67.50 -23.09 0.89
C ASP A 675 66.56 -21.94 0.58
N LEU A 676 65.54 -21.72 1.40
CA LEU A 676 64.73 -20.54 1.25
C LEU A 676 65.59 -19.27 1.38
N ALA A 677 66.53 -19.27 2.32
CA ALA A 677 67.40 -18.11 2.54
C ALA A 677 68.20 -17.75 1.27
N ALA A 678 68.74 -18.75 0.60
CA ALA A 678 69.54 -18.53 -0.61
C ALA A 678 68.67 -18.07 -1.75
N THR A 679 67.41 -18.51 -1.75
CA THR A 679 66.48 -18.09 -2.81
C THR A 679 66.17 -16.61 -2.67
N PHE A 680 65.95 -16.17 -1.44
CA PHE A 680 65.56 -14.80 -1.21
C PHE A 680 66.71 -13.78 -1.00
N ALA A 681 67.96 -14.24 -0.80
CA ALA A 681 69.07 -13.33 -0.63
C ALA A 681 69.23 -12.33 -1.82
N PRO A 682 69.21 -12.85 -3.05
CA PRO A 682 69.30 -11.95 -4.21
C PRO A 682 68.03 -11.12 -4.47
N VAL A 683 66.88 -11.68 -4.21
CA VAL A 683 65.62 -10.93 -4.21
C VAL A 683 65.74 -9.71 -3.26
N ALA A 684 66.10 -9.95 -2.02
CA ALA A 684 66.27 -8.87 -1.04
C ALA A 684 67.31 -7.85 -1.52
N GLU A 685 68.43 -8.32 -2.07
CA GLU A 685 69.45 -7.41 -2.53
C GLU A 685 68.94 -6.52 -3.66
N ALA A 686 68.19 -7.10 -4.59
CA ALA A 686 67.61 -6.35 -5.69
C ALA A 686 66.63 -5.29 -5.25
N LEU A 687 65.77 -5.66 -4.31
CA LEU A 687 64.76 -4.74 -3.84
C LEU A 687 65.40 -3.60 -3.01
N ASN A 688 66.43 -3.91 -2.22
CA ASN A 688 67.17 -2.90 -1.46
C ASN A 688 67.92 -1.93 -2.36
N THR A 689 68.74 -2.45 -3.28
CA THR A 689 69.43 -1.56 -4.14
C THR A 689 68.45 -0.66 -4.92
N GLY A 690 67.30 -1.20 -5.29
CA GLY A 690 66.35 -0.51 -6.16
C GLY A 690 65.29 0.30 -5.48
N ALA A 691 65.22 0.19 -4.14
CA ALA A 691 64.15 0.80 -3.35
C ALA A 691 64.00 2.30 -3.59
N ALA A 692 65.09 3.09 -3.53
CA ALA A 692 64.97 4.56 -3.72
C ALA A 692 64.27 4.84 -5.04
N ASP A 693 64.72 4.17 -6.10
CA ASP A 693 64.19 4.40 -7.45
C ASP A 693 62.75 3.89 -7.60
N ILE A 694 62.47 2.67 -7.11
CA ILE A 694 61.13 2.09 -7.23
C ILE A 694 60.13 2.92 -6.44
N ASP A 695 60.50 3.33 -5.24
CA ASP A 695 59.57 4.14 -4.41
C ASP A 695 59.24 5.50 -5.12
N ALA A 696 60.28 6.18 -5.62
CA ALA A 696 60.09 7.47 -6.30
C ALA A 696 59.16 7.29 -7.51
N ALA A 697 59.34 6.19 -8.23
CA ALA A 697 58.54 5.91 -9.41
C ALA A 697 57.06 5.69 -9.07
N LEU A 698 56.80 5.01 -7.97
CA LEU A 698 55.43 4.73 -7.53
C LEU A 698 54.73 6.00 -7.03
N LEU A 699 55.51 6.95 -6.57
CA LEU A 699 54.98 8.31 -6.30
C LEU A 699 54.74 9.09 -7.60
N ALA A 700 55.64 8.91 -8.57
CA ALA A 700 55.60 9.70 -9.80
C ALA A 700 54.42 9.38 -10.72
N VAL A 701 53.90 8.15 -10.64
CA VAL A 701 52.76 7.78 -11.49
C VAL A 701 51.47 8.45 -11.05
N GLN A 702 51.47 9.05 -9.85
CA GLN A 702 50.26 9.66 -9.31
C GLN A 702 50.03 11.09 -9.83
N GLY A 703 48.79 11.55 -9.81
CA GLY A 703 48.49 12.96 -10.09
C GLY A 703 47.39 13.20 -11.11
N GLY A 704 47.31 12.37 -12.14
CA GLY A 704 46.39 12.65 -13.25
C GLY A 704 45.26 11.65 -13.46
N ALA A 705 44.29 12.04 -14.30
CA ALA A 705 43.14 11.22 -14.57
C ALA A 705 43.57 9.87 -15.17
N THR A 706 42.89 8.81 -14.80
CA THR A 706 43.28 7.46 -15.19
C THR A 706 42.09 6.73 -15.77
N ASP A 707 42.31 5.96 -16.84
CA ASP A 707 41.23 5.28 -17.60
C ASP A 707 41.26 3.76 -17.33
N LEU A 708 40.26 3.26 -16.60
CA LEU A 708 40.19 1.84 -16.28
C LEU A 708 39.52 0.97 -17.34
N GLY A 709 38.88 1.60 -18.31
CA GLY A 709 38.21 0.87 -19.38
C GLY A 709 36.85 0.34 -19.00
N GLY A 710 36.31 0.81 -17.89
CA GLY A 710 35.08 0.26 -17.31
C GLY A 710 35.07 0.54 -15.82
N TYR A 711 34.12 -0.07 -15.11
CA TYR A 711 33.95 0.14 -13.66
C TYR A 711 33.66 -1.18 -12.97
N TYR A 712 32.48 -1.75 -13.21
CA TYR A 712 32.17 -3.15 -12.84
C TYR A 712 32.95 -4.20 -13.69
N SER A 713 33.25 -3.82 -14.93
CA SER A 713 33.96 -4.67 -15.90
C SER A 713 35.14 -3.93 -16.51
N PRO A 714 36.16 -3.65 -15.70
CA PRO A 714 37.29 -2.90 -16.20
C PRO A 714 38.10 -3.73 -17.21
N ASN A 715 38.92 -3.03 -17.99
CA ASN A 715 39.73 -3.65 -19.00
C ASN A 715 40.97 -4.24 -18.37
N GLU A 716 41.22 -5.51 -18.63
CA GLU A 716 42.29 -6.19 -17.94
C GLU A 716 43.66 -5.61 -18.31
N GLU A 717 43.88 -5.33 -19.59
CA GLU A 717 45.14 -4.70 -20.04
C GLU A 717 45.40 -3.34 -19.34
N LYS A 718 44.40 -2.49 -19.28
CA LYS A 718 44.50 -1.19 -18.59
C LYS A 718 44.79 -1.32 -17.09
N LEU A 719 44.16 -2.30 -16.42
CA LEU A 719 44.33 -2.45 -14.99
C LEU A 719 45.71 -2.96 -14.66
N THR A 720 46.20 -3.87 -15.49
CA THR A 720 47.56 -4.38 -15.29
C THR A 720 48.59 -3.25 -15.35
N ASN A 721 48.58 -2.47 -16.46
CA ASN A 721 49.50 -1.33 -16.68
C ASN A 721 49.40 -0.30 -15.58
N ILE A 722 48.18 -0.03 -15.13
CA ILE A 722 47.99 0.93 -14.04
C ILE A 722 48.51 0.42 -12.67
N MET A 723 48.27 -0.85 -12.35
CA MET A 723 48.49 -1.31 -10.99
C MET A 723 49.90 -1.95 -10.86
N ARG A 724 50.48 -2.27 -12.02
CA ARG A 724 51.88 -2.74 -12.04
C ARG A 724 52.80 -1.84 -12.89
N PRO A 725 52.94 -0.55 -12.51
CA PRO A 725 53.55 0.37 -13.44
C PRO A 725 55.08 0.45 -13.48
N VAL A 726 55.79 -0.18 -12.53
CA VAL A 726 57.24 0.00 -12.46
C VAL A 726 57.94 -1.26 -12.92
N ALA A 727 58.57 -1.19 -14.09
CA ALA A 727 59.16 -2.41 -14.67
C ALA A 727 60.28 -2.98 -13.78
N GLN A 728 61.00 -2.11 -13.07
CA GLN A 728 62.13 -2.56 -12.25
C GLN A 728 61.68 -3.50 -11.13
N PHE A 729 60.53 -3.19 -10.58
CA PHE A 729 59.96 -4.01 -9.51
C PHE A 729 59.37 -5.27 -10.13
N ASN A 730 58.56 -5.10 -11.18
CA ASN A 730 57.92 -6.26 -11.83
C ASN A 730 58.98 -7.28 -12.27
N GLU A 731 60.13 -6.80 -12.67
CA GLU A 731 61.16 -7.71 -13.19
C GLU A 731 61.72 -8.61 -12.07
N ILE A 732 61.86 -8.04 -10.89
CA ILE A 732 62.34 -8.77 -9.72
C ILE A 732 61.33 -9.84 -9.24
N VAL A 733 60.07 -9.45 -9.14
CA VAL A 733 59.01 -10.36 -8.75
C VAL A 733 58.88 -11.50 -9.77
N ASP A 734 58.82 -11.16 -11.06
CA ASP A 734 58.55 -12.16 -12.12
C ASP A 734 59.71 -13.11 -12.35
N ALA A 735 60.91 -12.72 -11.93
CA ALA A 735 62.08 -13.58 -12.05
C ALA A 735 62.14 -14.64 -10.94
N LEU A 736 61.69 -14.32 -9.74
CA LEU A 736 61.80 -15.23 -8.60
C LEU A 736 61.18 -16.59 -8.90
N ALA B 2 -53.38 5.78 9.12
CA ALA B 2 -51.90 5.93 9.02
C ALA B 2 -51.56 7.32 8.48
N LYS B 3 -50.29 7.56 8.16
CA LYS B 3 -49.85 8.88 7.77
C LYS B 3 -48.90 8.87 6.57
N ILE B 4 -49.18 9.71 5.59
CA ILE B 4 -48.32 9.88 4.43
C ILE B 4 -47.48 11.13 4.59
N ILE B 5 -46.16 10.98 4.52
CA ILE B 5 -45.25 12.12 4.60
C ILE B 5 -44.99 12.66 3.22
N TRP B 6 -45.29 13.93 3.00
CA TRP B 6 -45.04 14.61 1.74
C TRP B 6 -43.86 15.54 1.90
N THR B 7 -42.77 15.25 1.20
CA THR B 7 -41.52 15.98 1.41
C THR B 7 -41.59 17.39 0.85
N ARG B 8 -41.29 18.35 1.72
CA ARG B 8 -41.10 19.75 1.32
C ARG B 8 -39.67 19.89 0.86
N THR B 9 -39.49 20.16 -0.44
CA THR B 9 -38.14 20.14 -1.03
C THR B 9 -37.69 21.51 -1.45
N ASP B 10 -37.37 21.68 -2.73
CA ASP B 10 -36.76 22.92 -3.23
C ASP B 10 -37.38 23.37 -4.55
N GLU B 11 -37.23 24.66 -4.85
CA GLU B 11 -37.48 25.20 -6.17
C GLU B 11 -38.81 24.74 -6.78
N ALA B 12 -38.78 24.21 -8.00
CA ALA B 12 -40.02 23.98 -8.74
C ALA B 12 -41.01 23.11 -7.98
N PRO B 13 -40.62 21.89 -7.53
CA PRO B 13 -41.54 21.03 -6.77
C PRO B 13 -41.97 21.62 -5.42
N LEU B 14 -41.16 22.51 -4.86
CA LEU B 14 -41.56 23.25 -3.65
C LEU B 14 -42.80 24.04 -3.95
N LEU B 15 -42.73 24.85 -5.00
CA LEU B 15 -43.91 25.63 -5.39
C LEU B 15 -45.10 24.70 -5.61
N ALA B 16 -44.89 23.65 -6.39
CA ALA B 16 -45.99 22.77 -6.78
C ALA B 16 -46.61 22.16 -5.54
N THR B 17 -45.78 21.93 -4.54
CA THR B 17 -46.28 21.39 -3.28
C THR B 17 -47.27 22.31 -2.58
N TYR B 18 -47.08 23.63 -2.71
CA TYR B 18 -47.95 24.56 -2.01
C TYR B 18 -49.32 24.62 -2.66
N SER B 19 -49.36 24.29 -3.96
CA SER B 19 -50.63 24.19 -4.67
C SER B 19 -51.33 22.86 -4.36
N LEU B 20 -50.58 21.75 -4.44
CA LEU B 20 -51.15 20.40 -4.52
C LEU B 20 -51.33 19.63 -3.20
N LYS B 21 -50.45 19.82 -2.24
CA LYS B 21 -50.53 19.05 -1.00
C LYS B 21 -51.83 19.28 -0.22
N PRO B 22 -52.33 20.53 -0.19
CA PRO B 22 -53.59 20.75 0.50
C PRO B 22 -54.74 19.91 -0.07
N VAL B 23 -54.73 19.72 -1.39
CA VAL B 23 -55.77 18.97 -2.04
C VAL B 23 -55.63 17.49 -1.70
N VAL B 24 -54.40 16.99 -1.78
CA VAL B 24 -54.11 15.59 -1.47
C VAL B 24 -54.44 15.30 -0.01
N GLU B 25 -54.21 16.28 0.85
CA GLU B 25 -54.50 16.16 2.27
C GLU B 25 -56.01 16.05 2.49
N ALA B 26 -56.76 16.83 1.72
CA ALA B 26 -58.21 16.90 1.89
C ALA B 26 -58.85 15.61 1.40
N PHE B 27 -58.37 15.13 0.25
CA PHE B 27 -58.83 13.87 -0.31
C PHE B 27 -58.44 12.65 0.54
N ALA B 28 -57.19 12.62 1.01
CA ALA B 28 -56.70 11.47 1.78
C ALA B 28 -57.46 11.31 3.09
N ALA B 29 -57.81 12.44 3.70
CA ALA B 29 -58.55 12.44 4.95
C ALA B 29 -59.83 11.60 4.87
N THR B 30 -60.51 11.58 3.73
CA THR B 30 -61.75 10.79 3.59
C THR B 30 -61.49 9.28 3.64
N ALA B 31 -60.22 8.87 3.67
CA ALA B 31 -59.86 7.47 3.87
C ALA B 31 -59.16 7.24 5.22
N GLY B 32 -59.36 8.19 6.13
CA GLY B 32 -58.75 8.11 7.46
C GLY B 32 -57.24 8.30 7.48
N ILE B 33 -56.68 8.87 6.39
CA ILE B 33 -55.24 9.05 6.27
C ILE B 33 -54.82 10.51 6.44
N GLU B 34 -53.76 10.72 7.21
CA GLU B 34 -53.20 12.05 7.42
C GLU B 34 -52.00 12.26 6.51
N VAL B 35 -51.87 13.48 5.97
CA VAL B 35 -50.77 13.83 5.08
C VAL B 35 -50.04 15.05 5.62
N GLU B 36 -48.80 14.86 6.07
CA GLU B 36 -48.01 15.94 6.68
C GLU B 36 -46.75 16.17 5.87
N THR B 37 -46.31 17.42 5.80
CA THR B 37 -45.03 17.70 5.15
C THR B 37 -43.91 17.74 6.17
N ARG B 38 -42.74 17.25 5.77
CA ARG B 38 -41.53 17.37 6.55
C ARG B 38 -40.51 18.09 5.68
N ASP B 39 -39.75 19.01 6.27
CA ASP B 39 -38.89 19.89 5.49
C ASP B 39 -37.50 19.31 5.27
N ILE B 40 -37.21 18.90 4.04
CA ILE B 40 -35.86 18.48 3.66
C ILE B 40 -35.21 19.43 2.63
N SER B 41 -35.66 20.68 2.63
CA SER B 41 -35.07 21.71 1.79
C SER B 41 -33.59 21.91 2.11
N LEU B 42 -32.83 22.36 1.12
CA LEU B 42 -31.40 22.69 1.32
C LEU B 42 -31.26 23.67 2.47
N ALA B 43 -32.13 24.68 2.49
CA ALA B 43 -32.13 25.69 3.55
C ALA B 43 -32.40 25.11 4.92
N GLY B 44 -33.46 24.31 5.06
CA GLY B 44 -33.77 23.66 6.33
C GLY B 44 -32.65 22.76 6.82
N ARG B 45 -31.99 22.09 5.88
CA ARG B 45 -30.93 21.14 6.22
C ARG B 45 -29.65 21.86 6.64
N ILE B 46 -29.43 23.06 6.12
CA ILE B 46 -28.33 23.90 6.59
C ILE B 46 -28.59 24.33 8.04
N LEU B 47 -29.82 24.77 8.31
CA LEU B 47 -30.14 25.29 9.63
C LEU B 47 -30.01 24.20 10.68
N ALA B 48 -30.30 22.97 10.30
CA ALA B 48 -30.23 21.83 11.21
C ALA B 48 -28.80 21.51 11.63
N GLN B 49 -27.84 21.82 10.79
CA GLN B 49 -26.42 21.58 11.11
C GLN B 49 -25.79 22.61 12.04
N PHE B 50 -26.46 23.74 12.29
CA PHE B 50 -25.87 24.84 13.06
C PHE B 50 -26.83 25.46 14.07
N PRO B 51 -27.35 24.65 15.00
CA PRO B 51 -28.31 25.12 15.99
C PRO B 51 -27.66 25.95 17.10
N GLU B 52 -26.33 25.89 17.21
CA GLU B 52 -25.66 26.58 18.29
C GLU B 52 -25.54 28.09 18.03
N ARG B 53 -25.78 28.50 16.80
CA ARG B 53 -25.71 29.92 16.44
C ARG B 53 -27.09 30.56 16.27
N LEU B 54 -28.15 29.79 16.51
CA LEU B 54 -29.50 30.28 16.30
C LEU B 54 -30.25 30.64 17.58
N THR B 55 -31.19 31.57 17.44
CA THR B 55 -32.05 31.99 18.54
C THR B 55 -33.08 30.91 18.83
N GLU B 56 -33.69 30.99 20.01
CA GLU B 56 -34.69 30.02 20.43
C GLU B 56 -35.69 29.69 19.31
N ASP B 57 -36.18 30.72 18.63
CA ASP B 57 -37.24 30.56 17.64
C ASP B 57 -36.75 30.25 16.21
N GLN B 58 -35.48 30.54 15.93
CA GLN B 58 -34.91 30.30 14.59
C GLN B 58 -34.70 28.81 14.32
N LYS B 59 -34.71 27.99 15.40
CA LYS B 59 -34.33 26.57 15.32
C LYS B 59 -35.39 25.70 14.65
N VAL B 60 -34.93 24.70 13.90
CA VAL B 60 -35.77 24.05 12.90
C VAL B 60 -36.05 22.56 13.18
N GLY B 61 -35.09 21.85 13.76
CA GLY B 61 -35.24 20.41 14.00
C GLY B 61 -34.72 19.62 12.82
N ASN B 62 -34.01 18.52 13.10
CA ASN B 62 -33.32 17.76 12.07
C ASN B 62 -34.24 16.82 11.28
N ALA B 63 -35.04 17.39 10.39
CA ALA B 63 -36.07 16.63 9.68
C ALA B 63 -35.52 15.42 8.89
N LEU B 64 -34.32 15.55 8.33
CA LEU B 64 -33.78 14.46 7.51
C LEU B 64 -33.49 13.22 8.35
N ALA B 65 -32.89 13.41 9.51
CA ALA B 65 -32.55 12.28 10.38
C ALA B 65 -33.81 11.59 10.94
N GLU B 66 -34.88 12.36 11.11
CA GLU B 66 -36.12 11.82 11.68
C GLU B 66 -36.84 10.98 10.62
N LEU B 67 -36.74 11.43 9.38
CA LEU B 67 -37.31 10.69 8.27
C LEU B 67 -36.51 9.42 8.03
N GLY B 68 -35.20 9.48 8.28
CA GLY B 68 -34.35 8.31 8.20
C GLY B 68 -34.81 7.27 9.21
N GLU B 69 -35.09 7.71 10.43
CA GLU B 69 -35.57 6.81 11.48
C GLU B 69 -36.96 6.26 11.15
N LEU B 70 -37.87 7.12 10.69
CA LEU B 70 -39.22 6.68 10.29
C LEU B 70 -39.12 5.57 9.25
N ALA B 71 -38.22 5.73 8.29
CA ALA B 71 -38.05 4.79 7.19
C ALA B 71 -37.56 3.42 7.65
N LYS B 72 -37.14 3.32 8.92
CA LYS B 72 -36.70 2.05 9.50
C LYS B 72 -37.80 1.40 10.34
N THR B 73 -39.00 1.96 10.34
CA THR B 73 -40.14 1.37 11.03
C THR B 73 -41.23 1.05 10.01
N PRO B 74 -42.08 0.05 10.30
CA PRO B 74 -43.15 -0.36 9.37
C PRO B 74 -44.11 0.77 8.99
N GLU B 75 -44.17 1.79 9.83
CA GLU B 75 -45.15 2.87 9.64
C GLU B 75 -44.85 3.83 8.47
N ALA B 76 -43.68 3.72 7.85
CA ALA B 76 -43.27 4.68 6.83
C ALA B 76 -44.12 4.58 5.56
N ASN B 77 -44.71 5.70 5.18
CA ASN B 77 -45.25 5.87 3.85
C ASN B 77 -44.85 7.29 3.44
N ILE B 78 -43.74 7.38 2.70
CA ILE B 78 -43.10 8.64 2.35
C ILE B 78 -43.23 8.86 0.84
N ILE B 79 -43.74 10.03 0.45
CA ILE B 79 -43.69 10.46 -0.94
C ILE B 79 -42.55 11.47 -1.14
N LYS B 80 -41.53 11.07 -1.89
CA LYS B 80 -40.30 11.85 -2.06
C LYS B 80 -40.27 12.61 -3.39
N LEU B 81 -40.35 13.94 -3.31
CA LEU B 81 -40.25 14.82 -4.49
C LEU B 81 -38.77 15.18 -4.75
N PRO B 82 -38.45 15.59 -6.00
CA PRO B 82 -37.11 16.03 -6.37
C PRO B 82 -36.59 17.20 -5.49
N ASN B 83 -35.29 17.16 -5.24
CA ASN B 83 -34.68 18.14 -4.36
C ASN B 83 -33.28 18.55 -4.86
N ILE B 84 -32.64 19.47 -4.15
CA ILE B 84 -31.35 19.96 -4.60
C ILE B 84 -30.27 19.04 -4.07
N SER B 85 -29.37 18.60 -4.95
CA SER B 85 -28.13 17.95 -4.52
C SER B 85 -27.04 18.96 -4.72
N ALA B 86 -26.75 19.68 -3.65
CA ALA B 86 -26.10 20.99 -3.73
C ALA B 86 -24.67 20.97 -4.20
N SER B 87 -24.38 21.72 -5.25
CA SER B 87 -23.01 22.08 -5.58
C SER B 87 -22.51 23.19 -4.64
N VAL B 88 -21.22 23.50 -4.71
CA VAL B 88 -20.65 24.55 -3.89
C VAL B 88 -21.32 25.90 -4.16
N PRO B 89 -21.44 26.31 -5.43
CA PRO B 89 -22.07 27.61 -5.66
C PRO B 89 -23.49 27.71 -5.12
N GLN B 90 -24.21 26.59 -5.05
CA GLN B 90 -25.58 26.60 -4.54
C GLN B 90 -25.53 26.71 -3.04
N LEU B 91 -24.61 25.98 -2.43
CA LEU B 91 -24.43 26.06 -1.00
C LEU B 91 -24.17 27.50 -0.59
N LYS B 92 -23.23 28.16 -1.29
CA LYS B 92 -22.85 29.53 -0.96
C LYS B 92 -24.02 30.54 -1.09
N ALA B 93 -24.81 30.45 -2.15
CA ALA B 93 -25.97 31.33 -2.32
C ALA B 93 -27.01 31.12 -1.21
N ALA B 94 -27.24 29.86 -0.85
CA ALA B 94 -28.18 29.52 0.20
C ALA B 94 -27.71 30.08 1.56
N ILE B 95 -26.42 29.93 1.85
CA ILE B 95 -25.87 30.47 3.10
C ILE B 95 -26.08 31.99 3.17
N LYS B 96 -25.80 32.69 2.07
CA LYS B 96 -25.91 34.15 2.04
C LYS B 96 -27.35 34.64 2.13
N GLU B 97 -28.29 33.89 1.56
CA GLU B 97 -29.69 34.29 1.62
C GLU B 97 -30.15 34.14 3.07
N LEU B 98 -29.71 33.06 3.71
CA LEU B 98 -30.07 32.80 5.10
C LEU B 98 -29.45 33.84 6.02
N GLN B 99 -28.18 34.18 5.78
CA GLN B 99 -27.54 35.27 6.52
C GLN B 99 -28.36 36.58 6.38
N ASP B 100 -28.81 36.88 5.16
CA ASP B 100 -29.59 38.10 4.88
C ASP B 100 -30.94 38.14 5.63
N GLN B 101 -31.51 36.96 5.86
CA GLN B 101 -32.76 36.84 6.61
C GLN B 101 -32.54 36.81 8.12
N GLY B 102 -31.30 37.02 8.56
CA GLY B 102 -30.99 37.18 9.98
C GLY B 102 -30.50 35.93 10.68
N TYR B 103 -30.15 34.90 9.92
CA TYR B 103 -29.63 33.67 10.49
C TYR B 103 -28.10 33.74 10.60
N ASP B 104 -27.57 33.58 11.81
CA ASP B 104 -26.13 33.80 12.05
C ASP B 104 -25.31 32.52 11.85
N ILE B 105 -25.36 31.98 10.64
CA ILE B 105 -24.63 30.76 10.28
C ILE B 105 -23.29 31.10 9.66
N PRO B 106 -22.30 30.20 9.80
CA PRO B 106 -20.96 30.56 9.35
C PRO B 106 -20.74 30.51 7.83
N GLU B 107 -19.70 31.19 7.37
CA GLU B 107 -19.29 31.13 5.98
C GLU B 107 -18.81 29.73 5.65
N LEU B 108 -18.95 29.35 4.39
CA LEU B 108 -18.40 28.10 3.90
C LEU B 108 -16.91 28.29 3.76
N PRO B 109 -16.13 27.62 4.61
CA PRO B 109 -14.70 27.86 4.42
C PRO B 109 -14.28 27.23 3.10
N ASP B 110 -13.52 27.98 2.32
CA ASP B 110 -12.98 27.46 1.08
C ASP B 110 -11.77 26.61 1.46
N ASN B 111 -10.90 27.15 2.29
CA ASN B 111 -9.77 26.40 2.78
C ASN B 111 -9.64 26.47 4.32
N ALA B 112 -9.90 25.35 4.99
CA ALA B 112 -9.96 25.30 6.45
C ALA B 112 -8.58 25.54 7.09
N THR B 113 -8.47 26.55 7.93
CA THR B 113 -7.16 26.93 8.50
C THR B 113 -7.10 26.86 10.03
N THR B 114 -8.20 26.44 10.66
CA THR B 114 -8.28 26.29 12.10
C THR B 114 -9.15 25.07 12.40
N ASP B 115 -9.13 24.61 13.64
CA ASP B 115 -9.99 23.50 14.03
C ASP B 115 -11.47 23.86 13.80
N GLU B 116 -11.86 25.08 14.13
CA GLU B 116 -13.27 25.46 13.98
C GLU B 116 -13.74 25.47 12.53
N GLU B 117 -12.87 25.92 11.63
CA GLU B 117 -13.18 25.85 10.19
C GLU B 117 -13.25 24.39 9.68
N LYS B 118 -12.41 23.52 10.25
CA LYS B 118 -12.48 22.10 9.89
C LYS B 118 -13.80 21.50 10.33
N ASP B 119 -14.29 21.87 11.52
CA ASP B 119 -15.60 21.42 11.98
C ASP B 119 -16.72 21.95 11.09
N ILE B 120 -16.66 23.23 10.77
CA ILE B 120 -17.66 23.90 9.94
C ILE B 120 -17.70 23.32 8.53
N LEU B 121 -16.53 23.08 7.95
CA LEU B 121 -16.42 22.46 6.62
C LEU B 121 -17.00 21.05 6.59
N ALA B 122 -16.64 20.22 7.58
CA ALA B 122 -17.17 18.86 7.67
C ALA B 122 -18.68 18.89 7.73
N ARG B 123 -19.23 19.83 8.49
CA ARG B 123 -20.68 19.92 8.60
C ARG B 123 -21.38 20.33 7.30
N TYR B 124 -20.86 21.37 6.63
CA TYR B 124 -21.41 21.74 5.33
C TYR B 124 -21.21 20.64 4.30
N ASN B 125 -20.08 19.94 4.38
CA ASN B 125 -19.83 18.84 3.47
C ASN B 125 -20.84 17.71 3.60
N ALA B 126 -21.39 17.52 4.79
CA ALA B 126 -22.41 16.48 4.96
C ALA B 126 -23.77 16.92 4.39
N VAL B 127 -24.03 18.23 4.30
CA VAL B 127 -25.28 18.74 3.72
C VAL B 127 -25.24 18.80 2.18
N LYS B 128 -24.04 18.99 1.62
CA LYS B 128 -23.92 19.17 0.17
C LYS B 128 -24.01 17.83 -0.57
N GLY B 129 -24.29 17.92 -1.87
CA GLY B 129 -24.33 16.76 -2.74
C GLY B 129 -25.58 15.93 -2.53
N SER B 130 -25.48 14.64 -2.85
CA SER B 130 -26.62 13.74 -2.76
C SER B 130 -26.74 13.20 -1.34
N ALA B 131 -27.21 14.07 -0.44
CA ALA B 131 -27.24 13.77 0.98
C ALA B 131 -28.52 13.07 1.42
N VAL B 132 -29.61 13.32 0.70
CA VAL B 132 -30.91 12.82 1.13
C VAL B 132 -31.16 11.36 0.75
N ASN B 133 -30.86 10.98 -0.48
CA ASN B 133 -31.16 9.61 -0.93
C ASN B 133 -30.53 8.51 -0.09
N PRO B 134 -29.26 8.67 0.34
CA PRO B 134 -28.72 7.60 1.18
C PRO B 134 -29.45 7.43 2.52
N VAL B 135 -30.08 8.49 3.00
CA VAL B 135 -30.83 8.42 4.27
C VAL B 135 -32.21 7.78 4.08
N LEU B 136 -32.92 8.17 3.03
CA LEU B 136 -34.28 7.68 2.80
C LEU B 136 -34.34 6.27 2.19
N ARG B 137 -33.37 5.92 1.34
CA ARG B 137 -33.49 4.69 0.54
C ARG B 137 -33.06 3.41 1.29
N GLU B 138 -33.82 3.07 2.33
CA GLU B 138 -33.56 1.92 3.17
C GLU B 138 -34.14 0.64 2.54
N GLY B 139 -33.70 0.36 1.32
CA GLY B 139 -34.28 -0.73 0.52
C GLY B 139 -33.72 -0.73 -0.88
N ASN B 140 -34.19 -1.65 -1.70
CA ASN B 140 -33.81 -1.70 -3.11
C ASN B 140 -34.84 -1.06 -4.03
N SER B 141 -34.62 -1.21 -5.34
CA SER B 141 -35.26 -0.41 -6.37
C SER B 141 -36.25 -1.22 -7.21
N ASP B 142 -37.48 -0.73 -7.28
CA ASP B 142 -38.54 -1.21 -8.17
C ASP B 142 -38.97 -0.03 -9.07
N ARG B 143 -38.45 0.03 -10.30
CA ARG B 143 -38.70 1.15 -11.20
C ARG B 143 -39.27 0.67 -12.54
N ARG B 144 -40.30 1.34 -13.03
CA ARG B 144 -40.86 0.92 -14.31
C ARG B 144 -41.73 1.98 -14.96
N ALA B 145 -41.98 1.79 -16.26
CA ALA B 145 -42.83 2.67 -17.03
C ALA B 145 -44.28 2.60 -16.56
N PRO B 146 -44.91 3.78 -16.37
CA PRO B 146 -46.29 3.82 -15.92
C PRO B 146 -47.22 3.37 -17.04
N ILE B 147 -48.20 2.53 -16.74
CA ILE B 147 -49.06 1.95 -17.77
C ILE B 147 -49.85 3.02 -18.53
N ALA B 148 -50.26 4.09 -17.85
CA ALA B 148 -51.04 5.17 -18.48
C ALA B 148 -50.20 5.92 -19.52
N VAL B 149 -48.92 6.09 -19.22
CA VAL B 149 -47.97 6.72 -20.12
C VAL B 149 -47.61 5.79 -21.29
N LYS B 150 -47.34 4.52 -20.97
CA LYS B 150 -47.09 3.52 -21.99
C LYS B 150 -48.26 3.52 -23.00
N ASN B 151 -49.49 3.39 -22.51
CA ASN B 151 -50.66 3.33 -23.40
C ASN B 151 -50.87 4.65 -24.20
N PHE B 152 -50.44 5.76 -23.63
CA PHE B 152 -50.55 7.06 -24.31
C PHE B 152 -49.54 7.14 -25.47
N VAL B 153 -48.32 6.67 -25.24
CA VAL B 153 -47.29 6.65 -26.29
C VAL B 153 -47.64 5.68 -27.42
N LYS B 154 -48.35 4.60 -27.11
CA LYS B 154 -48.85 3.73 -28.19
C LYS B 154 -49.78 4.48 -29.13
N LYS B 155 -50.58 5.39 -28.58
CA LYS B 155 -51.49 6.21 -29.38
C LYS B 155 -50.81 7.41 -30.03
N PHE B 156 -49.93 8.09 -29.28
CA PHE B 156 -49.22 9.25 -29.81
C PHE B 156 -47.70 9.04 -29.66
N PRO B 157 -47.13 8.16 -30.50
CA PRO B 157 -45.73 7.75 -30.34
C PRO B 157 -44.73 8.85 -30.70
N HIS B 158 -43.63 8.87 -29.97
CA HIS B 158 -42.51 9.75 -30.25
C HIS B 158 -41.72 9.26 -31.47
N ARG B 159 -40.67 9.97 -31.85
CA ARG B 159 -39.94 9.63 -33.06
C ARG B 159 -38.70 8.77 -32.76
N MET B 160 -38.43 7.82 -33.65
CA MET B 160 -37.22 7.00 -33.60
C MET B 160 -36.51 7.15 -34.93
N GLY B 161 -35.23 7.53 -34.90
CA GLY B 161 -34.47 7.70 -36.13
C GLY B 161 -34.30 6.38 -36.85
N GLU B 162 -34.33 6.42 -38.18
CA GLU B 162 -34.16 5.22 -39.00
C GLU B 162 -32.73 4.73 -38.92
N TRP B 163 -32.54 3.41 -38.85
CA TRP B 163 -31.21 2.80 -38.77
C TRP B 163 -30.80 2.22 -40.13
N SER B 164 -29.49 2.26 -40.39
CA SER B 164 -28.93 1.70 -41.62
C SER B 164 -28.28 0.34 -41.39
N ALA B 165 -28.27 -0.48 -42.42
CA ALA B 165 -27.57 -1.76 -42.36
C ALA B 165 -26.05 -1.54 -42.42
N ASP B 166 -25.65 -0.35 -42.89
CA ASP B 166 -24.25 -0.01 -43.13
C ASP B 166 -23.66 0.92 -42.07
N SER B 167 -24.44 1.23 -41.03
CA SER B 167 -23.95 2.03 -39.91
C SER B 167 -22.60 1.52 -39.45
N LYS B 168 -21.67 2.45 -39.21
CA LYS B 168 -20.35 2.09 -38.71
C LYS B 168 -20.23 2.42 -37.22
N THR B 169 -21.38 2.63 -36.56
CA THR B 169 -21.39 2.93 -35.13
C THR B 169 -21.10 1.67 -34.33
N ASN B 170 -20.19 1.78 -33.38
CA ASN B 170 -19.88 0.70 -32.47
C ASN B 170 -19.34 1.28 -31.18
N VAL B 171 -19.47 0.52 -30.10
CA VAL B 171 -18.86 0.86 -28.84
C VAL B 171 -17.51 0.17 -28.84
N ALA B 172 -16.50 0.83 -28.27
CA ALA B 172 -15.16 0.25 -28.12
C ALA B 172 -14.79 0.17 -26.65
N THR B 173 -14.44 -1.02 -26.17
CA THR B 173 -14.13 -1.22 -24.77
C THR B 173 -12.85 -2.05 -24.60
N MET B 174 -12.21 -1.97 -23.44
CA MET B 174 -10.96 -2.71 -23.20
C MET B 174 -11.26 -4.22 -23.19
N ASP B 175 -10.27 -5.03 -23.56
CA ASP B 175 -10.41 -6.49 -23.62
C ASP B 175 -9.77 -7.19 -22.42
N ALA B 176 -8.98 -6.44 -21.66
CA ALA B 176 -8.25 -6.98 -20.52
C ALA B 176 -7.68 -5.81 -19.72
N ASN B 177 -7.03 -6.11 -18.60
CA ASN B 177 -6.34 -5.09 -17.79
C ASN B 177 -7.26 -4.00 -17.22
N ASP B 178 -8.58 -4.23 -17.28
CA ASP B 178 -9.56 -3.24 -16.84
C ASP B 178 -10.23 -3.68 -15.53
N PHE B 179 -11.18 -2.89 -15.04
CA PHE B 179 -11.85 -3.20 -13.77
C PHE B 179 -12.50 -4.58 -13.75
N ARG B 180 -13.26 -4.88 -14.80
CA ARG B 180 -13.91 -6.17 -14.98
C ARG B 180 -12.93 -7.34 -14.95
N HIS B 181 -11.86 -7.26 -15.75
CA HIS B 181 -10.97 -8.40 -15.90
C HIS B 181 -10.03 -8.62 -14.70
N ASN B 182 -9.62 -7.53 -14.05
CA ASN B 182 -8.76 -7.63 -12.87
C ASN B 182 -9.54 -7.90 -11.58
N GLU B 183 -10.86 -7.97 -11.66
CA GLU B 183 -11.66 -8.06 -10.45
C GLU B 183 -11.52 -9.43 -9.75
N LYS B 184 -11.27 -9.39 -8.45
CA LYS B 184 -11.29 -10.56 -7.58
C LYS B 184 -12.34 -10.26 -6.52
N SER B 185 -13.05 -11.28 -6.07
CA SER B 185 -14.13 -11.09 -5.09
C SER B 185 -14.22 -12.25 -4.10
N ILE B 186 -14.50 -11.92 -2.84
CA ILE B 186 -14.75 -12.92 -1.81
C ILE B 186 -16.02 -12.63 -1.05
N ILE B 187 -16.60 -13.68 -0.47
CA ILE B 187 -17.68 -13.57 0.51
C ILE B 187 -17.14 -13.89 1.90
N LEU B 188 -17.26 -12.94 2.82
CA LEU B 188 -16.76 -13.12 4.20
C LEU B 188 -17.54 -14.17 5.01
N ASP B 189 -16.81 -15.03 5.70
CA ASP B 189 -17.42 -16.04 6.56
C ASP B 189 -17.72 -15.48 7.95
N ALA B 190 -17.01 -14.43 8.34
CA ALA B 190 -17.18 -13.84 9.65
C ALA B 190 -16.96 -12.33 9.59
N ALA B 191 -17.49 -11.62 10.58
CA ALA B 191 -17.26 -10.18 10.67
C ALA B 191 -15.77 -9.96 10.87
N ASP B 192 -15.25 -8.94 10.19
CA ASP B 192 -13.82 -8.64 10.24
C ASP B 192 -13.58 -7.19 9.86
N GLU B 193 -12.50 -6.62 10.39
CA GLU B 193 -12.17 -5.22 10.18
C GLU B 193 -10.83 -5.15 9.47
N VAL B 194 -10.86 -4.77 8.20
CA VAL B 194 -9.71 -4.92 7.32
C VAL B 194 -9.00 -3.59 7.03
N GLN B 195 -7.75 -3.68 6.59
CA GLN B 195 -7.01 -2.50 6.12
C GLN B 195 -6.69 -2.70 4.66
N ILE B 196 -6.54 -1.60 3.93
CA ILE B 196 -6.04 -1.65 2.56
C ILE B 196 -4.61 -1.11 2.55
N LYS B 197 -3.69 -1.95 2.11
CA LYS B 197 -2.25 -1.71 2.24
C LYS B 197 -1.57 -1.60 0.89
N HIS B 198 -0.75 -0.58 0.71
CA HIS B 198 0.19 -0.54 -0.42
C HIS B 198 1.60 -0.92 0.04
N ILE B 199 2.27 -1.82 -0.68
CA ILE B 199 3.68 -2.18 -0.38
C ILE B 199 4.53 -1.93 -1.63
N ALA B 200 5.58 -1.13 -1.47
CA ALA B 200 6.37 -0.68 -2.62
C ALA B 200 7.51 -1.64 -2.91
N ALA B 201 8.26 -1.37 -3.98
CA ALA B 201 9.39 -2.21 -4.38
C ALA B 201 10.30 -2.54 -3.20
N ASP B 202 10.83 -1.49 -2.58
CA ASP B 202 11.77 -1.64 -1.46
C ASP B 202 11.11 -2.18 -0.19
N GLY B 203 9.78 -2.34 -0.22
CA GLY B 203 9.06 -2.99 0.88
C GLY B 203 8.42 -2.06 1.88
N THR B 204 8.51 -0.75 1.64
CA THR B 204 7.92 0.26 2.52
C THR B 204 6.40 0.17 2.42
N GLU B 205 5.71 0.19 3.57
CA GLU B 205 4.26 -0.02 3.58
C GLU B 205 3.53 1.29 3.83
N THR B 206 2.51 1.53 3.02
CA THR B 206 1.64 2.68 3.16
C THR B 206 0.21 2.16 3.31
N ILE B 207 -0.50 2.62 4.34
CA ILE B 207 -1.86 2.19 4.55
C ILE B 207 -2.77 3.21 3.87
N LEU B 208 -3.51 2.72 2.88
CA LEU B 208 -4.39 3.56 2.05
C LEU B 208 -5.72 3.84 2.73
N LYS B 209 -6.28 2.83 3.37
CA LYS B 209 -7.46 3.00 4.22
C LYS B 209 -7.24 2.31 5.57
N ASP B 210 -7.24 3.09 6.64
CA ASP B 210 -6.76 2.64 7.94
C ASP B 210 -7.66 1.59 8.59
N SER B 211 -8.91 1.46 8.10
CA SER B 211 -9.85 0.50 8.68
C SER B 211 -11.14 0.37 7.86
N LEU B 212 -11.62 -0.87 7.70
CA LEU B 212 -12.90 -1.09 7.01
C LEU B 212 -13.64 -2.23 7.68
N LYS B 213 -14.78 -1.90 8.28
CA LYS B 213 -15.62 -2.88 8.95
C LYS B 213 -16.40 -3.67 7.91
N LEU B 214 -16.39 -4.99 8.03
CA LEU B 214 -17.18 -5.83 7.14
C LEU B 214 -17.98 -6.83 7.98
N LEU B 215 -19.11 -7.29 7.43
CA LEU B 215 -20.01 -8.18 8.15
C LEU B 215 -19.91 -9.61 7.60
N GLU B 216 -20.36 -10.59 8.40
CA GLU B 216 -20.46 -11.96 7.90
C GLU B 216 -21.31 -11.98 6.64
N GLY B 217 -20.80 -12.58 5.57
CA GLY B 217 -21.56 -12.71 4.33
C GLY B 217 -21.52 -11.50 3.40
N GLU B 218 -20.82 -10.45 3.81
CA GLU B 218 -20.68 -9.28 2.96
C GLU B 218 -19.80 -9.66 1.77
N VAL B 219 -20.20 -9.21 0.57
CA VAL B 219 -19.39 -9.46 -0.63
C VAL B 219 -18.37 -8.34 -0.85
N LEU B 220 -17.09 -8.69 -0.86
CA LEU B 220 -16.01 -7.72 -1.07
C LEU B 220 -15.28 -7.99 -2.38
N ASP B 221 -15.12 -6.95 -3.21
CA ASP B 221 -14.33 -7.05 -4.42
C ASP B 221 -13.19 -6.07 -4.42
N GLY B 222 -12.09 -6.45 -5.05
CA GLY B 222 -10.99 -5.55 -5.33
C GLY B 222 -10.61 -5.70 -6.80
N THR B 223 -10.30 -4.58 -7.45
CA THR B 223 -9.89 -4.60 -8.83
C THR B 223 -9.00 -3.39 -9.14
N VAL B 224 -8.48 -3.35 -10.36
CA VAL B 224 -7.56 -2.32 -10.75
C VAL B 224 -7.75 -1.99 -12.23
N LEU B 225 -7.54 -0.72 -12.57
CA LEU B 225 -7.49 -0.32 -13.97
C LEU B 225 -6.05 0.02 -14.30
N SER B 226 -5.47 -0.74 -15.22
CA SER B 226 -4.11 -0.49 -15.67
C SER B 226 -4.03 0.81 -16.46
N ALA B 227 -3.16 1.72 -16.03
CA ALA B 227 -2.93 2.99 -16.71
C ALA B 227 -2.34 2.81 -18.10
N LYS B 228 -1.32 1.95 -18.21
CA LYS B 228 -0.65 1.69 -19.50
C LYS B 228 -1.53 0.98 -20.53
N ALA B 229 -2.39 0.07 -20.09
CA ALA B 229 -3.29 -0.64 -21.01
C ALA B 229 -4.34 0.30 -21.57
N LEU B 230 -4.93 1.11 -20.68
CA LEU B 230 -5.92 2.12 -21.06
C LEU B 230 -5.32 3.11 -22.06
N ASP B 231 -4.08 3.52 -21.83
CA ASP B 231 -3.40 4.47 -22.73
C ASP B 231 -3.25 3.89 -24.14
N ALA B 232 -2.83 2.63 -24.24
CA ALA B 232 -2.60 2.00 -25.55
C ALA B 232 -3.93 1.74 -26.26
N PHE B 233 -4.95 1.36 -25.49
CA PHE B 233 -6.31 1.16 -26.00
C PHE B 233 -6.90 2.49 -26.44
N LEU B 234 -6.75 3.53 -25.63
CA LEU B 234 -7.32 4.84 -25.92
C LEU B 234 -6.68 5.43 -27.18
N LEU B 235 -5.35 5.39 -27.25
CA LEU B 235 -4.64 5.86 -28.42
C LEU B 235 -5.09 5.15 -29.70
N GLU B 236 -5.37 3.86 -29.59
CA GLU B 236 -5.75 3.06 -30.76
C GLU B 236 -7.20 3.29 -31.21
N GLN B 237 -8.06 3.76 -30.32
CA GLN B 237 -9.41 4.13 -30.72
C GLN B 237 -9.40 5.52 -31.39
N VAL B 238 -8.46 6.36 -31.00
CA VAL B 238 -8.24 7.63 -31.70
C VAL B 238 -7.93 7.34 -33.18
N ALA B 239 -7.06 6.36 -33.42
CA ALA B 239 -6.65 5.99 -34.78
C ALA B 239 -7.74 5.28 -35.57
N ARG B 240 -8.69 4.65 -34.89
CA ARG B 240 -9.76 3.91 -35.57
C ARG B 240 -10.88 4.84 -36.03
N ALA B 241 -11.27 5.75 -35.15
CA ALA B 241 -12.30 6.72 -35.48
C ALA B 241 -11.82 7.52 -36.70
N LYS B 242 -10.53 7.79 -36.73
CA LYS B 242 -9.96 8.59 -37.80
C LYS B 242 -9.92 7.79 -39.10
N ALA B 243 -9.31 6.61 -39.07
CA ALA B 243 -9.17 5.79 -40.28
C ALA B 243 -10.53 5.43 -40.86
N GLU B 244 -11.54 5.22 -40.02
CA GLU B 244 -12.88 4.82 -40.49
C GLU B 244 -13.77 6.01 -40.83
N GLY B 245 -13.40 7.19 -40.34
CA GLY B 245 -14.16 8.42 -40.58
C GLY B 245 -15.43 8.50 -39.75
N ILE B 246 -15.31 8.45 -38.43
CA ILE B 246 -16.47 8.55 -37.55
C ILE B 246 -16.16 9.43 -36.34
N LEU B 247 -17.21 9.97 -35.73
CA LEU B 247 -17.07 10.79 -34.53
C LEU B 247 -16.49 10.00 -33.36
N PHE B 248 -15.35 10.47 -32.87
CA PHE B 248 -14.75 9.97 -31.62
C PHE B 248 -15.57 10.52 -30.45
N SER B 249 -16.17 9.63 -29.66
CA SER B 249 -16.89 10.03 -28.46
C SER B 249 -16.37 9.26 -27.27
N ALA B 250 -16.64 9.78 -26.08
CA ALA B 250 -16.23 9.14 -24.82
C ALA B 250 -17.35 9.30 -23.82
N HIS B 251 -17.77 8.20 -23.22
CA HIS B 251 -19.00 8.14 -22.43
C HIS B 251 -18.75 7.67 -21.00
N LEU B 252 -18.58 8.62 -20.09
CA LEU B 252 -18.35 8.30 -18.68
C LEU B 252 -19.47 8.81 -17.78
N LYS B 253 -19.28 8.67 -16.46
CA LYS B 253 -20.21 9.24 -15.48
C LYS B 253 -19.43 10.03 -14.45
N ALA B 254 -18.82 11.12 -14.90
CA ALA B 254 -17.89 11.89 -14.09
C ALA B 254 -18.49 12.38 -12.77
N THR B 255 -19.79 12.67 -12.75
CA THR B 255 -20.37 13.24 -11.53
C THR B 255 -20.52 12.16 -10.47
N MET B 256 -21.19 11.08 -10.84
CA MET B 256 -21.43 9.95 -9.94
C MET B 256 -20.13 9.32 -9.49
N MET B 257 -19.28 9.00 -10.46
CA MET B 257 -18.01 8.33 -10.20
C MET B 257 -16.92 9.39 -10.07
N LYS B 258 -16.99 10.11 -8.96
CA LYS B 258 -16.26 11.36 -8.78
C LYS B 258 -14.75 11.17 -8.63
N VAL B 259 -14.30 9.98 -8.22
CA VAL B 259 -12.84 9.73 -8.16
C VAL B 259 -12.34 9.19 -9.50
N SER B 260 -12.89 8.05 -9.92
CA SER B 260 -12.36 7.30 -11.05
C SER B 260 -12.55 7.97 -12.41
N ASP B 261 -13.74 8.50 -12.66
CA ASP B 261 -14.10 8.85 -14.02
C ASP B 261 -13.45 10.12 -14.57
N PRO B 262 -13.20 11.15 -13.72
CA PRO B 262 -12.39 12.28 -14.19
C PRO B 262 -10.95 11.88 -14.49
N ILE B 263 -10.40 10.94 -13.73
CA ILE B 263 -9.05 10.48 -14.02
C ILE B 263 -9.05 9.84 -15.41
N ILE B 264 -9.98 8.91 -15.64
CA ILE B 264 -10.11 8.27 -16.96
C ILE B 264 -10.35 9.30 -18.07
N PHE B 265 -11.23 10.27 -17.83
CA PHE B 265 -11.48 11.34 -18.81
C PHE B 265 -10.18 12.07 -19.09
N GLY B 266 -9.37 12.26 -18.05
CA GLY B 266 -8.05 12.86 -18.22
C GLY B 266 -7.20 12.05 -19.18
N HIS B 267 -7.23 10.72 -19.04
CA HIS B 267 -6.52 9.83 -19.96
C HIS B 267 -7.04 9.89 -21.40
N VAL B 268 -8.32 10.20 -21.54
CA VAL B 268 -8.94 10.34 -22.87
C VAL B 268 -8.46 11.61 -23.55
N VAL B 269 -8.52 12.72 -22.83
CA VAL B 269 -8.09 14.02 -23.35
C VAL B 269 -6.63 13.98 -23.83
N ARG B 270 -5.75 13.35 -23.06
CA ARG B 270 -4.32 13.31 -23.38
C ARG B 270 -4.02 12.35 -24.55
N ALA B 271 -4.91 11.39 -24.77
CA ALA B 271 -4.77 10.46 -25.88
C ALA B 271 -5.11 11.14 -27.20
N TYR B 272 -6.18 11.94 -27.18
CA TYR B 272 -6.59 12.69 -28.36
C TYR B 272 -5.58 13.79 -28.72
N PHE B 273 -4.99 14.41 -27.72
CA PHE B 273 -4.00 15.46 -27.95
C PHE B 273 -2.60 14.98 -27.61
N ALA B 274 -2.31 13.72 -27.96
CA ALA B 274 -1.04 13.08 -27.63
C ALA B 274 0.18 13.87 -28.10
N ASP B 275 0.06 14.55 -29.24
CA ASP B 275 1.16 15.38 -29.76
C ASP B 275 1.42 16.61 -28.87
N VAL B 276 0.35 17.23 -28.38
CA VAL B 276 0.48 18.36 -27.47
C VAL B 276 1.22 17.94 -26.22
N PHE B 277 0.75 16.88 -25.54
CA PHE B 277 1.36 16.45 -24.28
C PHE B 277 2.73 15.79 -24.46
N ALA B 278 2.99 15.28 -25.66
CA ALA B 278 4.29 14.70 -25.99
C ALA B 278 5.38 15.76 -25.95
N GLN B 279 5.01 17.00 -26.24
CA GLN B 279 5.96 18.10 -26.20
C GLN B 279 5.91 18.88 -24.88
N TYR B 280 4.70 19.17 -24.40
CA TYR B 280 4.54 19.98 -23.18
C TYR B 280 3.99 19.14 -22.03
N GLY B 281 4.57 17.97 -21.81
CA GLY B 281 4.06 17.06 -20.81
C GLY B 281 4.08 17.64 -19.42
N GLU B 282 5.28 17.73 -18.84
CA GLU B 282 5.46 18.05 -17.42
C GLU B 282 4.96 19.44 -17.02
N GLN B 283 5.08 20.42 -17.92
CA GLN B 283 4.65 21.79 -17.64
C GLN B 283 3.13 21.89 -17.45
N LEU B 284 2.37 21.23 -18.33
CA LEU B 284 0.92 21.21 -18.19
C LEU B 284 0.56 20.48 -16.90
N LEU B 285 1.28 19.40 -16.64
CA LEU B 285 1.06 18.60 -15.43
C LEU B 285 1.43 19.40 -14.19
N ALA B 286 2.60 20.01 -14.19
CA ALA B 286 3.01 20.89 -13.09
C ALA B 286 1.97 21.99 -12.87
N ALA B 287 1.35 22.45 -13.96
CA ALA B 287 0.33 23.49 -13.88
C ALA B 287 -1.03 22.95 -13.44
N GLY B 288 -1.20 21.63 -13.51
CA GLY B 288 -2.46 21.01 -13.16
C GLY B 288 -3.42 20.97 -14.33
N LEU B 289 -2.92 21.30 -15.51
CA LEU B 289 -3.76 21.32 -16.69
C LEU B 289 -3.69 19.97 -17.41
N ASN B 290 -4.22 18.94 -16.75
CA ASN B 290 -4.00 17.55 -17.15
C ASN B 290 -5.13 16.96 -17.97
N GLY B 291 -6.26 17.65 -18.02
CA GLY B 291 -7.41 17.15 -18.75
C GLY B 291 -8.52 16.66 -17.85
N GLU B 292 -8.20 16.37 -16.59
CA GLU B 292 -9.17 15.76 -15.67
C GLU B 292 -10.32 16.71 -15.34
N ASN B 293 -10.09 18.00 -15.58
CA ASN B 293 -11.12 19.02 -15.41
C ASN B 293 -11.66 19.51 -16.76
N GLY B 294 -11.31 18.79 -17.82
CA GLY B 294 -11.76 19.12 -19.17
C GLY B 294 -10.77 19.91 -19.99
N LEU B 295 -11.09 20.07 -21.28
CA LEU B 295 -10.25 20.83 -22.22
C LEU B 295 -10.47 22.34 -22.12
N ALA B 296 -11.69 22.75 -21.80
CA ALA B 296 -11.99 24.15 -21.52
C ALA B 296 -11.15 24.68 -20.34
N ALA B 297 -10.93 23.82 -19.34
CA ALA B 297 -10.12 24.19 -18.17
C ALA B 297 -8.66 24.31 -18.54
N ILE B 298 -8.21 23.51 -19.49
CA ILE B 298 -6.81 23.59 -19.94
C ILE B 298 -6.58 24.83 -20.81
N LEU B 299 -7.58 25.16 -21.63
CA LEU B 299 -7.49 26.31 -22.51
C LEU B 299 -7.44 27.62 -21.72
N SER B 300 -8.30 27.78 -20.72
CA SER B 300 -8.32 29.02 -19.95
C SER B 300 -7.07 29.16 -19.06
N GLY B 301 -6.50 28.03 -18.66
CA GLY B 301 -5.29 28.02 -17.84
C GLY B 301 -4.04 28.46 -18.60
N LEU B 302 -4.12 28.47 -19.92
CA LEU B 302 -3.00 28.92 -20.75
C LEU B 302 -2.88 30.44 -20.76
N GLU B 303 -3.98 31.13 -20.44
CA GLU B 303 -4.01 32.60 -20.42
C GLU B 303 -2.93 33.19 -19.51
N SER B 304 -2.65 32.50 -18.41
CA SER B 304 -1.63 32.91 -17.44
C SER B 304 -0.32 32.14 -17.60
N LEU B 305 -0.24 31.32 -18.63
CA LEU B 305 0.98 30.60 -18.96
C LEU B 305 1.84 31.53 -19.83
N ASP B 306 1.18 32.08 -20.84
CA ASP B 306 1.79 33.03 -21.78
C ASP B 306 3.14 32.55 -22.36
N ASN B 307 3.29 31.23 -22.35
CA ASN B 307 3.84 30.51 -23.48
C ASN B 307 2.63 29.74 -24.01
N GLY B 308 1.46 30.19 -23.60
CA GLY B 308 0.20 29.50 -23.84
C GLY B 308 -0.41 29.87 -25.18
N GLU B 309 0.17 30.86 -25.85
CA GLU B 309 -0.18 31.15 -27.22
C GLU B 309 0.24 29.97 -28.11
N GLU B 310 1.50 29.55 -27.98
CA GLU B 310 2.00 28.46 -28.81
C GLU B 310 1.46 27.09 -28.38
N ILE B 311 1.30 26.90 -27.07
CA ILE B 311 0.63 25.69 -26.56
C ILE B 311 -0.78 25.59 -27.12
N LYS B 312 -1.45 26.73 -27.27
CA LYS B 312 -2.83 26.76 -27.77
C LYS B 312 -2.88 26.29 -29.23
N ALA B 313 -1.86 26.68 -30.00
CA ALA B 313 -1.78 26.36 -31.42
C ALA B 313 -1.62 24.86 -31.61
N ALA B 314 -0.80 24.25 -30.76
CA ALA B 314 -0.63 22.80 -30.77
C ALA B 314 -1.97 22.10 -30.50
N PHE B 315 -2.77 22.67 -29.60
CA PHE B 315 -4.10 22.15 -29.30
C PHE B 315 -5.04 22.35 -30.49
N GLU B 316 -5.04 23.54 -31.09
CA GLU B 316 -5.88 23.77 -32.27
C GLU B 316 -5.45 22.88 -33.44
N LYS B 317 -4.14 22.64 -33.56
CA LYS B 317 -3.60 21.73 -34.58
C LYS B 317 -4.13 20.31 -34.39
N GLY B 318 -4.31 19.92 -33.12
CA GLY B 318 -4.89 18.63 -32.78
C GLY B 318 -6.31 18.48 -33.27
N LEU B 319 -7.08 19.57 -33.24
CA LEU B 319 -8.45 19.55 -33.75
C LEU B 319 -8.51 19.15 -35.22
N GLU B 320 -7.62 19.76 -36.01
CA GLU B 320 -7.62 19.57 -37.45
C GLU B 320 -7.08 18.20 -37.83
N ASP B 321 -5.93 17.87 -37.24
CA ASP B 321 -5.19 16.67 -37.62
C ASP B 321 -5.63 15.44 -36.82
N GLY B 322 -6.82 15.52 -36.21
CA GLY B 322 -7.38 14.39 -35.48
C GLY B 322 -8.77 14.07 -35.99
N PRO B 323 -9.33 12.94 -35.53
CA PRO B 323 -10.69 12.54 -35.91
C PRO B 323 -11.71 13.53 -35.37
N ASP B 324 -12.81 13.71 -36.11
CA ASP B 324 -13.87 14.61 -35.67
C ASP B 324 -14.38 14.15 -34.31
N LEU B 325 -14.66 15.10 -33.42
CA LEU B 325 -15.24 14.78 -32.11
C LEU B 325 -16.76 15.00 -32.11
N ALA B 326 -17.48 14.20 -31.33
CA ALA B 326 -18.89 14.49 -31.09
C ALA B 326 -18.95 15.87 -30.44
N MET B 327 -20.04 16.59 -30.68
CA MET B 327 -20.20 17.94 -30.15
C MET B 327 -21.34 18.00 -29.13
N VAL B 328 -21.12 18.77 -28.07
CA VAL B 328 -22.14 19.14 -27.10
C VAL B 328 -22.94 20.36 -27.61
N ASN B 329 -22.20 21.31 -28.18
CA ASN B 329 -22.77 22.53 -28.72
C ASN B 329 -21.96 22.88 -29.96
N SER B 330 -22.50 22.53 -31.13
CA SER B 330 -21.76 22.61 -32.39
C SER B 330 -21.46 24.05 -32.78
N ALA B 331 -22.47 24.90 -32.65
CA ALA B 331 -22.31 26.32 -33.00
C ALA B 331 -21.51 27.09 -31.96
N ARG B 332 -20.74 26.38 -31.14
CA ARG B 332 -19.88 27.03 -30.14
C ARG B 332 -18.55 26.30 -29.98
N GLY B 333 -18.25 25.37 -30.88
CA GLY B 333 -17.00 24.62 -30.80
C GLY B 333 -16.86 23.86 -29.49
N ILE B 334 -17.99 23.57 -28.84
CA ILE B 334 -17.96 22.79 -27.60
C ILE B 334 -18.02 21.31 -27.93
N THR B 335 -16.90 20.62 -27.68
CA THR B 335 -16.75 19.22 -28.01
C THR B 335 -17.08 18.32 -26.82
N ASN B 336 -17.04 17.01 -27.04
CA ASN B 336 -17.22 16.04 -25.98
C ASN B 336 -16.08 16.12 -24.94
N LEU B 337 -14.93 16.66 -25.33
CA LEU B 337 -13.77 16.76 -24.43
C LEU B 337 -13.71 18.06 -23.60
N HIS B 338 -14.70 18.94 -23.73
CA HIS B 338 -14.62 20.26 -23.10
C HIS B 338 -14.90 20.30 -21.59
N VAL B 339 -15.99 19.66 -21.17
CA VAL B 339 -16.34 19.51 -19.76
C VAL B 339 -16.61 18.03 -19.50
N PRO B 340 -15.94 17.44 -18.48
CA PRO B 340 -16.10 16.01 -18.24
C PRO B 340 -17.55 15.56 -18.01
N SER B 341 -18.37 16.39 -17.37
CA SER B 341 -19.75 16.00 -17.01
C SER B 341 -20.79 16.33 -18.09
N ASP B 342 -20.36 16.87 -19.22
CA ASP B 342 -21.32 17.21 -20.29
C ASP B 342 -21.96 15.96 -20.86
N VAL B 343 -21.13 14.98 -21.18
CA VAL B 343 -21.56 13.70 -21.77
C VAL B 343 -21.64 12.58 -20.71
N ILE B 344 -22.86 12.20 -20.38
CA ILE B 344 -23.13 11.23 -19.30
C ILE B 344 -23.68 9.92 -19.89
N VAL B 345 -22.90 8.85 -19.71
CA VAL B 345 -23.10 7.58 -20.43
C VAL B 345 -24.54 6.99 -20.47
N ASP B 346 -25.26 7.01 -19.35
CA ASP B 346 -26.60 6.40 -19.34
C ASP B 346 -27.66 7.29 -19.97
N ALA B 347 -27.31 8.56 -20.17
CA ALA B 347 -28.17 9.49 -20.91
C ALA B 347 -27.73 9.58 -22.38
N SER B 348 -26.42 9.59 -22.60
CA SER B 348 -25.86 9.84 -23.92
C SER B 348 -26.02 8.65 -24.84
N MET B 349 -25.89 7.45 -24.28
CA MET B 349 -25.95 6.25 -25.12
C MET B 349 -27.36 5.95 -25.62
N PRO B 350 -28.37 6.06 -24.76
CA PRO B 350 -29.74 5.88 -25.27
C PRO B 350 -30.19 6.98 -26.25
N ALA B 351 -29.70 8.20 -26.06
CA ALA B 351 -30.00 9.30 -26.98
C ALA B 351 -29.43 9.01 -28.35
N MET B 352 -28.20 8.50 -28.38
CA MET B 352 -27.54 8.18 -29.63
C MET B 352 -28.27 7.05 -30.33
N ILE B 353 -28.54 5.97 -29.59
CA ILE B 353 -29.25 4.80 -30.13
C ILE B 353 -30.60 5.19 -30.73
N ARG B 354 -31.33 6.07 -30.05
CA ARG B 354 -32.62 6.57 -30.54
C ARG B 354 -32.48 7.38 -31.83
N THR B 355 -31.37 8.09 -31.95
CA THR B 355 -31.10 8.96 -33.10
C THR B 355 -30.25 8.28 -34.17
N SER B 356 -30.65 7.08 -34.60
CA SER B 356 -30.02 6.39 -35.74
C SER B 356 -28.57 5.95 -35.51
N GLY B 357 -28.12 5.92 -34.26
CA GLY B 357 -26.70 5.67 -33.97
C GLY B 357 -25.81 6.87 -34.24
N HIS B 358 -26.41 8.06 -34.32
CA HIS B 358 -25.68 9.26 -34.67
C HIS B 358 -25.38 10.13 -33.45
N MET B 359 -24.20 10.74 -33.45
CA MET B 359 -23.94 11.90 -32.62
C MET B 359 -23.62 13.04 -33.59
N TRP B 360 -23.42 14.26 -33.09
CA TRP B 360 -23.36 15.45 -33.93
C TRP B 360 -21.94 15.95 -34.21
N ASN B 361 -21.67 16.30 -35.46
CA ASN B 361 -20.34 16.77 -35.87
C ASN B 361 -20.17 18.29 -35.86
N LYS B 362 -18.97 18.74 -36.23
CA LYS B 362 -18.61 20.15 -36.37
C LYS B 362 -19.54 20.97 -37.26
N ASP B 363 -19.98 20.36 -38.36
CA ASP B 363 -20.86 21.06 -39.31
C ASP B 363 -22.33 20.98 -38.90
N ASP B 364 -22.57 20.53 -37.66
CA ASP B 364 -23.91 20.54 -37.09
C ASP B 364 -24.79 19.52 -37.81
N GLN B 365 -24.21 18.35 -38.08
CA GLN B 365 -24.90 17.28 -38.79
C GLN B 365 -24.75 15.97 -38.03
N GLU B 366 -25.68 15.05 -38.27
CA GLU B 366 -25.65 13.73 -37.64
C GLU B 366 -24.58 12.84 -38.26
N GLN B 367 -23.86 12.09 -37.43
CA GLN B 367 -22.81 11.20 -37.93
C GLN B 367 -22.65 9.94 -37.07
N ASP B 368 -22.25 8.83 -37.71
CA ASP B 368 -21.94 7.60 -36.99
C ASP B 368 -20.80 7.85 -35.98
N THR B 369 -20.68 6.97 -34.98
CA THR B 369 -19.78 7.25 -33.85
C THR B 369 -19.09 6.02 -33.26
N LEU B 370 -17.80 6.16 -32.99
CA LEU B 370 -17.10 5.22 -32.13
C LEU B 370 -17.32 5.68 -30.68
N ALA B 371 -18.11 4.92 -29.92
CA ALA B 371 -18.42 5.24 -28.52
C ALA B 371 -17.51 4.49 -27.56
N ILE B 372 -16.42 5.13 -27.19
CA ILE B 372 -15.48 4.55 -26.26
C ILE B 372 -16.11 4.53 -24.87
N ILE B 373 -16.14 3.35 -24.28
CA ILE B 373 -16.56 3.14 -22.90
C ILE B 373 -15.48 2.25 -22.32
N PRO B 374 -14.47 2.85 -21.66
CA PRO B 374 -13.22 2.17 -21.34
C PRO B 374 -13.41 0.83 -20.63
N ASP B 375 -14.08 0.83 -19.48
CA ASP B 375 -14.24 -0.41 -18.74
C ASP B 375 -15.34 -1.24 -19.38
N SER B 376 -15.09 -2.54 -19.47
CA SER B 376 -15.93 -3.45 -20.27
C SER B 376 -17.04 -4.13 -19.48
N SER B 377 -17.18 -3.76 -18.21
CA SER B 377 -18.23 -4.33 -17.38
C SER B 377 -19.59 -4.14 -18.04
N TYR B 378 -19.89 -2.91 -18.50
CA TYR B 378 -21.24 -2.58 -18.98
C TYR B 378 -21.33 -2.13 -20.44
N ALA B 379 -20.19 -2.05 -21.12
CA ALA B 379 -20.14 -1.67 -22.53
C ALA B 379 -20.93 -2.63 -23.44
N GLY B 380 -21.02 -3.89 -23.05
CA GLY B 380 -21.67 -4.90 -23.87
C GLY B 380 -23.17 -4.68 -24.04
N VAL B 381 -23.80 -4.07 -23.05
CA VAL B 381 -25.23 -3.86 -23.10
C VAL B 381 -25.62 -2.92 -24.24
N TYR B 382 -24.83 -1.86 -24.43
CA TYR B 382 -25.12 -0.90 -25.50
C TYR B 382 -24.74 -1.47 -26.86
N GLN B 383 -23.62 -2.17 -26.93
CA GLN B 383 -23.18 -2.78 -28.19
C GLN B 383 -24.21 -3.78 -28.71
N THR B 384 -24.84 -4.52 -27.80
CA THR B 384 -25.86 -5.52 -28.20
C THR B 384 -27.09 -4.82 -28.78
N VAL B 385 -27.48 -3.67 -28.21
CA VAL B 385 -28.64 -2.94 -28.76
C VAL B 385 -28.31 -2.30 -30.11
N ILE B 386 -27.07 -1.81 -30.23
CA ILE B 386 -26.58 -1.23 -31.49
C ILE B 386 -26.62 -2.26 -32.63
N GLU B 387 -25.96 -3.40 -32.43
CA GLU B 387 -25.96 -4.48 -33.42
C GLU B 387 -27.37 -4.89 -33.80
N ASP B 388 -28.29 -4.84 -32.84
CA ASP B 388 -29.69 -5.28 -33.05
C ASP B 388 -30.47 -4.27 -33.91
N CYS B 389 -30.32 -2.99 -33.62
CA CYS B 389 -30.98 -1.99 -34.46
C CYS B 389 -30.41 -2.02 -35.86
N ARG B 390 -29.13 -2.31 -35.98
CA ARG B 390 -28.47 -2.42 -37.28
C ARG B 390 -29.08 -3.54 -38.13
N LYS B 391 -29.31 -4.70 -37.52
CA LYS B 391 -29.92 -5.83 -38.22
C LYS B 391 -31.41 -5.61 -38.46
N ASN B 392 -32.12 -5.19 -37.42
CA ASN B 392 -33.59 -5.21 -37.42
C ASN B 392 -34.25 -3.86 -37.70
N GLY B 393 -33.48 -2.77 -37.63
CA GLY B 393 -34.03 -1.43 -37.80
C GLY B 393 -34.44 -0.81 -36.48
N ALA B 394 -34.99 0.41 -36.53
CA ALA B 394 -35.40 1.12 -35.32
C ALA B 394 -36.49 0.38 -34.54
N PHE B 395 -36.57 0.66 -33.24
CA PHE B 395 -37.65 0.16 -32.38
C PHE B 395 -38.98 0.88 -32.70
N ASP B 396 -40.09 0.15 -32.60
CA ASP B 396 -41.43 0.70 -32.86
C ASP B 396 -42.21 0.83 -31.55
N PRO B 397 -42.39 2.07 -31.05
CA PRO B 397 -43.02 2.30 -29.74
C PRO B 397 -44.51 1.94 -29.65
N THR B 398 -45.17 1.77 -30.79
CA THR B 398 -46.59 1.48 -30.78
C THR B 398 -46.85 0.03 -30.40
N THR B 399 -45.87 -0.83 -30.61
CA THR B 399 -46.03 -2.27 -30.39
C THR B 399 -45.04 -2.87 -29.41
N MET B 400 -43.90 -2.20 -29.18
CA MET B 400 -42.86 -2.79 -28.33
C MET B 400 -43.34 -3.02 -26.89
N GLY B 401 -42.78 -4.06 -26.25
CA GLY B 401 -43.08 -4.39 -24.85
C GLY B 401 -42.28 -3.52 -23.90
N THR B 402 -42.17 -3.96 -22.64
CA THR B 402 -41.52 -3.15 -21.60
C THR B 402 -40.48 -3.96 -20.82
N VAL B 403 -39.42 -3.28 -20.40
CA VAL B 403 -38.39 -3.89 -19.58
C VAL B 403 -38.26 -3.10 -18.28
N PRO B 404 -38.96 -3.56 -17.23
CA PRO B 404 -38.79 -2.94 -15.91
C PRO B 404 -37.45 -3.29 -15.29
N ASN B 405 -37.18 -2.73 -14.11
CA ASN B 405 -35.95 -3.04 -13.38
C ASN B 405 -36.16 -3.22 -11.87
N VAL B 406 -35.50 -4.26 -11.36
CA VAL B 406 -35.37 -4.51 -9.92
C VAL B 406 -33.88 -4.40 -9.61
N GLY B 407 -33.50 -3.35 -8.90
CA GLY B 407 -32.07 -3.00 -8.80
C GLY B 407 -31.50 -3.15 -7.39
N LEU B 408 -30.29 -3.72 -7.32
CA LEU B 408 -29.61 -3.89 -6.05
C LEU B 408 -28.90 -2.60 -5.65
N MET B 409 -29.31 -2.02 -4.53
CA MET B 409 -28.98 -0.63 -4.24
C MET B 409 -28.61 -0.37 -2.78
N ALA B 410 -29.29 -1.08 -1.87
CA ALA B 410 -29.30 -0.75 -0.45
C ALA B 410 -27.91 -0.66 0.17
N GLN B 411 -27.76 0.32 1.09
CA GLN B 411 -26.49 0.60 1.77
C GLN B 411 -25.35 0.84 0.81
N LYS B 412 -25.61 1.73 -0.16
CA LYS B 412 -24.64 2.13 -1.16
C LYS B 412 -23.93 0.92 -1.79
N ALA B 413 -24.71 0.05 -2.42
CA ALA B 413 -24.16 -1.23 -2.92
C ALA B 413 -23.17 -1.05 -4.07
N GLU B 414 -22.14 -1.91 -4.08
CA GLU B 414 -21.22 -2.03 -5.22
C GLU B 414 -20.48 -0.73 -5.52
N GLU B 415 -20.46 -0.30 -6.78
CA GLU B 415 -19.64 0.84 -7.21
C GLU B 415 -20.03 2.19 -6.58
N TYR B 416 -21.31 2.38 -6.29
CA TYR B 416 -21.79 3.65 -5.74
C TYR B 416 -21.45 3.84 -4.25
N GLY B 417 -20.69 2.90 -3.68
CA GLY B 417 -20.14 3.08 -2.35
C GLY B 417 -18.61 2.96 -2.35
N SER B 418 -18.00 2.95 -3.53
CA SER B 418 -16.55 2.75 -3.66
C SER B 418 -15.71 4.03 -3.61
N HIS B 419 -16.35 5.19 -3.42
CA HIS B 419 -15.67 6.47 -3.61
C HIS B 419 -14.60 6.75 -2.55
N ASP B 420 -14.83 6.25 -1.34
N ASP B 420 -14.82 6.24 -1.34
CA ASP B 420 -13.83 6.36 -0.27
CA ASP B 420 -13.83 6.36 -0.28
C ASP B 420 -12.90 5.15 -0.24
C ASP B 420 -12.88 5.15 -0.24
N LYS B 421 -12.94 4.35 -1.30
CA LYS B 421 -12.11 3.15 -1.42
C LYS B 421 -11.48 3.04 -2.81
N THR B 422 -11.29 4.18 -3.47
CA THR B 422 -10.70 4.23 -4.82
C THR B 422 -9.47 5.12 -4.74
N PHE B 423 -8.34 4.60 -5.23
CA PHE B 423 -7.08 5.30 -5.12
C PHE B 423 -6.29 5.39 -6.43
N ARG B 424 -5.78 6.58 -6.71
CA ARG B 424 -4.80 6.79 -7.74
C ARG B 424 -3.46 6.32 -7.19
N ILE B 425 -2.90 5.27 -7.79
CA ILE B 425 -1.65 4.70 -7.27
C ILE B 425 -0.46 5.55 -7.73
N GLU B 426 0.41 5.87 -6.78
CA GLU B 426 1.52 6.78 -7.05
C GLU B 426 2.84 6.05 -7.22
N ALA B 427 2.87 4.75 -6.91
CA ALA B 427 4.11 3.98 -7.01
C ALA B 427 3.88 2.48 -7.23
N ASP B 428 4.82 1.84 -7.93
CA ASP B 428 4.73 0.40 -8.22
C ASP B 428 4.82 -0.44 -6.95
N GLY B 429 4.24 -1.64 -7.01
CA GLY B 429 4.23 -2.55 -5.89
C GLY B 429 2.95 -3.36 -5.89
N VAL B 430 2.30 -3.42 -4.73
CA VAL B 430 1.09 -4.22 -4.60
C VAL B 430 0.12 -3.64 -3.60
N VAL B 431 -1.16 -3.93 -3.79
CA VAL B 431 -2.17 -3.48 -2.87
C VAL B 431 -2.81 -4.70 -2.22
N GLN B 432 -2.92 -4.66 -0.90
CA GLN B 432 -3.49 -5.76 -0.12
C GLN B 432 -4.73 -5.33 0.65
N VAL B 433 -5.73 -6.21 0.69
CA VAL B 433 -6.75 -6.16 1.73
C VAL B 433 -6.31 -7.15 2.82
N VAL B 434 -6.02 -6.65 4.00
CA VAL B 434 -5.45 -7.48 5.05
C VAL B 434 -6.45 -7.68 6.17
N SER B 435 -6.70 -8.93 6.51
CA SER B 435 -7.63 -9.24 7.58
C SER B 435 -7.12 -8.75 8.93
N SER B 436 -8.03 -8.76 9.92
CA SER B 436 -7.74 -8.35 11.29
C SER B 436 -6.65 -9.19 11.94
N ASN B 437 -6.53 -10.45 11.52
CA ASN B 437 -5.50 -11.35 12.05
C ASN B 437 -4.21 -11.31 11.24
N GLY B 438 -4.18 -10.51 10.18
CA GLY B 438 -2.98 -10.34 9.37
C GLY B 438 -3.00 -11.08 8.05
N ASP B 439 -3.98 -11.96 7.86
CA ASP B 439 -4.06 -12.71 6.62
C ASP B 439 -4.36 -11.79 5.43
N VAL B 440 -3.72 -12.07 4.30
CA VAL B 440 -3.96 -11.33 3.06
C VAL B 440 -5.07 -12.01 2.28
N LEU B 441 -6.21 -11.31 2.16
CA LEU B 441 -7.41 -11.86 1.51
C LEU B 441 -7.43 -11.61 0.00
N ILE B 442 -7.08 -10.40 -0.42
CA ILE B 442 -6.95 -10.07 -1.84
C ILE B 442 -5.65 -9.31 -2.07
N GLU B 443 -5.03 -9.51 -3.23
CA GLU B 443 -3.82 -8.76 -3.59
C GLU B 443 -3.74 -8.55 -5.10
N HIS B 444 -3.37 -7.33 -5.50
CA HIS B 444 -3.16 -7.00 -6.91
C HIS B 444 -1.81 -6.34 -7.09
N ASP B 445 -1.15 -6.65 -8.19
CA ASP B 445 0.03 -5.90 -8.62
C ASP B 445 -0.44 -4.53 -9.11
N VAL B 446 0.23 -3.47 -8.66
CA VAL B 446 -0.11 -2.12 -9.13
C VAL B 446 1.10 -1.34 -9.64
N GLU B 447 0.86 -0.55 -10.67
CA GLU B 447 1.87 0.36 -11.20
C GLU B 447 1.41 1.80 -10.97
N ALA B 448 2.37 2.71 -11.07
CA ALA B 448 2.09 4.14 -10.90
C ALA B 448 0.99 4.59 -11.84
N ASN B 449 0.05 5.37 -11.30
CA ASN B 449 -1.07 5.95 -12.04
C ASN B 449 -2.25 5.01 -12.27
N ASP B 450 -2.15 3.79 -11.78
CA ASP B 450 -3.27 2.86 -11.86
C ASP B 450 -4.38 3.31 -10.91
N ILE B 451 -5.62 2.97 -11.24
CA ILE B 451 -6.73 3.17 -10.32
C ILE B 451 -7.09 1.84 -9.66
N TRP B 452 -6.89 1.77 -8.35
CA TRP B 452 -7.32 0.64 -7.57
C TRP B 452 -8.62 0.99 -6.86
N ARG B 453 -9.55 0.04 -6.78
CA ARG B 453 -10.76 0.28 -6.01
C ARG B 453 -11.43 -0.98 -5.50
N ALA B 454 -12.11 -0.81 -4.38
CA ALA B 454 -12.75 -1.88 -3.66
C ALA B 454 -14.22 -1.58 -3.64
N CYS B 455 -15.06 -2.61 -3.74
CA CYS B 455 -16.51 -2.46 -3.62
C CYS B 455 -17.08 -3.47 -2.61
N GLN B 456 -18.22 -3.14 -2.00
CA GLN B 456 -18.91 -4.05 -1.08
C GLN B 456 -20.43 -4.07 -1.32
N VAL B 457 -21.05 -5.21 -0.99
CA VAL B 457 -22.50 -5.35 -0.93
C VAL B 457 -22.89 -6.30 0.21
N LYS B 458 -23.85 -5.90 1.03
CA LYS B 458 -24.22 -6.67 2.22
C LYS B 458 -25.20 -7.81 1.90
N ASP B 459 -25.23 -8.81 2.77
CA ASP B 459 -26.08 -9.99 2.57
C ASP B 459 -27.58 -9.68 2.68
N ALA B 460 -27.97 -8.91 3.71
CA ALA B 460 -29.41 -8.59 3.89
C ALA B 460 -30.02 -7.90 2.67
N PRO B 461 -29.32 -6.90 2.10
CA PRO B 461 -29.73 -6.28 0.82
C PRO B 461 -29.84 -7.25 -0.36
N ILE B 462 -28.85 -8.12 -0.52
CA ILE B 462 -28.96 -9.19 -1.54
C ILE B 462 -30.23 -10.02 -1.31
N GLN B 463 -30.43 -10.47 -0.08
CA GLN B 463 -31.63 -11.29 0.19
C GLN B 463 -32.91 -10.54 -0.17
N ASP B 464 -32.96 -9.25 0.12
CA ASP B 464 -34.19 -8.49 -0.13
C ASP B 464 -34.42 -8.33 -1.64
N TRP B 465 -33.32 -8.17 -2.36
CA TRP B 465 -33.32 -7.96 -3.81
C TRP B 465 -33.86 -9.20 -4.53
N VAL B 466 -33.31 -10.35 -4.17
CA VAL B 466 -33.84 -11.61 -4.68
C VAL B 466 -35.34 -11.70 -4.43
N LYS B 467 -35.76 -11.38 -3.21
CA LYS B 467 -37.19 -11.44 -2.86
C LYS B 467 -38.04 -10.49 -3.71
N LEU B 468 -37.59 -9.25 -3.84
CA LEU B 468 -38.34 -8.23 -4.59
C LEU B 468 -38.47 -8.66 -6.05
N ALA B 469 -37.45 -9.35 -6.57
CA ALA B 469 -37.50 -9.88 -7.91
C ALA B 469 -38.63 -10.90 -8.05
N VAL B 470 -38.66 -11.89 -7.16
CA VAL B 470 -39.66 -12.95 -7.26
C VAL B 470 -41.06 -12.36 -7.12
N THR B 471 -41.22 -11.41 -6.19
CA THR B 471 -42.50 -10.74 -5.99
C THR B 471 -42.98 -10.08 -7.28
N ARG B 472 -42.10 -9.30 -7.89
CA ARG B 472 -42.45 -8.56 -9.11
C ARG B 472 -42.84 -9.48 -10.27
N SER B 473 -42.05 -10.52 -10.50
CA SER B 473 -42.36 -11.51 -11.54
C SER B 473 -43.72 -12.18 -11.31
N ARG B 474 -43.96 -12.56 -10.06
CA ARG B 474 -45.21 -13.22 -9.67
C ARG B 474 -46.40 -12.29 -9.85
N LEU B 475 -46.30 -11.08 -9.31
CA LEU B 475 -47.40 -10.12 -9.41
C LEU B 475 -47.63 -9.65 -10.85
N SER B 476 -46.57 -9.50 -11.64
CA SER B 476 -46.69 -8.98 -13.00
C SER B 476 -46.95 -10.04 -14.07
N GLY B 477 -46.57 -11.28 -13.79
CA GLY B 477 -46.61 -12.34 -14.79
C GLY B 477 -45.54 -12.16 -15.85
N MET B 478 -44.53 -11.33 -15.57
CA MET B 478 -43.41 -11.18 -16.49
C MET B 478 -42.25 -12.06 -16.02
N PRO B 479 -41.56 -12.72 -16.97
CA PRO B 479 -40.33 -13.43 -16.63
C PRO B 479 -39.25 -12.47 -16.15
N ALA B 480 -38.54 -12.85 -15.08
CA ALA B 480 -37.47 -12.02 -14.55
C ALA B 480 -36.10 -12.63 -14.86
N VAL B 481 -35.16 -11.80 -15.33
CA VAL B 481 -33.83 -12.27 -15.64
C VAL B 481 -32.78 -11.58 -14.81
N PHE B 482 -31.92 -12.38 -14.18
CA PHE B 482 -30.78 -11.88 -13.45
C PHE B 482 -29.63 -11.64 -14.41
N TRP B 483 -29.18 -10.39 -14.49
CA TRP B 483 -28.07 -10.04 -15.35
C TRP B 483 -26.80 -10.21 -14.51
N LEU B 484 -26.09 -11.31 -14.74
CA LEU B 484 -24.85 -11.57 -14.01
C LEU B 484 -23.79 -12.15 -14.95
N ASP B 485 -22.63 -11.50 -14.97
CA ASP B 485 -21.54 -11.80 -15.89
C ASP B 485 -20.61 -12.90 -15.37
N PRO B 486 -20.59 -14.07 -16.04
CA PRO B 486 -19.69 -15.16 -15.67
C PRO B 486 -18.21 -14.77 -15.67
N GLU B 487 -17.86 -13.68 -16.37
CA GLU B 487 -16.48 -13.21 -16.42
C GLU B 487 -16.14 -12.23 -15.30
N ARG B 488 -17.08 -11.99 -14.39
CA ARG B 488 -16.80 -11.17 -13.21
C ARG B 488 -16.79 -11.99 -11.94
N ALA B 489 -15.70 -11.90 -11.18
CA ALA B 489 -15.61 -12.53 -9.88
C ALA B 489 -16.80 -12.08 -9.03
N HIS B 490 -17.07 -10.79 -9.02
CA HIS B 490 -18.18 -10.26 -8.24
C HIS B 490 -19.49 -10.92 -8.63
N ASP B 491 -19.75 -10.99 -9.93
CA ASP B 491 -21.01 -11.54 -10.42
C ASP B 491 -21.09 -13.05 -10.21
N ARG B 492 -19.94 -13.71 -10.12
CA ARG B 492 -19.97 -15.16 -9.87
C ARG B 492 -20.44 -15.40 -8.43
N ASN B 493 -19.90 -14.63 -7.50
CA ASN B 493 -20.33 -14.69 -6.10
C ASN B 493 -21.81 -14.32 -5.96
N LEU B 494 -22.25 -13.25 -6.62
CA LEU B 494 -23.68 -12.89 -6.60
C LEU B 494 -24.55 -14.06 -7.04
N ALA B 495 -24.08 -14.82 -8.03
CA ALA B 495 -24.86 -15.89 -8.64
C ALA B 495 -25.11 -17.09 -7.70
N SER B 496 -24.08 -17.53 -6.99
CA SER B 496 -24.27 -18.62 -6.04
C SER B 496 -25.22 -18.22 -4.92
N LEU B 497 -25.21 -16.94 -4.55
CA LEU B 497 -26.12 -16.43 -3.52
C LEU B 497 -27.55 -16.39 -4.09
N VAL B 498 -27.70 -15.86 -5.30
CA VAL B 498 -29.02 -15.83 -5.95
C VAL B 498 -29.61 -17.22 -6.10
N GLU B 499 -28.79 -18.18 -6.49
CA GLU B 499 -29.23 -19.58 -6.56
C GLU B 499 -29.66 -20.12 -5.18
N LYS B 500 -28.92 -19.75 -4.13
CA LYS B 500 -29.22 -20.18 -2.76
C LYS B 500 -30.55 -19.59 -2.27
N TYR B 501 -30.77 -18.31 -2.51
CA TYR B 501 -31.91 -17.60 -1.93
C TYR B 501 -33.22 -17.73 -2.74
N LEU B 502 -33.13 -18.09 -4.02
CA LEU B 502 -34.36 -18.37 -4.78
C LEU B 502 -35.00 -19.65 -4.24
N ALA B 503 -34.17 -20.56 -3.74
CA ALA B 503 -34.68 -21.80 -3.17
C ALA B 503 -35.56 -21.54 -1.93
N ASP B 504 -35.42 -20.37 -1.31
CA ASP B 504 -36.24 -20.04 -0.14
C ASP B 504 -37.60 -19.47 -0.54
N HIS B 505 -37.82 -19.31 -1.84
CA HIS B 505 -39.06 -18.71 -2.31
C HIS B 505 -39.87 -19.62 -3.20
N ASP B 506 -41.18 -19.40 -3.15
CA ASP B 506 -42.16 -20.04 -3.99
C ASP B 506 -42.00 -19.54 -5.43
N THR B 507 -41.17 -20.22 -6.22
CA THR B 507 -40.98 -19.86 -7.61
C THR B 507 -41.90 -20.67 -8.51
N GLU B 508 -42.69 -21.56 -7.91
CA GLU B 508 -43.56 -22.45 -8.64
C GLU B 508 -44.25 -21.73 -9.79
N GLY B 509 -43.84 -22.04 -11.01
CA GLY B 509 -44.49 -21.53 -12.19
C GLY B 509 -44.14 -20.09 -12.51
N LEU B 510 -42.91 -19.70 -12.20
CA LEU B 510 -42.37 -18.41 -12.64
C LEU B 510 -41.14 -18.69 -13.50
N ASP B 511 -41.03 -17.94 -14.60
CA ASP B 511 -39.86 -18.02 -15.49
C ASP B 511 -38.77 -17.08 -14.96
N ILE B 512 -37.78 -17.66 -14.28
CA ILE B 512 -36.66 -16.93 -13.70
C ILE B 512 -35.35 -17.52 -14.23
N GLN B 513 -34.55 -16.69 -14.91
CA GLN B 513 -33.25 -17.15 -15.41
C GLN B 513 -32.11 -16.23 -14.99
N ILE B 514 -30.88 -16.72 -15.15
CA ILE B 514 -29.67 -16.00 -14.83
C ILE B 514 -28.83 -15.98 -16.10
N LEU B 515 -28.59 -14.79 -16.65
CA LEU B 515 -27.84 -14.67 -17.90
C LEU B 515 -26.79 -13.58 -17.74
N SER B 516 -25.77 -13.62 -18.59
CA SER B 516 -24.82 -12.51 -18.68
C SER B 516 -25.52 -11.23 -19.20
N PRO B 517 -25.04 -10.05 -18.78
CA PRO B 517 -25.65 -8.82 -19.26
C PRO B 517 -25.90 -8.83 -20.77
N VAL B 518 -24.94 -9.30 -21.55
CA VAL B 518 -25.10 -9.37 -23.03
C VAL B 518 -26.22 -10.33 -23.47
N GLU B 519 -26.14 -11.58 -23.00
CA GLU B 519 -27.20 -12.56 -23.26
C GLU B 519 -28.55 -11.99 -22.85
N ALA B 520 -28.55 -11.30 -21.71
CA ALA B 520 -29.74 -10.74 -21.07
C ALA B 520 -30.36 -9.63 -21.91
N THR B 521 -29.50 -8.73 -22.39
CA THR B 521 -29.93 -7.63 -23.25
C THR B 521 -30.61 -8.17 -24.50
N GLN B 522 -29.97 -9.15 -25.14
CA GLN B 522 -30.49 -9.74 -26.38
C GLN B 522 -31.87 -10.37 -26.19
N LEU B 523 -32.01 -11.17 -25.14
CA LEU B 523 -33.27 -11.84 -24.87
C LEU B 523 -34.35 -10.79 -24.66
N SER B 524 -34.03 -9.80 -23.84
CA SER B 524 -34.97 -8.75 -23.48
C SER B 524 -35.48 -8.00 -24.71
N ILE B 525 -34.57 -7.67 -25.63
CA ILE B 525 -34.97 -6.91 -26.83
C ILE B 525 -35.53 -7.79 -27.94
N ASP B 526 -35.15 -9.07 -27.94
CA ASP B 526 -35.82 -10.05 -28.79
C ASP B 526 -37.27 -10.07 -28.39
N ARG B 527 -37.52 -10.20 -27.09
CA ARG B 527 -38.87 -10.18 -26.55
C ARG B 527 -39.54 -8.82 -26.80
N ILE B 528 -38.80 -7.73 -26.61
CA ILE B 528 -39.40 -6.40 -26.73
C ILE B 528 -39.99 -6.15 -28.13
N ARG B 529 -39.33 -6.65 -29.17
CA ARG B 529 -39.81 -6.37 -30.52
C ARG B 529 -41.06 -7.19 -30.83
N ARG B 530 -41.24 -8.29 -30.09
CA ARG B 530 -42.41 -9.14 -30.20
C ARG B 530 -43.58 -8.57 -29.39
N GLY B 531 -43.32 -7.44 -28.72
CA GLY B 531 -44.30 -6.82 -27.84
C GLY B 531 -44.40 -7.52 -26.49
N GLU B 532 -43.36 -8.26 -26.10
CA GLU B 532 -43.38 -9.03 -24.85
C GLU B 532 -42.49 -8.37 -23.83
N ASP B 533 -42.78 -8.65 -22.56
CA ASP B 533 -42.20 -7.91 -21.43
C ASP B 533 -41.18 -8.78 -20.65
N THR B 534 -40.17 -8.15 -20.05
CA THR B 534 -39.16 -8.91 -19.31
C THR B 534 -38.58 -8.05 -18.21
N ILE B 535 -38.51 -8.58 -17.00
CA ILE B 535 -37.92 -7.83 -15.90
C ILE B 535 -36.42 -8.00 -15.92
N SER B 536 -35.71 -6.88 -15.82
CA SER B 536 -34.26 -6.88 -15.59
C SER B 536 -33.98 -6.77 -14.10
N VAL B 537 -33.19 -7.70 -13.59
CA VAL B 537 -32.81 -7.72 -12.18
C VAL B 537 -31.29 -7.60 -12.15
N THR B 538 -30.80 -6.48 -11.62
CA THR B 538 -29.43 -6.06 -11.86
C THR B 538 -28.84 -5.46 -10.61
N GLY B 539 -27.51 -5.37 -10.60
CA GLY B 539 -26.81 -4.58 -9.61
C GLY B 539 -27.06 -3.10 -9.82
N ASN B 540 -26.30 -2.30 -9.07
CA ASN B 540 -26.58 -0.88 -8.86
C ASN B 540 -26.31 0.01 -10.08
N VAL B 541 -25.22 -0.27 -10.80
CA VAL B 541 -24.90 0.53 -11.97
C VAL B 541 -25.89 0.25 -13.10
N LEU B 542 -26.14 -1.03 -13.40
CA LEU B 542 -27.10 -1.37 -14.46
C LEU B 542 -28.55 -0.99 -14.11
N ARG B 543 -28.85 -0.84 -12.83
CA ARG B 543 -30.11 -0.22 -12.40
C ARG B 543 -30.16 1.23 -12.93
N ASP B 544 -29.05 1.94 -12.74
CA ASP B 544 -28.90 3.33 -13.22
C ASP B 544 -28.96 3.42 -14.76
N TYR B 545 -28.37 2.46 -15.47
CA TYR B 545 -28.29 2.50 -16.94
C TYR B 545 -29.63 2.09 -17.56
N ASN B 546 -30.17 0.95 -17.11
CA ASN B 546 -31.39 0.37 -17.68
C ASN B 546 -32.65 1.23 -17.47
N THR B 547 -32.67 1.99 -16.37
CA THR B 547 -33.81 2.83 -16.03
C THR B 547 -33.80 4.14 -16.82
N ASP B 548 -32.73 4.34 -17.61
CA ASP B 548 -32.70 5.34 -18.66
C ASP B 548 -32.90 4.70 -20.04
N LEU B 549 -32.16 3.63 -20.31
CA LEU B 549 -32.13 3.06 -21.67
C LEU B 549 -33.53 2.65 -22.16
N PHE B 550 -34.26 1.90 -21.33
CA PHE B 550 -35.52 1.31 -21.80
C PHE B 550 -36.70 2.28 -21.81
N PRO B 551 -36.78 3.16 -20.79
CA PRO B 551 -37.81 4.21 -20.85
C PRO B 551 -37.61 5.22 -21.99
N ILE B 552 -36.36 5.60 -22.28
CA ILE B 552 -36.07 6.47 -23.41
C ILE B 552 -36.48 5.85 -24.75
N LEU B 553 -36.24 4.55 -24.92
CA LEU B 553 -36.60 3.89 -26.15
C LEU B 553 -38.12 3.67 -26.20
N GLU B 554 -38.68 3.26 -25.07
CA GLU B 554 -40.12 2.97 -24.99
C GLU B 554 -41.03 4.20 -24.97
N LEU B 555 -40.56 5.27 -24.33
CA LEU B 555 -41.39 6.43 -24.03
C LEU B 555 -40.83 7.75 -24.56
N GLY B 556 -39.58 7.71 -25.00
CA GLY B 556 -38.93 8.92 -25.49
C GLY B 556 -38.41 9.77 -24.36
N THR B 557 -38.49 9.26 -23.13
CA THR B 557 -38.03 10.01 -21.94
C THR B 557 -37.87 9.08 -20.74
N SER B 558 -37.00 9.45 -19.79
CA SER B 558 -36.92 8.73 -18.51
C SER B 558 -37.42 9.57 -17.31
N ALA B 559 -38.04 10.71 -17.60
CA ALA B 559 -38.54 11.61 -16.55
C ALA B 559 -39.88 11.13 -15.98
N LYS B 560 -40.55 10.24 -16.71
CA LYS B 560 -41.86 9.74 -16.36
C LYS B 560 -41.84 8.25 -16.03
N MET B 561 -41.78 7.92 -14.73
CA MET B 561 -41.56 6.55 -14.28
C MET B 561 -42.21 6.30 -12.93
N LEU B 562 -42.60 5.05 -12.69
CA LEU B 562 -42.93 4.63 -11.34
C LEU B 562 -41.62 4.25 -10.67
N SER B 563 -41.39 4.76 -9.46
CA SER B 563 -40.19 4.43 -8.72
C SER B 563 -40.54 4.15 -7.27
N VAL B 564 -40.43 2.87 -6.88
CA VAL B 564 -40.76 2.45 -5.53
C VAL B 564 -39.54 1.81 -4.87
N VAL B 565 -39.31 2.21 -3.63
CA VAL B 565 -38.37 1.54 -2.76
C VAL B 565 -39.19 0.93 -1.62
N PRO B 566 -39.37 -0.40 -1.65
CA PRO B 566 -40.00 -1.08 -0.53
C PRO B 566 -39.00 -1.18 0.61
N LEU B 567 -39.28 -0.50 1.70
CA LEU B 567 -38.31 -0.35 2.79
C LEU B 567 -38.22 -1.64 3.61
N MET B 568 -36.99 -1.93 4.08
CA MET B 568 -36.69 -3.19 4.76
C MET B 568 -37.66 -3.49 5.90
N ALA B 569 -37.93 -2.46 6.71
CA ALA B 569 -38.80 -2.62 7.87
C ALA B 569 -40.26 -2.81 7.46
N GLY B 570 -40.54 -2.69 6.17
CA GLY B 570 -41.89 -2.92 5.66
C GLY B 570 -42.70 -1.69 5.28
N GLY B 571 -42.11 -0.50 5.38
CA GLY B 571 -42.78 0.72 4.93
C GLY B 571 -42.59 0.92 3.43
N GLY B 572 -43.00 2.09 2.92
CA GLY B 572 -42.85 2.38 1.51
C GLY B 572 -42.31 3.76 1.20
N LEU B 573 -41.39 3.83 0.23
CA LEU B 573 -40.85 5.08 -0.27
C LEU B 573 -41.22 5.21 -1.74
N PHE B 574 -41.89 6.30 -2.08
CA PHE B 574 -42.40 6.54 -3.43
C PHE B 574 -41.83 7.83 -4.02
N GLU B 575 -40.85 7.66 -4.92
CA GLU B 575 -40.10 8.77 -5.50
C GLU B 575 -40.78 9.27 -6.78
N THR B 576 -41.17 10.54 -6.78
CA THR B 576 -42.00 11.09 -7.86
C THR B 576 -41.24 11.51 -9.10
N GLY B 577 -39.92 11.55 -9.04
CA GLY B 577 -39.13 11.97 -10.20
C GLY B 577 -37.66 11.65 -10.04
N ALA B 578 -36.90 11.75 -11.14
CA ALA B 578 -35.48 11.34 -11.15
C ALA B 578 -34.51 12.48 -11.45
N GLY B 579 -35.01 13.63 -11.88
CA GLY B 579 -34.13 14.75 -12.22
C GLY B 579 -33.88 15.67 -11.04
N GLY B 580 -33.58 16.92 -11.33
CA GLY B 580 -33.39 17.93 -10.29
C GLY B 580 -34.69 18.65 -9.99
N SER B 581 -34.57 19.76 -9.24
CA SER B 581 -35.73 20.57 -8.86
C SER B 581 -36.00 21.75 -9.81
N ALA B 582 -35.37 21.74 -10.99
CA ALA B 582 -35.65 22.69 -12.06
C ALA B 582 -35.58 24.19 -11.67
N PRO B 583 -34.37 24.72 -11.43
CA PRO B 583 -34.18 26.16 -11.16
C PRO B 583 -34.78 27.09 -12.24
N LYS B 584 -34.67 26.66 -13.50
CA LYS B 584 -35.15 27.47 -14.61
C LYS B 584 -36.67 27.67 -14.60
N HIS B 585 -37.41 26.70 -14.07
CA HIS B 585 -38.87 26.84 -13.95
C HIS B 585 -39.20 27.94 -12.96
N VAL B 586 -38.47 27.93 -11.85
CA VAL B 586 -38.61 28.94 -10.81
C VAL B 586 -38.34 30.34 -11.37
N GLN B 587 -37.30 30.49 -12.18
CA GLN B 587 -37.01 31.76 -12.84
C GLN B 587 -38.21 32.24 -13.67
N GLN B 588 -38.90 31.32 -14.35
CA GLN B 588 -40.08 31.70 -15.15
C GLN B 588 -41.19 32.23 -14.25
N VAL B 589 -41.38 31.64 -13.07
CA VAL B 589 -42.38 32.15 -12.12
C VAL B 589 -42.02 33.56 -11.66
N GLN B 590 -40.77 33.74 -11.27
CA GLN B 590 -40.30 35.03 -10.81
C GLN B 590 -40.56 36.13 -11.83
N GLU B 591 -40.42 35.81 -13.11
CA GLU B 591 -40.50 36.83 -14.15
C GLU B 591 -41.88 36.99 -14.78
N GLU B 592 -42.68 35.93 -14.76
CA GLU B 592 -44.01 36.00 -15.37
C GLU B 592 -45.05 35.04 -14.77
N ASN B 593 -44.85 34.65 -13.51
CA ASN B 593 -45.81 33.83 -12.81
C ASN B 593 -46.41 32.71 -13.69
N HIS B 594 -45.55 31.97 -14.39
CA HIS B 594 -45.95 30.74 -15.06
C HIS B 594 -45.01 29.62 -14.61
N LEU B 595 -45.58 28.61 -13.96
CA LEU B 595 -44.80 27.45 -13.53
C LEU B 595 -45.08 26.29 -14.48
N ARG B 596 -44.04 25.81 -15.17
CA ARG B 596 -44.24 24.79 -16.18
C ARG B 596 -43.85 23.41 -15.70
N TRP B 597 -43.61 23.25 -14.39
CA TRP B 597 -43.29 21.96 -13.78
C TRP B 597 -44.45 20.97 -13.92
N ASP B 598 -44.13 19.75 -14.35
CA ASP B 598 -45.11 18.69 -14.57
C ASP B 598 -45.26 17.85 -13.30
N SER B 599 -46.48 17.78 -12.77
CA SER B 599 -46.71 17.05 -11.51
C SER B 599 -47.11 15.60 -11.76
N LEU B 600 -47.07 15.16 -13.02
CA LEU B 600 -47.51 13.82 -13.39
C LEU B 600 -46.95 12.73 -12.49
N GLY B 601 -45.65 12.77 -12.24
CA GLY B 601 -45.01 11.78 -11.41
C GLY B 601 -45.49 11.80 -9.97
N GLU B 602 -45.84 12.98 -9.49
CA GLU B 602 -46.46 13.12 -8.18
C GLU B 602 -47.82 12.40 -8.15
N PHE B 603 -48.64 12.60 -9.19
CA PHE B 603 -49.93 11.91 -9.29
C PHE B 603 -49.73 10.37 -9.28
N LEU B 604 -48.79 9.90 -10.08
CA LEU B 604 -48.49 8.47 -10.20
C LEU B 604 -48.02 7.89 -8.87
N ALA B 605 -47.13 8.61 -8.20
CA ALA B 605 -46.54 8.16 -6.96
C ALA B 605 -47.62 8.09 -5.88
N LEU B 606 -48.55 9.03 -5.90
CA LEU B 606 -49.62 9.05 -4.91
C LEU B 606 -50.50 7.81 -5.06
N ALA B 607 -50.92 7.51 -6.29
CA ALA B 607 -51.69 6.29 -6.53
C ALA B 607 -51.09 5.11 -5.79
N GLU B 608 -49.79 4.92 -5.96
CA GLU B 608 -49.08 3.79 -5.37
C GLU B 608 -49.02 3.88 -3.84
N SER B 609 -48.85 5.08 -3.31
CA SER B 609 -48.88 5.31 -1.87
C SER B 609 -50.22 4.90 -1.26
N PHE B 610 -51.32 5.16 -1.97
CA PHE B 610 -52.63 4.75 -1.50
C PHE B 610 -52.75 3.21 -1.48
N ARG B 611 -52.31 2.56 -2.56
CA ARG B 611 -52.36 1.09 -2.63
C ARG B 611 -51.50 0.45 -1.54
N HIS B 612 -50.46 1.14 -1.10
CA HIS B 612 -49.67 0.64 0.01
C HIS B 612 -50.54 0.52 1.25
N GLU B 613 -51.37 1.53 1.51
CA GLU B 613 -52.29 1.50 2.64
C GLU B 613 -53.38 0.45 2.45
N LEU B 614 -53.92 0.37 1.24
CA LEU B 614 -54.91 -0.65 0.92
C LEU B 614 -54.34 -2.01 1.27
N ASN B 615 -53.15 -2.29 0.75
CA ASN B 615 -52.61 -3.63 0.78
C ASN B 615 -51.96 -4.02 2.10
N ASN B 616 -51.20 -3.10 2.71
CA ASN B 616 -50.48 -3.41 3.95
C ASN B 616 -51.22 -3.06 5.23
N ASN B 617 -52.22 -2.20 5.11
CA ASN B 617 -52.96 -1.76 6.30
C ASN B 617 -54.46 -2.01 6.18
N GLY B 618 -54.88 -2.59 5.04
CA GLY B 618 -56.26 -3.04 4.86
C GLY B 618 -57.20 -1.91 4.52
N ASN B 619 -56.65 -0.79 4.04
CA ASN B 619 -57.44 0.41 3.83
C ASN B 619 -58.21 0.38 2.51
N THR B 620 -59.38 -0.26 2.54
CA THR B 620 -60.17 -0.46 1.33
C THR B 620 -60.55 0.88 0.71
N LYS B 621 -60.82 1.87 1.56
CA LYS B 621 -61.12 3.25 1.13
C LYS B 621 -59.93 3.92 0.43
N ALA B 622 -58.71 3.50 0.75
CA ALA B 622 -57.53 4.00 0.04
C ALA B 622 -57.47 3.43 -1.39
N GLY B 623 -57.91 2.19 -1.56
CA GLY B 623 -57.95 1.57 -2.88
C GLY B 623 -58.89 2.30 -3.83
N VAL B 624 -60.01 2.76 -3.31
CA VAL B 624 -61.01 3.46 -4.11
C VAL B 624 -60.52 4.85 -4.49
N LEU B 625 -59.86 5.53 -3.56
CA LEU B 625 -59.20 6.79 -3.87
C LEU B 625 -58.17 6.56 -5.00
N ALA B 626 -57.46 5.44 -4.94
CA ALA B 626 -56.40 5.14 -5.91
C ALA B 626 -57.02 4.75 -7.26
N ASP B 627 -58.09 3.96 -7.23
CA ASP B 627 -58.81 3.60 -8.45
C ASP B 627 -59.30 4.85 -9.21
N ALA B 628 -59.79 5.83 -8.45
CA ALA B 628 -60.34 7.04 -9.05
C ALA B 628 -59.20 7.94 -9.52
N LEU B 629 -58.08 7.87 -8.83
CA LEU B 629 -56.89 8.65 -9.18
C LEU B 629 -56.25 8.13 -10.47
N ASP B 630 -56.18 6.80 -10.59
CA ASP B 630 -55.69 6.14 -11.82
C ASP B 630 -56.47 6.62 -13.05
N LYS B 631 -57.79 6.62 -12.92
CA LYS B 631 -58.68 7.04 -14.00
C LYS B 631 -58.61 8.54 -14.23
N ALA B 632 -58.49 9.31 -13.14
CA ALA B 632 -58.29 10.75 -13.22
C ALA B 632 -57.02 11.10 -13.99
N THR B 633 -55.93 10.39 -13.69
CA THR B 633 -54.66 10.69 -14.33
C THR B 633 -54.66 10.31 -15.82
N GLU B 634 -55.30 9.19 -16.15
CA GLU B 634 -55.51 8.83 -17.56
C GLU B 634 -56.29 9.93 -18.28
N LYS B 635 -57.34 10.46 -17.64
CA LYS B 635 -58.13 11.52 -18.26
C LYS B 635 -57.30 12.79 -18.46
N LEU B 636 -56.42 13.09 -17.50
CA LEU B 636 -55.61 14.29 -17.61
C LEU B 636 -54.71 14.24 -18.84
N LEU B 637 -54.20 13.05 -19.17
CA LEU B 637 -53.38 12.85 -20.34
C LEU B 637 -54.21 12.99 -21.61
N ASN B 638 -55.33 12.28 -21.64
CA ASN B 638 -56.21 12.30 -22.79
C ASN B 638 -56.76 13.70 -23.12
N GLU B 639 -57.06 14.48 -22.09
CA GLU B 639 -57.64 15.81 -22.29
C GLU B 639 -56.56 16.90 -22.32
N GLU B 640 -55.30 16.49 -22.25
CA GLU B 640 -54.17 17.39 -22.42
C GLU B 640 -54.18 18.59 -21.47
N LYS B 641 -54.33 18.32 -20.18
CA LYS B 641 -54.31 19.39 -19.17
C LYS B 641 -52.97 19.45 -18.41
N SER B 642 -51.92 18.87 -18.99
CA SER B 642 -50.58 19.02 -18.45
C SER B 642 -50.13 20.45 -18.71
N PRO B 643 -49.12 20.92 -17.97
CA PRO B 643 -48.64 22.28 -18.16
C PRO B 643 -48.07 22.58 -19.56
N SER B 644 -48.41 23.75 -20.10
CA SER B 644 -47.72 24.29 -21.26
C SER B 644 -46.44 24.99 -20.78
N ARG B 645 -45.52 25.21 -21.70
CA ARG B 645 -44.29 25.94 -21.43
C ARG B 645 -44.46 27.46 -21.56
N LYS B 646 -45.57 27.90 -22.13
CA LYS B 646 -45.72 29.29 -22.54
C LYS B 646 -46.64 30.11 -21.63
N VAL B 647 -46.31 31.40 -21.48
CA VAL B 647 -47.09 32.31 -20.64
C VAL B 647 -48.49 32.44 -21.18
N GLY B 648 -49.47 32.51 -20.29
CA GLY B 648 -50.87 32.66 -20.72
C GLY B 648 -51.55 31.34 -21.07
N GLU B 649 -50.80 30.25 -21.04
CA GLU B 649 -51.38 28.93 -21.24
C GLU B 649 -51.39 28.17 -19.94
N ILE B 650 -52.14 27.07 -19.90
CA ILE B 650 -52.25 26.23 -18.70
C ILE B 650 -50.89 25.89 -18.07
N ASP B 651 -50.78 26.08 -16.75
CA ASP B 651 -49.54 25.82 -16.03
C ASP B 651 -49.78 24.80 -14.89
N ASN B 652 -48.80 24.67 -14.00
CA ASN B 652 -48.79 23.66 -12.95
C ASN B 652 -50.07 23.71 -12.12
N ARG B 653 -50.45 24.91 -11.70
CA ARG B 653 -51.64 25.07 -10.86
C ARG B 653 -52.89 24.64 -11.61
N GLY B 654 -52.97 24.97 -12.90
CA GLY B 654 -54.07 24.51 -13.73
C GLY B 654 -54.17 23.00 -13.86
N SER B 655 -53.03 22.34 -13.98
CA SER B 655 -53.04 20.89 -14.09
C SER B 655 -53.62 20.34 -12.79
N HIS B 656 -53.21 20.94 -11.67
CA HIS B 656 -53.69 20.51 -10.37
C HIS B 656 -55.21 20.69 -10.29
N PHE B 657 -55.71 21.81 -10.82
CA PHE B 657 -57.14 22.03 -10.79
C PHE B 657 -57.89 20.93 -11.52
N TRP B 658 -57.43 20.58 -12.71
CA TRP B 658 -58.18 19.62 -13.53
C TRP B 658 -58.08 18.19 -12.98
N LEU B 659 -56.91 17.84 -12.46
CA LEU B 659 -56.77 16.52 -11.83
C LEU B 659 -57.76 16.40 -10.68
N THR B 660 -57.84 17.44 -9.85
CA THR B 660 -58.76 17.46 -8.73
C THR B 660 -60.20 17.25 -9.25
N LYS B 661 -60.61 18.05 -10.22
CA LYS B 661 -61.93 17.87 -10.84
C LYS B 661 -62.15 16.44 -11.34
N PHE B 662 -61.24 15.92 -12.16
CA PHE B 662 -61.39 14.56 -12.71
C PHE B 662 -61.36 13.49 -11.61
N TRP B 663 -60.58 13.73 -10.57
CA TRP B 663 -60.52 12.82 -9.43
C TRP B 663 -61.86 12.83 -8.68
N ALA B 664 -62.35 14.03 -8.39
CA ALA B 664 -63.64 14.20 -7.73
C ALA B 664 -64.78 13.57 -8.54
N ASP B 665 -64.68 13.64 -9.86
CA ASP B 665 -65.71 13.09 -10.75
C ASP B 665 -65.80 11.58 -10.60
N GLU B 666 -64.66 10.89 -10.70
CA GLU B 666 -64.61 9.43 -10.56
C GLU B 666 -65.16 9.00 -9.21
N LEU B 667 -64.75 9.72 -8.16
CA LEU B 667 -65.18 9.40 -6.80
C LEU B 667 -66.70 9.58 -6.63
N ALA B 668 -67.27 10.53 -7.37
CA ALA B 668 -68.71 10.75 -7.35
C ALA B 668 -69.47 9.59 -8.02
N ALA B 669 -68.91 9.08 -9.11
CA ALA B 669 -69.62 8.11 -9.95
C ALA B 669 -69.48 6.67 -9.44
N GLN B 670 -68.34 6.36 -8.81
CA GLN B 670 -68.08 4.99 -8.35
C GLN B 670 -69.11 4.58 -7.30
N THR B 671 -69.33 3.27 -7.18
CA THR B 671 -70.29 2.74 -6.22
C THR B 671 -69.82 1.44 -5.53
N GLU B 672 -68.51 1.31 -5.30
CA GLU B 672 -68.00 0.24 -4.43
C GLU B 672 -68.17 0.72 -2.99
N ASP B 673 -68.09 2.04 -2.83
CA ASP B 673 -68.21 2.68 -1.54
C ASP B 673 -69.16 3.87 -1.72
N ALA B 674 -70.46 3.61 -1.59
CA ALA B 674 -71.45 4.66 -1.79
C ALA B 674 -71.24 5.82 -0.81
N ASP B 675 -70.49 5.57 0.26
CA ASP B 675 -70.23 6.59 1.29
C ASP B 675 -69.28 7.68 0.77
N LEU B 676 -68.21 7.27 0.10
CA LEU B 676 -67.32 8.22 -0.56
C LEU B 676 -68.01 8.86 -1.75
N ALA B 677 -68.97 8.14 -2.34
CA ALA B 677 -69.84 8.70 -3.37
C ALA B 677 -70.50 9.97 -2.84
N ALA B 678 -71.07 9.85 -1.64
CA ALA B 678 -71.84 10.93 -1.03
C ALA B 678 -70.98 12.13 -0.67
N THR B 679 -69.81 11.85 -0.08
CA THR B 679 -68.87 12.90 0.33
C THR B 679 -68.38 13.72 -0.86
N PHE B 680 -68.20 13.07 -2.00
CA PHE B 680 -67.64 13.71 -3.17
C PHE B 680 -68.66 14.14 -4.21
N ALA B 681 -69.94 13.86 -3.97
CA ALA B 681 -70.98 14.38 -4.87
C ALA B 681 -70.89 15.90 -4.94
N PRO B 682 -71.07 16.60 -3.81
CA PRO B 682 -71.06 18.04 -3.83
C PRO B 682 -69.70 18.65 -4.19
N VAL B 683 -68.62 17.91 -3.96
CA VAL B 683 -67.28 18.37 -4.36
C VAL B 683 -67.18 18.46 -5.88
N ALA B 684 -67.52 17.37 -6.57
CA ALA B 684 -67.47 17.33 -8.02
C ALA B 684 -68.41 18.36 -8.64
N GLU B 685 -69.56 18.55 -8.01
CA GLU B 685 -70.56 19.49 -8.49
C GLU B 685 -70.06 20.94 -8.45
N ALA B 686 -69.41 21.31 -7.34
CA ALA B 686 -68.92 22.67 -7.17
C ALA B 686 -67.74 22.94 -8.11
N LEU B 687 -66.89 21.94 -8.31
CA LEU B 687 -65.76 22.06 -9.24
C LEU B 687 -66.25 22.13 -10.68
N ASN B 688 -67.34 21.44 -10.98
CA ASN B 688 -67.92 21.50 -12.32
C ASN B 688 -68.47 22.89 -12.59
N THR B 689 -69.25 23.41 -11.66
CA THR B 689 -69.89 24.71 -11.81
C THR B 689 -68.88 25.86 -11.90
N GLY B 690 -67.74 25.71 -11.24
CA GLY B 690 -66.74 26.79 -11.20
C GLY B 690 -65.60 26.59 -12.18
N ALA B 691 -65.61 25.47 -12.90
CA ALA B 691 -64.51 25.03 -13.75
C ALA B 691 -64.00 26.10 -14.74
N ALA B 692 -64.93 26.66 -15.51
CA ALA B 692 -64.63 27.75 -16.45
C ALA B 692 -64.05 28.97 -15.75
N ASP B 693 -64.69 29.36 -14.65
CA ASP B 693 -64.22 30.47 -13.85
C ASP B 693 -62.82 30.21 -13.30
N ILE B 694 -62.65 29.06 -12.66
CA ILE B 694 -61.38 28.76 -11.99
C ILE B 694 -60.25 28.62 -13.01
N ASP B 695 -60.50 27.90 -14.11
CA ASP B 695 -59.50 27.74 -15.14
C ASP B 695 -59.00 29.10 -15.61
N ALA B 696 -59.95 30.01 -15.85
CA ALA B 696 -59.68 31.34 -16.40
C ALA B 696 -58.91 32.22 -15.41
N ALA B 697 -59.27 32.11 -14.13
CA ALA B 697 -58.59 32.86 -13.09
C ALA B 697 -57.12 32.41 -12.98
N LEU B 698 -56.88 31.11 -13.11
CA LEU B 698 -55.51 30.55 -13.07
C LEU B 698 -54.71 30.93 -14.32
N LEU B 699 -55.42 31.26 -15.40
CA LEU B 699 -54.76 31.85 -16.56
C LEU B 699 -54.49 33.34 -16.28
N ALA B 700 -55.43 34.00 -15.60
CA ALA B 700 -55.42 35.45 -15.43
C ALA B 700 -54.36 36.04 -14.48
N VAL B 701 -53.98 35.30 -13.43
CA VAL B 701 -52.97 35.83 -12.50
C VAL B 701 -51.57 35.77 -13.12
N GLN B 702 -51.46 35.14 -14.29
CA GLN B 702 -50.19 35.05 -15.01
C GLN B 702 -49.81 36.36 -15.69
N GLY B 703 -48.51 36.51 -15.96
CA GLY B 703 -48.02 37.59 -16.81
C GLY B 703 -47.00 38.55 -16.21
N GLY B 704 -46.93 38.64 -14.88
CA GLY B 704 -46.12 39.68 -14.23
C GLY B 704 -45.03 39.15 -13.32
N ALA B 705 -44.22 40.09 -12.81
CA ALA B 705 -43.16 39.75 -11.87
C ALA B 705 -43.78 39.29 -10.56
N THR B 706 -43.12 38.36 -9.91
CA THR B 706 -43.67 37.73 -8.73
C THR B 706 -42.59 37.70 -7.67
N ASP B 707 -42.97 38.02 -6.44
CA ASP B 707 -42.03 38.09 -5.33
C ASP B 707 -42.26 36.93 -4.35
N LEU B 708 -41.30 36.01 -4.31
CA LEU B 708 -41.41 34.85 -3.42
C LEU B 708 -40.88 35.17 -2.02
N GLY B 709 -40.16 36.28 -1.91
CA GLY B 709 -39.57 36.70 -0.63
C GLY B 709 -38.25 36.01 -0.37
N GLY B 710 -37.78 35.26 -1.36
CA GLY B 710 -36.55 34.51 -1.28
C GLY B 710 -36.52 33.47 -2.39
N TYR B 711 -35.50 32.61 -2.36
CA TYR B 711 -35.34 31.56 -3.35
C TYR B 711 -35.15 30.22 -2.65
N TYR B 712 -34.04 30.10 -1.94
CA TYR B 712 -33.77 28.93 -1.16
C TYR B 712 -34.63 28.95 0.10
N SER B 713 -34.99 30.15 0.55
CA SER B 713 -35.71 30.33 1.80
C SER B 713 -36.92 31.25 1.62
N PRO B 714 -37.83 30.90 0.71
CA PRO B 714 -38.96 31.78 0.41
C PRO B 714 -39.84 32.03 1.63
N ASN B 715 -40.65 33.08 1.56
CA ASN B 715 -41.64 33.38 2.59
C ASN B 715 -42.88 32.48 2.50
N GLU B 716 -43.31 31.95 3.66
CA GLU B 716 -44.49 31.08 3.74
C GLU B 716 -45.73 31.68 3.13
N GLU B 717 -46.20 32.79 3.70
CA GLU B 717 -47.45 33.37 3.24
C GLU B 717 -47.43 33.75 1.76
N LYS B 718 -46.28 34.20 1.26
CA LYS B 718 -46.19 34.64 -0.13
C LYS B 718 -46.39 33.46 -1.08
N LEU B 719 -45.69 32.36 -0.79
CA LEU B 719 -45.81 31.15 -1.60
C LEU B 719 -47.25 30.65 -1.59
N THR B 720 -47.81 30.58 -0.39
CA THR B 720 -49.19 30.14 -0.24
C THR B 720 -50.10 30.99 -1.13
N ASN B 721 -49.96 32.30 -1.06
CA ASN B 721 -50.85 33.20 -1.83
C ASN B 721 -50.60 33.15 -3.32
N ILE B 722 -49.34 32.95 -3.72
CA ILE B 722 -48.99 32.77 -5.13
C ILE B 722 -49.53 31.46 -5.69
N MET B 723 -49.39 30.39 -4.91
CA MET B 723 -49.71 29.04 -5.40
C MET B 723 -51.17 28.63 -5.18
N ARG B 724 -51.87 29.30 -4.28
CA ARG B 724 -53.30 29.07 -4.11
C ARG B 724 -54.08 30.39 -4.18
N PRO B 725 -54.06 31.05 -5.36
CA PRO B 725 -54.60 32.40 -5.52
C PRO B 725 -56.11 32.51 -5.75
N VAL B 726 -56.71 31.47 -6.33
CA VAL B 726 -58.15 31.47 -6.65
C VAL B 726 -58.98 31.06 -5.43
N ALA B 727 -59.71 32.02 -4.87
CA ALA B 727 -60.47 31.79 -3.65
C ALA B 727 -61.67 30.87 -3.88
N GLN B 728 -62.23 30.91 -5.07
CA GLN B 728 -63.36 30.02 -5.39
C GLN B 728 -62.92 28.57 -5.32
N PHE B 729 -61.71 28.31 -5.80
CA PHE B 729 -61.14 26.96 -5.79
C PHE B 729 -60.72 26.54 -4.39
N ASN B 730 -60.00 27.42 -3.70
CA ASN B 730 -59.58 27.18 -2.32
C ASN B 730 -60.75 26.78 -1.42
N GLU B 731 -61.80 27.58 -1.41
CA GLU B 731 -62.96 27.34 -0.53
C GLU B 731 -63.55 25.93 -0.67
N ILE B 732 -63.53 25.37 -1.88
CA ILE B 732 -64.04 24.00 -2.09
C ILE B 732 -63.13 22.96 -1.43
N VAL B 733 -61.82 23.11 -1.63
CA VAL B 733 -60.84 22.24 -0.99
C VAL B 733 -60.91 22.41 0.53
N ASP B 734 -60.99 23.65 1.01
CA ASP B 734 -61.15 23.96 2.44
C ASP B 734 -62.44 23.36 3.02
N ALA B 735 -63.53 23.42 2.25
CA ALA B 735 -64.81 22.86 2.69
C ALA B 735 -64.76 21.35 2.82
N LEU B 736 -63.88 20.71 2.05
CA LEU B 736 -63.72 19.25 2.08
C LEU B 736 -62.75 18.82 3.16
MG MG C . 29.41 -7.70 15.77
PA NAP D . 32.17 0.71 4.70
O1A NAP D . 33.06 -0.32 4.10
O2A NAP D . 32.23 0.65 6.18
O5B NAP D . 32.54 2.21 4.17
C5B NAP D . 33.41 2.49 3.08
C4B NAP D . 34.50 3.44 3.55
O4B NAP D . 35.16 2.88 4.67
C3B NAP D . 35.62 3.72 2.54
O3B NAP D . 35.34 4.77 1.64
C2B NAP D . 36.81 4.03 3.44
O2B NAP D . 36.81 5.34 3.99
C1B NAP D . 36.56 3.04 4.56
N9A NAP D . 37.22 1.76 4.24
C8A NAP D . 36.63 0.53 4.10
N7A NAP D . 37.61 -0.38 3.80
C5A NAP D . 38.80 0.24 3.78
C6A NAP D . 40.09 -0.21 3.55
N6A NAP D . 40.39 -1.48 3.30
N1A NAP D . 41.10 0.71 3.57
C2A NAP D . 40.89 2.05 3.85
N3A NAP D . 39.60 2.49 4.10
C4A NAP D . 38.57 1.60 4.05
O3 NAP D . 30.67 0.41 4.18
PN NAP D . 30.00 -0.91 3.53
O1N NAP D . 28.43 -0.71 3.84
O2N NAP D . 30.17 -0.87 2.06
O5D NAP D . 30.47 -2.08 4.32
P2B NAP D . 37.55 6.63 3.36
O1X NAP D . 37.72 7.67 4.42
O2X NAP D . 36.66 7.15 2.26
O3X NAP D . 38.92 6.31 2.79
MG MG E . -29.40 6.50 -14.84
#